data_4ORY
#
_entry.id   4ORY
#
_cell.length_a   67.378
_cell.length_b   67.378
_cell.length_c   287.673
_cell.angle_alpha   90.00
_cell.angle_beta   90.00
_cell.angle_gamma   90.00
#
_symmetry.space_group_name_H-M   'P 41'
#
loop_
_entity.id
_entity.type
_entity.pdbx_description
1 polymer 'Prostaglandin-H2 D-isomerase'
2 non-polymer 2,5,8,11,14,17,20,23,26,29,32,35,38,41,44,47,50,53,56,59,62,65,68,71,74,77,80-HEPTACOSAOXADOOCTACONTAN-82-OL
3 water water
#
_entity_poly.entity_id   1
_entity_poly.type   'polypeptide(L)'
_entity_poly.pdbx_seq_one_letter_code
;MATHHTLWMGLALLGVLGDLQAAPEAQVSVQPNFQQDKFLGRWFSAGLASNSSWLREKAAALSMAKSVVAPATDGGLNLT
STFLRKNQCETRTMLLQPAGSLGSYSYRSPHWGSTYSVSVVETDYDQYALLYSQGSKGPGEDFRMATLYSRTQTPRAELK
EKFTAFCKAQGFTEDTIVFLPQTDKCMTEQ
;
_entity_poly.pdbx_strand_id   A,B,C,D,E,F,G,H
#
loop_
_chem_comp.id
_chem_comp.type
_chem_comp.name
_chem_comp.formula
PEU non-polymer 2,5,8,11,14,17,20,23,26,29,32,35,38,41,44,47,50,53,56,59,62,65,68,71,74,77,80-HEPTACOSAOXADOOCTACONTAN-82-OL 'C55 H112 O28'
#
# COMPACT_ATOMS: atom_id res chain seq x y z
N SER A 29 11.96 9.06 20.38
CA SER A 29 13.28 8.82 19.78
C SER A 29 13.23 7.72 18.73
N VAL A 30 13.34 8.08 17.46
CA VAL A 30 13.30 7.10 16.37
C VAL A 30 14.53 7.17 15.48
N GLN A 31 14.74 6.08 14.74
CA GLN A 31 15.75 6.02 13.71
C GLN A 31 15.48 7.16 12.74
N PRO A 32 16.48 8.03 12.54
CA PRO A 32 16.35 9.11 11.55
C PRO A 32 16.07 8.57 10.14
N ASN A 33 15.18 9.23 9.42
CA ASN A 33 14.85 8.86 8.02
C ASN A 33 14.43 7.38 7.89
N PHE A 34 13.58 6.92 8.78
CA PHE A 34 13.22 5.50 8.84
C PHE A 34 12.55 5.05 7.55
N GLN A 35 13.02 3.94 7.01
CA GLN A 35 12.45 3.40 5.79
C GLN A 35 11.79 2.09 6.15
N GLN A 36 10.46 2.12 6.25
CA GLN A 36 9.68 0.93 6.63
C GLN A 36 9.90 -0.29 5.74
N ASP A 37 9.97 -0.09 4.42
CA ASP A 37 10.14 -1.22 3.52
C ASP A 37 11.41 -2.02 3.80
N LYS A 38 12.46 -1.35 4.27
CA LYS A 38 13.72 -2.02 4.55
C LYS A 38 13.70 -2.76 5.88
N PHE A 39 12.72 -2.43 6.71
CA PHE A 39 12.56 -3.04 8.04
C PHE A 39 11.77 -4.35 7.94
N LEU A 40 11.14 -4.59 6.80
CA LEU A 40 10.32 -5.80 6.65
C LEU A 40 11.14 -7.08 6.60
N GLY A 41 10.45 -8.21 6.76
CA GLY A 41 11.06 -9.50 6.52
C GLY A 41 11.32 -10.28 7.79
N ARG A 42 12.32 -11.15 7.72
CA ARG A 42 12.60 -12.03 8.86
C ARG A 42 13.57 -11.42 9.87
N TRP A 43 13.19 -11.50 11.14
CA TRP A 43 14.03 -11.06 12.24
C TRP A 43 14.02 -12.11 13.34
N PHE A 44 14.95 -12.00 14.27
CA PHE A 44 14.99 -12.90 15.40
C PHE A 44 14.94 -12.07 16.67
N SER A 45 14.11 -12.50 17.62
CA SER A 45 13.97 -11.82 18.89
C SER A 45 15.09 -12.31 19.80
N ALA A 46 16.18 -11.56 19.86
CA ALA A 46 17.42 -12.08 20.44
C ALA A 46 17.65 -11.66 21.88
N GLY A 47 17.10 -10.51 22.26
CA GLY A 47 17.21 -10.08 23.63
C GLY A 47 16.08 -9.17 24.03
N LEU A 48 15.84 -9.06 25.32
CA LEU A 48 14.90 -8.07 25.79
C LEU A 48 15.27 -7.59 27.17
N ALA A 49 14.76 -6.41 27.51
CA ALA A 49 14.89 -5.90 28.87
C ALA A 49 13.53 -5.33 29.18
N SER A 50 12.98 -5.65 30.35
CA SER A 50 11.69 -5.10 30.68
C SER A 50 11.58 -4.80 32.15
N ASN A 51 10.59 -4.00 32.52
CA ASN A 51 10.30 -3.79 33.93
C ASN A 51 9.19 -4.71 34.42
N SER A 52 8.86 -5.71 33.59
CA SER A 52 7.95 -6.75 34.03
C SER A 52 8.72 -8.00 34.40
N SER A 53 8.76 -8.34 35.69
CA SER A 53 9.47 -9.53 36.12
C SER A 53 8.73 -10.76 35.58
N TRP A 54 7.41 -10.66 35.54
CA TRP A 54 6.57 -11.72 34.99
C TRP A 54 6.93 -12.02 33.53
N LEU A 55 7.05 -10.95 32.72
CA LEU A 55 7.39 -11.13 31.32
C LEU A 55 8.79 -11.69 31.10
N ARG A 56 9.77 -11.23 31.88
CA ARG A 56 11.13 -11.74 31.72
C ARG A 56 11.19 -13.22 32.04
N GLU A 57 10.41 -13.63 33.04
CA GLU A 57 10.37 -15.03 33.46
C GLU A 57 9.77 -15.91 32.38
N LYS A 58 8.60 -15.52 31.88
CA LYS A 58 7.94 -16.25 30.79
C LYS A 58 8.84 -16.40 29.57
N ALA A 59 9.36 -15.29 29.07
CA ALA A 59 10.18 -15.28 27.86
C ALA A 59 11.39 -16.20 27.96
N ALA A 60 12.11 -16.11 29.08
CA ALA A 60 13.31 -16.93 29.28
C ALA A 60 13.00 -18.44 29.35
N ALA A 61 11.73 -18.78 29.64
CA ALA A 61 11.32 -20.18 29.73
C ALA A 61 10.81 -20.69 28.38
N LEU A 62 10.93 -19.86 27.35
CA LEU A 62 10.52 -20.22 26.00
C LEU A 62 11.72 -20.29 25.07
N SER A 63 11.53 -20.89 23.90
CA SER A 63 12.54 -20.85 22.86
C SER A 63 11.99 -20.10 21.67
N MET A 64 12.75 -19.13 21.18
CA MET A 64 12.28 -18.24 20.12
C MET A 64 12.67 -18.73 18.74
N ALA A 65 11.72 -18.64 17.82
CA ALA A 65 11.97 -18.90 16.41
C ALA A 65 11.90 -17.55 15.71
N LYS A 66 11.76 -17.56 14.40
CA LYS A 66 11.75 -16.30 13.65
C LYS A 66 10.55 -15.42 14.01
N SER A 67 10.73 -14.12 13.86
CA SER A 67 9.62 -13.18 13.78
C SER A 67 9.51 -12.73 12.33
N VAL A 68 8.32 -12.41 11.88
CA VAL A 68 8.15 -11.90 10.52
C VAL A 68 7.41 -10.55 10.57
N VAL A 69 8.03 -9.54 9.97
CA VAL A 69 7.40 -8.22 9.87
C VAL A 69 6.84 -8.09 8.47
N ALA A 70 5.52 -7.90 8.36
CA ALA A 70 4.86 -7.84 7.06
C ALA A 70 3.95 -6.62 7.01
N PRO A 71 3.63 -6.14 5.80
CA PRO A 71 2.77 -4.96 5.70
C PRO A 71 1.34 -5.27 6.10
N ALA A 72 0.67 -4.32 6.74
CA ALA A 72 -0.77 -4.42 6.94
C ALA A 72 -1.42 -3.27 6.17
N THR A 73 -2.74 -3.15 6.26
CA THR A 73 -3.44 -2.06 5.58
C THR A 73 -3.12 -0.70 6.22
N ASP A 74 -3.37 0.37 5.47
CA ASP A 74 -3.17 1.74 5.94
C ASP A 74 -1.81 1.98 6.58
N GLY A 75 -0.77 1.42 5.96
CA GLY A 75 0.58 1.66 6.40
C GLY A 75 0.99 0.98 7.69
N GLY A 76 0.16 0.05 8.16
CA GLY A 76 0.48 -0.68 9.36
C GLY A 76 1.49 -1.79 9.14
N LEU A 77 1.87 -2.47 10.22
CA LEU A 77 2.75 -3.63 10.14
C LEU A 77 2.10 -4.77 10.88
N ASN A 78 2.18 -5.96 10.31
CA ASN A 78 1.83 -7.19 11.02
C ASN A 78 3.11 -7.86 11.51
N LEU A 79 3.23 -8.02 12.82
CA LEU A 79 4.40 -8.61 13.45
C LEU A 79 4.00 -9.99 13.93
N THR A 80 4.59 -11.02 13.35
CA THR A 80 4.23 -12.39 13.68
C THR A 80 5.40 -13.08 14.38
N SER A 81 5.22 -13.43 15.64
CA SER A 81 6.27 -14.08 16.43
C SER A 81 6.01 -15.58 16.52
N THR A 82 7.03 -16.37 16.21
CA THR A 82 6.94 -17.83 16.36
C THR A 82 7.88 -18.27 17.48
N PHE A 83 7.44 -19.25 18.26
CA PHE A 83 8.20 -19.68 19.42
C PHE A 83 7.83 -21.10 19.81
N LEU A 84 8.69 -21.74 20.60
CA LEU A 84 8.47 -23.10 21.05
C LEU A 84 7.99 -23.09 22.51
N ARG A 85 6.78 -23.59 22.75
CA ARG A 85 6.24 -23.70 24.10
C ARG A 85 5.84 -25.14 24.39
N LYS A 86 6.54 -25.77 25.34
CA LYS A 86 6.37 -27.18 25.64
C LYS A 86 6.43 -28.00 24.36
N ASN A 87 7.55 -27.87 23.64
CA ASN A 87 7.74 -28.49 22.32
C ASN A 87 6.54 -28.43 21.37
N GLN A 88 5.75 -27.37 21.50
CA GLN A 88 4.69 -27.05 20.56
C GLN A 88 5.04 -25.74 19.87
N CYS A 89 5.07 -25.74 18.54
CA CYS A 89 5.29 -24.52 17.78
C CYS A 89 4.05 -23.65 17.81
N GLU A 90 4.20 -22.41 18.26
CA GLU A 90 3.07 -21.50 18.35
C GLU A 90 3.43 -20.14 17.78
N THR A 91 2.38 -19.34 17.52
CA THR A 91 2.56 -18.05 16.87
C THR A 91 1.64 -17.00 17.46
N ARG A 92 2.11 -15.75 17.50
CA ARG A 92 1.28 -14.63 17.90
C ARG A 92 1.48 -13.54 16.86
N THR A 93 0.41 -12.80 16.56
CA THR A 93 0.52 -11.70 15.60
C THR A 93 0.06 -10.42 16.27
N MET A 94 0.79 -9.35 16.03
CA MET A 94 0.43 -8.05 16.57
C MET A 94 0.20 -7.10 15.41
N LEU A 95 -0.85 -6.31 15.48
CA LEU A 95 -1.10 -5.26 14.49
C LEU A 95 -0.53 -3.95 15.00
N LEU A 96 0.46 -3.40 14.28
CA LEU A 96 1.06 -2.12 14.65
C LEU A 96 0.57 -1.05 13.69
N GLN A 97 -0.01 0.03 14.21
CA GLN A 97 -0.39 1.14 13.34
C GLN A 97 0.62 2.25 13.46
N PRO A 98 0.91 2.92 12.34
CA PRO A 98 1.80 4.09 12.41
C PRO A 98 1.22 5.10 13.39
N ALA A 99 2.08 5.68 14.21
CA ALA A 99 1.65 6.70 15.19
C ALA A 99 2.85 7.54 15.62
N GLY A 100 2.76 8.85 15.41
CA GLY A 100 3.86 9.74 15.69
C GLY A 100 4.88 9.78 14.58
N SER A 101 6.16 9.91 14.93
CA SER A 101 7.23 9.98 13.95
C SER A 101 7.41 8.69 13.16
N LEU A 102 7.96 8.83 11.96
CA LEU A 102 8.34 7.71 11.10
C LEU A 102 9.21 6.75 11.93
N GLY A 103 8.77 5.49 12.05
CA GLY A 103 9.49 4.51 12.84
C GLY A 103 8.79 4.18 14.14
N SER A 104 7.73 4.93 14.44
CA SER A 104 6.93 4.69 15.65
C SER A 104 5.56 4.17 15.31
N TYR A 105 5.04 3.33 16.18
CA TYR A 105 3.80 2.61 15.93
C TYR A 105 3.00 2.54 17.20
N SER A 106 1.71 2.24 17.07
CA SER A 106 0.94 1.95 18.26
C SER A 106 0.33 0.55 18.16
N TYR A 107 0.25 -0.12 19.29
CA TYR A 107 -0.30 -1.47 19.35
C TYR A 107 -1.44 -1.50 20.36
N ARG A 108 -2.66 -1.81 19.90
CA ARG A 108 -3.79 -2.02 20.81
C ARG A 108 -3.84 -3.49 21.23
N SER A 109 -3.57 -3.76 22.50
CA SER A 109 -3.63 -5.13 23.00
C SER A 109 -5.01 -5.47 23.59
N PRO A 110 -5.74 -6.41 22.97
CA PRO A 110 -7.05 -6.81 23.52
C PRO A 110 -6.90 -7.45 24.87
N HIS A 111 -5.89 -8.30 25.01
CA HIS A 111 -5.70 -9.05 26.23
C HIS A 111 -5.38 -8.17 27.43
N TRP A 112 -4.60 -7.11 27.20
CA TRP A 112 -4.19 -6.24 28.30
C TRP A 112 -5.06 -4.99 28.39
N GLY A 113 -5.97 -4.82 27.43
CA GLY A 113 -6.86 -3.67 27.41
C GLY A 113 -6.10 -2.36 27.41
N SER A 114 -4.93 -2.38 26.78
CA SER A 114 -4.01 -1.28 26.85
C SER A 114 -3.46 -0.98 25.48
N THR A 115 -2.95 0.24 25.31
CA THR A 115 -2.23 0.59 24.10
C THR A 115 -0.76 0.85 24.42
N TYR A 116 0.11 0.43 23.52
CA TYR A 116 1.56 0.53 23.70
C TYR A 116 2.20 1.22 22.51
N SER A 117 3.16 2.09 22.75
CA SER A 117 3.91 2.64 21.63
C SER A 117 5.12 1.78 21.38
N VAL A 118 5.39 1.50 20.12
CA VAL A 118 6.57 0.74 19.75
C VAL A 118 7.39 1.54 18.75
N SER A 119 8.67 1.78 19.06
CA SER A 119 9.52 2.55 18.18
C SER A 119 10.76 1.79 17.77
N VAL A 120 11.13 1.92 16.51
CA VAL A 120 12.42 1.43 16.06
C VAL A 120 13.38 2.58 16.33
N VAL A 121 14.22 2.43 17.35
CA VAL A 121 15.05 3.53 17.79
C VAL A 121 16.32 3.63 16.95
N GLU A 122 16.81 2.48 16.54
CA GLU A 122 18.08 2.44 15.82
C GLU A 122 18.11 1.16 14.99
N THR A 123 18.31 1.29 13.70
CA THR A 123 18.47 0.11 12.87
C THR A 123 19.36 0.38 11.68
N ASP A 124 20.07 -0.64 11.22
CA ASP A 124 20.83 -0.52 9.99
C ASP A 124 20.15 -1.36 8.93
N TYR A 125 18.98 -1.90 9.28
CA TYR A 125 18.12 -2.67 8.38
C TYR A 125 18.65 -4.07 8.05
N ASP A 126 19.95 -4.16 7.84
CA ASP A 126 20.57 -5.39 7.34
C ASP A 126 21.06 -6.33 8.44
N GLN A 127 21.18 -5.84 9.66
CA GLN A 127 21.80 -6.63 10.74
C GLN A 127 21.00 -6.61 12.03
N TYR A 128 20.50 -5.43 12.39
CA TYR A 128 19.86 -5.29 13.69
C TYR A 128 18.86 -4.15 13.74
N ALA A 129 17.98 -4.24 14.71
CA ALA A 129 17.12 -3.12 15.06
C ALA A 129 17.01 -3.11 16.56
N LEU A 130 17.13 -1.93 17.16
CA LEU A 130 16.84 -1.76 18.59
C LEU A 130 15.47 -1.13 18.73
N LEU A 131 14.57 -1.80 19.43
CA LEU A 131 13.21 -1.31 19.60
C LEU A 131 13.00 -0.85 21.03
N TYR A 132 12.11 0.14 21.20
CA TYR A 132 11.68 0.53 22.53
C TYR A 132 10.17 0.62 22.57
N SER A 133 9.58 -0.05 23.55
CA SER A 133 8.13 -0.07 23.73
C SER A 133 7.75 0.40 25.12
N GLN A 134 6.67 1.17 25.20
CA GLN A 134 6.13 1.45 26.51
C GLN A 134 4.64 1.72 26.45
N GLY A 135 3.95 1.52 27.56
CA GLY A 135 2.53 1.73 27.61
C GLY A 135 2.19 3.19 27.33
N SER A 136 1.06 3.42 26.67
CA SER A 136 0.64 4.79 26.44
C SER A 136 -0.76 5.03 26.98
N LYS A 137 -1.55 3.96 27.10
CA LYS A 137 -2.91 4.08 27.61
C LYS A 137 -3.37 2.76 28.22
N GLY A 138 -4.16 2.85 29.29
CA GLY A 138 -4.63 1.65 29.95
C GLY A 138 -3.72 1.17 31.07
N PRO A 139 -4.08 0.04 31.70
CA PRO A 139 -3.37 -0.53 32.85
C PRO A 139 -1.89 -0.78 32.55
N GLY A 140 -1.55 -1.05 31.29
CA GLY A 140 -0.18 -1.33 30.89
C GLY A 140 0.67 -0.08 30.66
N GLU A 141 0.13 1.08 31.00
CA GLU A 141 0.80 2.36 30.80
C GLU A 141 2.24 2.41 31.30
N ASP A 142 2.50 1.71 32.41
CA ASP A 142 3.82 1.73 33.03
C ASP A 142 4.82 0.74 32.39
N PHE A 143 4.31 -0.21 31.61
CA PHE A 143 5.17 -1.20 30.96
C PHE A 143 6.25 -0.54 30.11
N ARG A 144 7.47 -1.06 30.20
CA ARG A 144 8.59 -0.57 29.39
C ARG A 144 9.40 -1.77 28.91
N MET A 145 9.79 -1.76 27.64
CA MET A 145 10.59 -2.88 27.13
C MET A 145 11.58 -2.43 26.08
N ALA A 146 12.81 -2.94 26.19
CA ALA A 146 13.78 -2.81 25.12
C ALA A 146 13.92 -4.15 24.39
N THR A 147 14.01 -4.12 23.06
CA THR A 147 14.07 -5.34 22.26
C THR A 147 15.24 -5.28 21.29
N LEU A 148 16.01 -6.37 21.20
CA LEU A 148 17.03 -6.51 20.18
C LEU A 148 16.49 -7.43 19.10
N TYR A 149 16.25 -6.88 17.92
CA TYR A 149 15.94 -7.71 16.77
C TYR A 149 17.22 -7.91 15.98
N SER A 150 17.48 -9.15 15.58
CA SER A 150 18.68 -9.47 14.82
C SER A 150 18.30 -10.21 13.55
N ARG A 151 19.00 -9.93 12.46
CA ARG A 151 18.74 -10.63 11.21
C ARG A 151 19.29 -12.05 11.30
N THR A 152 20.30 -12.25 12.16
CA THR A 152 20.85 -13.57 12.46
C THR A 152 20.25 -14.09 13.76
N GLN A 153 20.08 -15.40 13.89
CA GLN A 153 19.48 -15.94 15.11
C GLN A 153 20.42 -15.82 16.32
N THR A 154 21.72 -15.82 16.06
CA THR A 154 22.70 -15.60 17.12
C THR A 154 23.48 -14.33 16.79
N PRO A 155 23.20 -13.24 17.53
CA PRO A 155 23.85 -11.96 17.27
C PRO A 155 25.31 -11.94 17.73
N ARG A 156 26.18 -11.27 16.99
CA ARG A 156 27.60 -11.13 17.35
C ARG A 156 27.78 -10.52 18.73
N ALA A 157 28.99 -10.67 19.27
CA ALA A 157 29.38 -10.06 20.54
C ALA A 157 29.14 -8.56 20.55
N GLU A 158 29.61 -7.85 19.52
CA GLU A 158 29.44 -6.40 19.48
C GLU A 158 27.96 -5.99 19.42
N LEU A 159 27.13 -6.77 18.75
CA LEU A 159 25.70 -6.49 18.75
C LEU A 159 25.09 -6.71 20.14
N LYS A 160 25.53 -7.75 20.83
CA LYS A 160 25.04 -7.96 22.18
C LYS A 160 25.44 -6.81 23.09
N GLU A 161 26.66 -6.31 22.93
CA GLU A 161 27.12 -5.18 23.75
C GLU A 161 26.36 -3.90 23.41
N LYS A 162 26.10 -3.69 22.13
CA LYS A 162 25.30 -2.55 21.67
C LYS A 162 23.91 -2.57 22.31
N PHE A 163 23.31 -3.75 22.42
CA PHE A 163 22.01 -3.87 23.04
C PHE A 163 22.07 -3.57 24.54
N THR A 164 23.09 -4.09 25.21
CA THR A 164 23.20 -3.91 26.66
C THR A 164 23.35 -2.42 27.01
N ALA A 165 24.16 -1.73 26.21
CA ALA A 165 24.38 -0.31 26.40
C ALA A 165 23.12 0.50 26.11
N PHE A 166 22.36 0.05 25.12
CA PHE A 166 21.07 0.66 24.80
C PHE A 166 20.09 0.49 25.97
N CYS A 167 20.03 -0.72 26.51
CA CYS A 167 19.15 -0.97 27.66
C CYS A 167 19.49 -0.06 28.84
N LYS A 168 20.79 0.18 29.05
CA LYS A 168 21.23 0.99 30.18
C LYS A 168 20.90 2.48 29.98
N ALA A 169 20.94 2.93 28.73
CA ALA A 169 20.58 4.31 28.41
C ALA A 169 19.07 4.49 28.43
N GLN A 170 18.34 3.38 28.39
CA GLN A 170 16.90 3.43 28.53
C GLN A 170 16.51 3.16 29.98
N GLY A 171 17.51 3.09 30.86
CA GLY A 171 17.25 2.98 32.29
C GLY A 171 16.94 1.58 32.81
N PHE A 172 17.37 0.55 32.07
CA PHE A 172 17.25 -0.81 32.55
C PHE A 172 18.54 -1.22 33.24
N THR A 173 18.40 -1.75 34.46
CA THR A 173 19.54 -2.31 35.18
C THR A 173 19.95 -3.59 34.49
N GLU A 174 21.21 -3.98 34.67
CA GLU A 174 21.77 -5.13 33.96
C GLU A 174 21.02 -6.43 34.25
N ASP A 175 20.48 -6.58 35.46
CA ASP A 175 19.78 -7.83 35.78
C ASP A 175 18.35 -7.91 35.25
N THR A 176 17.94 -6.92 34.47
CA THR A 176 16.64 -6.99 33.80
C THR A 176 16.82 -7.21 32.29
N ILE A 177 18.05 -7.46 31.87
CA ILE A 177 18.34 -7.75 30.47
C ILE A 177 18.44 -9.25 30.26
N VAL A 178 17.71 -9.78 29.28
CA VAL A 178 17.70 -11.21 29.02
C VAL A 178 18.02 -11.48 27.56
N PHE A 179 19.02 -12.32 27.30
CA PHE A 179 19.22 -12.81 25.94
C PHE A 179 18.45 -14.12 25.79
N LEU A 180 17.51 -14.14 24.86
CA LEU A 180 16.47 -15.17 24.79
C LEU A 180 16.95 -16.45 24.13
N PRO A 181 16.51 -17.60 24.65
CA PRO A 181 16.85 -18.91 24.08
C PRO A 181 16.26 -19.02 22.69
N GLN A 182 16.96 -19.70 21.79
CA GLN A 182 16.54 -19.80 20.40
C GLN A 182 16.34 -21.24 20.05
N THR A 183 15.49 -21.51 19.05
CA THR A 183 15.34 -22.86 18.53
C THR A 183 15.33 -22.86 17.01
N ASP A 184 15.65 -24.01 16.41
CA ASP A 184 15.51 -24.17 14.97
C ASP A 184 14.38 -25.16 14.64
N LYS A 185 13.53 -25.42 15.64
CA LYS A 185 12.53 -26.48 15.58
C LYS A 185 11.14 -26.07 15.06
N CYS A 186 11.00 -24.83 14.60
CA CYS A 186 9.69 -24.37 14.13
C CYS A 186 9.86 -23.62 12.82
N MET A 187 10.80 -24.07 12.00
CA MET A 187 11.23 -23.31 10.83
C MET A 187 10.89 -23.98 9.51
N SER B 29 5.06 -7.82 56.50
CA SER B 29 5.03 -6.96 57.69
C SER B 29 3.60 -6.72 58.17
N VAL B 30 3.23 -7.36 59.29
CA VAL B 30 1.87 -7.24 59.80
C VAL B 30 1.82 -6.65 61.21
N GLN B 31 0.76 -5.89 61.50
CA GLN B 31 0.54 -5.30 62.81
C GLN B 31 0.62 -6.35 63.90
N PRO B 32 1.49 -6.13 64.89
CA PRO B 32 1.59 -7.04 66.04
C PRO B 32 0.26 -7.15 66.78
N ASN B 33 -0.17 -8.37 67.06
CA ASN B 33 -1.40 -8.61 67.81
C ASN B 33 -2.64 -8.03 67.15
N PHE B 34 -2.65 -8.01 65.81
CA PHE B 34 -3.78 -7.53 65.03
C PHE B 34 -5.09 -8.20 65.43
N GLN B 35 -6.12 -7.37 65.60
CA GLN B 35 -7.46 -7.86 65.94
C GLN B 35 -8.43 -7.49 64.84
N GLN B 36 -8.87 -8.47 64.07
CA GLN B 36 -9.70 -8.21 62.89
C GLN B 36 -10.98 -7.46 63.26
N ASP B 37 -11.50 -7.74 64.45
CA ASP B 37 -12.72 -7.08 64.91
C ASP B 37 -12.56 -5.57 65.11
N LYS B 38 -11.41 -5.12 65.60
CA LYS B 38 -11.20 -3.69 65.82
C LYS B 38 -10.85 -2.98 64.51
N PHE B 39 -10.62 -3.76 63.46
CA PHE B 39 -10.32 -3.20 62.14
C PHE B 39 -11.58 -2.99 61.31
N LEU B 40 -12.67 -3.65 61.69
CA LEU B 40 -13.93 -3.53 60.94
C LEU B 40 -14.52 -2.12 61.00
N GLY B 41 -15.52 -1.88 60.15
CA GLY B 41 -16.25 -0.62 60.23
C GLY B 41 -15.91 0.37 59.14
N ARG B 42 -16.18 1.64 59.40
CA ARG B 42 -16.04 2.69 58.40
C ARG B 42 -14.63 3.27 58.35
N TRP B 43 -14.09 3.39 57.13
CA TRP B 43 -12.75 3.91 56.90
C TRP B 43 -12.74 4.90 55.73
N PHE B 44 -11.70 5.72 55.66
CA PHE B 44 -11.56 6.66 54.55
C PHE B 44 -10.24 6.51 53.80
N SER B 45 -10.35 6.42 52.48
CA SER B 45 -9.19 6.29 51.61
C SER B 45 -8.47 7.63 51.51
N ALA B 46 -7.44 7.81 52.32
CA ALA B 46 -6.82 9.12 52.45
C ALA B 46 -5.58 9.33 51.58
N GLY B 47 -4.67 8.36 51.56
CA GLY B 47 -3.42 8.54 50.85
C GLY B 47 -2.85 7.24 50.31
N LEU B 48 -2.36 7.28 49.08
CA LEU B 48 -1.72 6.11 48.52
C LEU B 48 -0.39 6.40 47.86
N ALA B 49 0.36 5.33 47.65
CA ALA B 49 1.63 5.34 46.93
C ALA B 49 1.63 4.06 46.10
N SER B 50 1.92 4.18 44.82
CA SER B 50 1.88 3.01 43.94
C SER B 50 2.80 3.18 42.74
N ASN B 51 2.90 2.13 41.93
CA ASN B 51 3.63 2.22 40.68
C ASN B 51 2.79 2.00 39.42
N SER B 52 1.51 1.69 39.59
CA SER B 52 0.60 1.83 38.49
C SER B 52 0.44 3.33 38.31
N SER B 53 0.63 3.82 37.09
CA SER B 53 0.35 5.20 36.80
C SER B 53 -1.12 5.24 36.42
N TRP B 54 -1.58 4.17 35.78
CA TRP B 54 -2.98 4.03 35.38
C TRP B 54 -3.93 4.10 36.59
N LEU B 55 -3.73 3.20 37.55
CA LEU B 55 -4.27 3.43 38.88
C LEU B 55 -3.34 4.52 39.36
N ARG B 56 -3.78 5.35 40.30
CA ARG B 56 -3.06 6.54 40.79
C ARG B 56 -3.44 7.80 40.01
N GLU B 57 -3.54 7.69 38.69
CA GLU B 57 -4.10 8.76 37.88
C GLU B 57 -5.62 8.71 37.92
N LYS B 58 -6.18 7.54 37.57
CA LYS B 58 -7.63 7.39 37.52
C LYS B 58 -8.22 7.28 38.93
N ALA B 59 -7.36 7.20 39.93
CA ALA B 59 -7.78 7.24 41.33
C ALA B 59 -7.75 8.68 41.83
N ALA B 60 -6.85 9.48 41.29
CA ALA B 60 -6.77 10.91 41.63
C ALA B 60 -7.91 11.69 40.99
N ALA B 61 -8.55 11.09 40.01
CA ALA B 61 -9.68 11.71 39.32
C ALA B 61 -11.01 11.37 39.99
N LEU B 62 -11.02 10.29 40.75
CA LEU B 62 -12.20 9.91 41.52
C LEU B 62 -12.29 10.73 42.80
N SER B 63 -13.51 10.95 43.28
CA SER B 63 -13.69 11.47 44.63
C SER B 63 -14.15 10.34 45.50
N MET B 64 -13.40 10.08 46.57
CA MET B 64 -13.64 8.91 47.38
C MET B 64 -14.53 9.21 48.56
N ALA B 65 -15.60 8.43 48.68
CA ALA B 65 -16.40 8.45 49.88
C ALA B 65 -15.78 7.48 50.89
N LYS B 66 -16.61 6.94 51.77
CA LYS B 66 -16.13 6.04 52.81
C LYS B 66 -15.79 4.65 52.27
N SER B 67 -15.01 3.90 53.04
CA SER B 67 -14.77 2.51 52.74
C SER B 67 -15.36 1.71 53.89
N VAL B 68 -15.83 0.49 53.61
CA VAL B 68 -16.36 -0.35 54.69
C VAL B 68 -15.82 -1.78 54.66
N VAL B 69 -15.36 -2.22 55.82
CA VAL B 69 -14.81 -3.55 55.97
C VAL B 69 -15.88 -4.43 56.62
N ALA B 70 -16.30 -5.48 55.91
CA ALA B 70 -17.24 -6.45 56.44
C ALA B 70 -16.49 -7.74 56.67
N PRO B 71 -17.06 -8.65 57.48
CA PRO B 71 -16.46 -9.98 57.53
C PRO B 71 -17.05 -10.86 56.44
N ALA B 72 -16.22 -11.54 55.66
CA ALA B 72 -16.70 -12.44 54.63
C ALA B 72 -17.02 -13.81 55.21
N THR B 73 -17.55 -14.69 54.36
CA THR B 73 -18.01 -16.01 54.79
C THR B 73 -16.83 -16.97 54.96
N ASP B 74 -15.73 -16.66 54.28
CA ASP B 74 -14.52 -17.49 54.34
C ASP B 74 -13.58 -17.12 55.48
N GLY B 75 -14.01 -16.19 56.33
CA GLY B 75 -13.21 -15.81 57.49
C GLY B 75 -12.36 -14.58 57.24
N GLY B 76 -12.28 -14.19 55.97
CA GLY B 76 -11.54 -13.00 55.59
C GLY B 76 -12.42 -11.76 55.58
N LEU B 77 -12.09 -10.82 54.70
CA LEU B 77 -12.77 -9.53 54.71
C LEU B 77 -13.42 -9.16 53.38
N ASN B 78 -14.44 -8.32 53.47
CA ASN B 78 -14.95 -7.62 52.30
C ASN B 78 -14.61 -6.15 52.43
N LEU B 79 -13.84 -5.64 51.48
CA LEU B 79 -13.54 -4.24 51.42
C LEU B 79 -14.49 -3.66 50.40
N THR B 80 -15.31 -2.70 50.81
CA THR B 80 -16.18 -2.00 49.88
C THR B 80 -15.86 -0.52 49.82
N SER B 81 -15.45 -0.07 48.64
CA SER B 81 -15.10 1.32 48.42
C SER B 81 -16.25 2.01 47.69
N THR B 82 -16.67 3.15 48.21
CA THR B 82 -17.67 3.98 47.56
C THR B 82 -16.98 5.24 47.08
N PHE B 83 -17.36 5.70 45.89
CA PHE B 83 -16.67 6.84 45.28
C PHE B 83 -17.49 7.54 44.21
N LEU B 84 -17.11 8.78 43.93
CA LEU B 84 -17.79 9.55 42.91
C LEU B 84 -17.06 9.41 41.59
N ARG B 85 -17.68 8.70 40.64
CA ARG B 85 -17.18 8.62 39.27
C ARG B 85 -18.21 9.29 38.34
N LYS B 86 -17.72 10.09 37.39
CA LYS B 86 -18.58 10.90 36.50
C LYS B 86 -19.79 11.51 37.21
N ASN B 87 -19.55 12.09 38.39
CA ASN B 87 -20.57 12.71 39.23
C ASN B 87 -21.67 11.71 39.64
N GLN B 88 -21.27 10.45 39.71
CA GLN B 88 -22.16 9.34 40.07
C GLN B 88 -21.48 8.55 41.18
N CYS B 89 -22.17 8.22 42.26
CA CYS B 89 -21.55 7.34 43.24
C CYS B 89 -21.59 5.89 42.73
N GLU B 90 -20.45 5.22 42.86
CA GLU B 90 -20.36 3.81 42.53
C GLU B 90 -19.67 3.03 43.65
N THR B 91 -19.79 1.70 43.60
CA THR B 91 -19.25 0.83 44.64
C THR B 91 -18.33 -0.23 44.08
N ARG B 92 -17.20 -0.47 44.73
CA ARG B 92 -16.34 -1.62 44.40
C ARG B 92 -16.31 -2.50 45.63
N THR B 93 -16.23 -3.82 45.44
CA THR B 93 -15.98 -4.72 46.57
C THR B 93 -14.93 -5.79 46.27
N MET B 94 -13.90 -5.83 47.12
CA MET B 94 -12.82 -6.80 46.99
C MET B 94 -12.95 -7.86 48.08
N LEU B 95 -12.83 -9.12 47.71
CA LEU B 95 -12.74 -10.21 48.68
C LEU B 95 -11.30 -10.45 49.09
N LEU B 96 -11.02 -10.22 50.37
CA LEU B 96 -9.70 -10.47 50.94
C LEU B 96 -9.74 -11.80 51.69
N GLN B 97 -9.13 -12.83 51.11
CA GLN B 97 -9.06 -14.15 51.75
C GLN B 97 -7.90 -14.18 52.75
N PRO B 98 -8.09 -14.88 53.88
CA PRO B 98 -7.01 -14.91 54.88
C PRO B 98 -5.80 -15.61 54.27
N ALA B 99 -4.60 -15.11 54.60
CA ALA B 99 -3.38 -15.73 54.06
C ALA B 99 -2.38 -16.03 55.17
N GLY B 100 -2.76 -16.95 56.06
CA GLY B 100 -1.91 -17.28 57.17
C GLY B 100 -2.04 -16.28 58.30
N SER B 101 -1.01 -15.47 58.49
CA SER B 101 -0.93 -14.53 59.60
C SER B 101 -2.12 -13.59 59.64
N LEU B 102 -2.70 -13.43 60.83
CA LEU B 102 -3.87 -12.57 60.98
C LEU B 102 -3.51 -11.12 60.65
N GLY B 103 -4.24 -10.55 59.70
CA GLY B 103 -3.92 -9.23 59.18
C GLY B 103 -3.31 -9.30 57.79
N SER B 104 -2.91 -10.50 57.38
CA SER B 104 -2.43 -10.70 56.01
C SER B 104 -3.55 -11.34 55.20
N TYR B 105 -3.67 -10.94 53.94
CA TYR B 105 -4.76 -11.42 53.09
C TYR B 105 -4.28 -11.70 51.68
N SER B 106 -5.10 -12.44 50.94
CA SER B 106 -4.82 -12.69 49.52
C SER B 106 -6.00 -12.17 48.69
N TYR B 107 -5.68 -11.47 47.59
CA TYR B 107 -6.72 -11.01 46.67
C TYR B 107 -6.47 -11.53 45.25
N ARG B 108 -7.44 -12.23 44.69
CA ARG B 108 -7.27 -12.79 43.34
C ARG B 108 -8.26 -12.22 42.33
N SER B 109 -7.72 -11.78 41.20
CA SER B 109 -8.53 -11.22 40.12
C SER B 109 -8.63 -12.19 38.95
N PRO B 110 -9.85 -12.65 38.64
CA PRO B 110 -9.99 -13.43 37.41
C PRO B 110 -9.76 -12.50 36.24
N HIS B 111 -10.16 -11.25 36.46
CA HIS B 111 -10.05 -10.15 35.51
C HIS B 111 -8.60 -9.84 35.14
N TRP B 112 -7.77 -9.62 36.15
CA TRP B 112 -6.37 -9.26 35.96
C TRP B 112 -5.45 -10.49 35.85
N GLY B 113 -5.96 -11.66 36.22
CA GLY B 113 -5.20 -12.89 36.12
C GLY B 113 -4.02 -12.98 37.09
N SER B 114 -4.12 -12.24 38.19
CA SER B 114 -3.02 -12.14 39.15
C SER B 114 -3.49 -12.29 40.59
N THR B 115 -2.55 -12.54 41.49
CA THR B 115 -2.83 -12.60 42.92
C THR B 115 -1.95 -11.59 43.65
N TYR B 116 -2.54 -10.93 44.65
CA TYR B 116 -1.86 -9.88 45.38
C TYR B 116 -1.93 -10.20 46.87
N SER B 117 -0.86 -9.87 47.60
CA SER B 117 -0.89 -9.97 49.06
C SER B 117 -1.23 -8.60 49.59
N VAL B 118 -2.20 -8.54 50.48
CA VAL B 118 -2.62 -7.30 51.13
C VAL B 118 -2.42 -7.48 52.62
N SER B 119 -1.69 -6.57 53.24
CA SER B 119 -1.45 -6.68 54.68
C SER B 119 -1.75 -5.37 55.40
N VAL B 120 -2.22 -5.48 56.63
CA VAL B 120 -2.34 -4.32 57.50
C VAL B 120 -1.04 -4.21 58.28
N VAL B 121 -0.21 -3.24 57.90
CA VAL B 121 1.16 -3.15 58.38
C VAL B 121 1.22 -2.48 59.75
N GLU B 122 0.38 -1.48 59.93
CA GLU B 122 0.37 -0.70 61.16
C GLU B 122 -0.99 -0.01 61.29
N THR B 123 -1.53 0.01 62.49
CA THR B 123 -2.82 0.63 62.75
C THR B 123 -3.09 0.72 64.25
N ASP B 124 -3.69 1.82 64.69
CA ASP B 124 -4.11 1.91 66.09
C ASP B 124 -5.61 1.64 66.21
N TYR B 125 -6.21 1.19 65.11
CA TYR B 125 -7.65 0.92 65.00
C TYR B 125 -8.51 2.17 65.21
N ASP B 126 -8.02 3.09 66.02
CA ASP B 126 -8.82 4.24 66.43
C ASP B 126 -8.61 5.49 65.58
N GLN B 127 -7.50 5.59 64.86
CA GLN B 127 -7.28 6.74 64.00
C GLN B 127 -6.87 6.36 62.57
N TYR B 128 -5.88 5.47 62.45
CA TYR B 128 -5.33 5.20 61.12
C TYR B 128 -5.08 3.72 60.83
N ALA B 129 -4.72 3.43 59.60
CA ALA B 129 -4.35 2.08 59.20
C ALA B 129 -3.51 2.18 57.94
N LEU B 130 -2.30 1.64 58.01
CA LEU B 130 -1.42 1.62 56.86
C LEU B 130 -1.40 0.23 56.25
N LEU B 131 -1.80 0.13 54.98
CA LEU B 131 -1.80 -1.16 54.29
C LEU B 131 -0.70 -1.19 53.24
N TYR B 132 -0.12 -2.37 53.03
CA TYR B 132 0.87 -2.55 51.97
C TYR B 132 0.45 -3.72 51.10
N SER B 133 0.41 -3.51 49.80
CA SER B 133 -0.07 -4.52 48.87
C SER B 133 0.94 -4.70 47.76
N GLN B 134 1.21 -5.95 47.41
CA GLN B 134 2.11 -6.21 46.30
C GLN B 134 1.68 -7.45 45.54
N GLY B 135 1.98 -7.45 44.24
CA GLY B 135 1.68 -8.62 43.44
C GLY B 135 2.47 -9.79 43.95
N SER B 136 1.91 -10.98 43.81
CA SER B 136 2.60 -12.20 44.20
C SER B 136 2.75 -13.14 43.02
N LYS B 137 1.66 -13.32 42.26
CA LYS B 137 1.66 -14.20 41.09
C LYS B 137 0.98 -13.51 39.92
N GLY B 138 1.36 -13.88 38.70
CA GLY B 138 0.77 -13.28 37.52
C GLY B 138 1.44 -11.99 37.09
N PRO B 139 0.96 -11.39 36.00
CA PRO B 139 1.52 -10.16 35.44
C PRO B 139 1.60 -9.01 36.44
N GLY B 140 0.70 -8.98 37.42
CA GLY B 140 0.72 -7.91 38.38
C GLY B 140 1.71 -8.11 39.51
N GLU B 141 2.65 -9.05 39.36
CA GLU B 141 3.55 -9.38 40.46
C GLU B 141 4.58 -8.29 40.79
N ASP B 142 4.71 -7.32 39.88
CA ASP B 142 5.58 -6.19 40.11
C ASP B 142 4.85 -5.06 40.84
N PHE B 143 3.53 -5.17 40.90
CA PHE B 143 2.65 -4.12 41.46
C PHE B 143 2.96 -3.91 42.94
N ARG B 144 3.07 -2.65 43.35
CA ARG B 144 3.30 -2.30 44.74
C ARG B 144 2.38 -1.15 45.09
N MET B 145 1.74 -1.22 46.26
CA MET B 145 0.90 -0.12 46.69
C MET B 145 0.83 -0.01 48.21
N ALA B 146 0.85 1.23 48.70
CA ALA B 146 0.57 1.50 50.09
C ALA B 146 -0.72 2.29 50.16
N THR B 147 -1.51 2.06 51.20
CA THR B 147 -2.78 2.75 51.37
C THR B 147 -2.80 3.37 52.77
N LEU B 148 -3.12 4.65 52.84
CA LEU B 148 -3.42 5.27 54.13
C LEU B 148 -4.91 5.21 54.34
N TYR B 149 -5.34 4.49 55.37
CA TYR B 149 -6.72 4.53 55.81
C TYR B 149 -6.82 5.36 57.08
N SER B 150 -7.82 6.23 57.12
CA SER B 150 -8.00 7.13 58.24
C SER B 150 -9.43 7.04 58.73
N ARG B 151 -9.61 7.07 60.05
CA ARG B 151 -10.94 7.02 60.63
C ARG B 151 -11.74 8.28 60.31
N THR B 152 -11.05 9.40 60.11
CA THR B 152 -11.72 10.63 59.68
C THR B 152 -11.36 10.97 58.25
N GLN B 153 -12.26 11.67 57.57
CA GLN B 153 -12.09 11.89 56.14
C GLN B 153 -10.92 12.82 55.81
N THR B 154 -10.56 13.70 56.75
CA THR B 154 -9.46 14.63 56.52
C THR B 154 -8.35 14.54 57.57
N PRO B 155 -7.43 13.57 57.41
CA PRO B 155 -6.25 13.34 58.25
C PRO B 155 -5.48 14.61 58.59
N ARG B 156 -5.08 14.78 59.85
CA ARG B 156 -4.26 15.93 60.22
C ARG B 156 -2.83 15.78 59.66
N ALA B 157 -2.09 16.88 59.65
CA ALA B 157 -0.72 16.89 59.12
C ALA B 157 0.13 15.79 59.74
N GLU B 158 -0.10 15.51 61.02
CA GLU B 158 0.58 14.44 61.73
C GLU B 158 0.44 13.11 61.00
N LEU B 159 -0.79 12.78 60.59
CA LEU B 159 -1.07 11.51 59.94
C LEU B 159 -0.42 11.42 58.56
N LYS B 160 -0.62 12.45 57.76
CA LYS B 160 -0.04 12.51 56.42
C LYS B 160 1.49 12.51 56.48
N GLU B 161 2.04 13.25 57.44
CA GLU B 161 3.50 13.28 57.61
C GLU B 161 4.04 11.94 58.10
N LYS B 162 3.21 11.19 58.80
CA LYS B 162 3.58 9.85 59.24
C LYS B 162 3.38 8.85 58.10
N PHE B 163 2.43 9.12 57.21
CA PHE B 163 2.25 8.28 56.03
C PHE B 163 3.42 8.44 55.07
N THR B 164 3.88 9.68 54.91
CA THR B 164 4.99 9.98 54.02
C THR B 164 6.29 9.32 54.51
N ALA B 165 6.44 9.23 55.83
CA ALA B 165 7.61 8.57 56.41
C ALA B 165 7.53 7.06 56.24
N PHE B 166 6.32 6.55 56.09
CA PHE B 166 6.09 5.15 55.80
C PHE B 166 6.63 4.87 54.40
N CYS B 167 6.01 5.50 53.42
CA CYS B 167 6.33 5.29 52.01
C CYS B 167 7.79 5.55 51.67
N LYS B 168 8.31 6.71 52.07
CA LYS B 168 9.73 7.04 51.87
C LYS B 168 10.63 5.90 52.39
N ALA B 169 10.14 5.17 53.39
CA ALA B 169 10.84 4.03 53.95
C ALA B 169 10.33 2.69 53.40
N GLN B 170 9.33 2.74 52.53
CA GLN B 170 8.90 1.55 51.80
C GLN B 170 9.53 1.59 50.41
N GLY B 171 10.44 2.53 50.22
CA GLY B 171 11.13 2.68 48.95
C GLY B 171 10.53 3.75 48.07
N PHE B 172 9.21 3.95 48.18
CA PHE B 172 8.45 4.86 47.33
C PHE B 172 9.02 6.28 47.24
N THR B 173 8.60 7.02 46.22
CA THR B 173 9.01 8.42 46.08
C THR B 173 7.81 9.37 45.96
N GLU B 174 8.11 10.66 46.01
CA GLU B 174 7.09 11.68 46.26
C GLU B 174 6.19 12.02 45.08
N ASP B 175 6.56 11.61 43.88
CA ASP B 175 5.65 11.70 42.75
C ASP B 175 4.80 10.44 42.66
N THR B 176 5.09 9.47 43.52
CA THR B 176 4.27 8.26 43.63
C THR B 176 3.32 8.34 44.83
N ILE B 177 3.53 9.34 45.69
CA ILE B 177 2.64 9.60 46.82
C ILE B 177 1.49 10.50 46.43
N VAL B 178 0.26 10.03 46.58
CA VAL B 178 -0.90 10.88 46.34
C VAL B 178 -1.88 10.88 47.50
N PHE B 179 -2.40 12.06 47.82
CA PHE B 179 -3.51 12.15 48.75
C PHE B 179 -4.79 12.28 47.93
N LEU B 180 -5.72 11.37 48.18
CA LEU B 180 -6.91 11.25 47.36
C LEU B 180 -7.92 12.31 47.73
N PRO B 181 -8.53 12.94 46.72
CA PRO B 181 -9.64 13.82 47.01
C PRO B 181 -10.78 13.04 47.66
N GLN B 182 -11.54 13.71 48.53
CA GLN B 182 -12.64 13.09 49.25
C GLN B 182 -13.93 13.79 48.84
N THR B 183 -15.05 13.07 48.88
CA THR B 183 -16.34 13.68 48.60
C THR B 183 -17.27 13.54 49.79
N ASP B 184 -18.22 14.45 49.93
CA ASP B 184 -19.22 14.34 50.99
C ASP B 184 -20.47 13.63 50.49
N LYS B 185 -20.48 13.32 49.19
CA LYS B 185 -21.61 12.66 48.55
C LYS B 185 -21.60 11.14 48.75
N CYS B 186 -22.69 10.50 48.34
CA CYS B 186 -22.73 9.04 48.17
C CYS B 186 -22.72 8.15 49.42
N MET B 187 -22.79 8.75 50.61
CA MET B 187 -22.80 7.93 51.83
C MET B 187 -23.91 8.27 52.83
N THR B 188 -25.10 7.77 52.53
CA THR B 188 -26.27 7.93 53.40
C THR B 188 -26.10 7.15 54.71
N GLU B 189 -26.50 7.78 55.82
CA GLU B 189 -26.37 7.14 57.13
C GLU B 189 -27.47 6.11 57.39
N SER C 29 15.56 41.51 2.44
CA SER C 29 15.07 40.25 3.00
C SER C 29 14.43 39.37 1.94
N VAL C 30 14.72 39.67 0.67
CA VAL C 30 14.50 38.72 -0.42
C VAL C 30 15.82 38.55 -1.16
N GLN C 31 15.94 37.49 -1.93
CA GLN C 31 17.09 37.32 -2.80
C GLN C 31 17.20 38.52 -3.73
N PRO C 32 18.35 39.22 -3.71
CA PRO C 32 18.53 40.37 -4.60
C PRO C 32 18.46 39.95 -6.06
N ASN C 33 17.78 40.74 -6.90
CA ASN C 33 17.64 40.42 -8.32
C ASN C 33 17.02 39.04 -8.53
N PHE C 34 16.01 38.72 -7.72
CA PHE C 34 15.34 37.43 -7.82
C PHE C 34 14.81 37.21 -9.24
N GLN C 35 15.14 36.06 -9.80
CA GLN C 35 14.67 35.71 -11.13
C GLN C 35 13.74 34.51 -11.01
N GLN C 36 12.44 34.77 -11.06
CA GLN C 36 11.44 33.74 -10.77
C GLN C 36 11.48 32.58 -11.75
N ASP C 37 11.79 32.88 -13.01
CA ASP C 37 11.90 31.83 -14.03
C ASP C 37 12.91 30.74 -13.67
N LYS C 38 13.97 31.11 -12.97
CA LYS C 38 15.02 30.14 -12.64
C LYS C 38 14.73 29.39 -11.33
N PHE C 39 13.65 29.78 -10.65
CA PHE C 39 13.27 29.16 -9.39
C PHE C 39 12.24 28.05 -9.64
N LEU C 40 11.82 27.93 -10.90
CA LEU C 40 10.84 26.94 -11.30
C LEU C 40 11.41 25.53 -11.30
N GLY C 41 10.53 24.54 -11.26
CA GLY C 41 10.94 23.15 -11.44
C GLY C 41 10.91 22.32 -10.18
N ARG C 42 11.67 21.23 -10.18
CA ARG C 42 11.65 20.28 -9.09
C ARG C 42 12.62 20.65 -7.98
N TRP C 43 12.11 20.63 -6.75
CA TRP C 43 12.91 20.87 -5.55
C TRP C 43 12.65 19.74 -4.58
N PHE C 44 13.51 19.56 -3.58
CA PHE C 44 13.23 18.62 -2.51
C PHE C 44 13.23 19.36 -1.18
N SER C 45 12.19 19.12 -0.38
CA SER C 45 12.10 19.74 0.93
C SER C 45 13.08 19.01 1.83
N ALA C 46 14.19 19.66 2.16
CA ALA C 46 15.27 18.96 2.85
C ALA C 46 15.36 19.27 4.35
N GLY C 47 15.01 20.49 4.73
CA GLY C 47 14.99 20.83 6.13
C GLY C 47 13.98 21.91 6.46
N LEU C 48 13.60 22.00 7.73
CA LEU C 48 12.80 23.14 8.19
C LEU C 48 13.10 23.51 9.63
N ALA C 49 12.85 24.78 9.94
CA ALA C 49 12.87 25.27 11.31
C ALA C 49 11.56 26.01 11.51
N SER C 50 10.90 25.77 12.65
CA SER C 50 9.62 26.41 12.92
C SER C 50 9.41 26.60 14.42
N ASN C 51 8.62 27.60 14.79
CA ASN C 51 8.22 27.77 16.18
C ASN C 51 7.00 26.92 16.52
N SER C 52 6.45 26.26 15.51
CA SER C 52 5.33 25.34 15.70
C SER C 52 5.83 23.94 15.98
N SER C 53 5.71 23.50 17.24
CA SER C 53 6.15 22.18 17.65
C SER C 53 5.26 21.11 17.05
N TRP C 54 4.07 21.51 16.63
CA TRP C 54 3.14 20.60 15.97
C TRP C 54 3.57 20.36 14.53
N LEU C 55 4.07 21.40 13.88
CA LEU C 55 4.57 21.25 12.51
C LEU C 55 5.82 20.39 12.48
N ARG C 56 6.76 20.65 13.39
CA ARG C 56 8.03 19.93 13.42
C ARG C 56 7.81 18.43 13.62
N GLU C 57 6.85 18.09 14.47
CA GLU C 57 6.53 16.70 14.75
C GLU C 57 5.78 16.06 13.60
N LYS C 58 4.84 16.79 13.01
CA LYS C 58 4.10 16.31 11.86
C LYS C 58 5.04 16.08 10.68
N ALA C 59 5.99 16.99 10.50
CA ALA C 59 6.96 16.88 9.42
C ALA C 59 7.87 15.67 9.59
N ALA C 60 8.03 15.21 10.84
CA ALA C 60 8.89 14.07 11.14
C ALA C 60 8.17 12.74 10.95
N ALA C 61 6.88 12.80 10.61
CA ALA C 61 6.11 11.61 10.30
C ALA C 61 5.99 11.45 8.80
N LEU C 62 6.34 12.51 8.08
CA LEU C 62 6.13 12.57 6.64
C LEU C 62 7.41 12.35 5.87
N SER C 63 7.46 11.31 5.05
CA SER C 63 8.63 11.10 4.20
C SER C 63 8.45 11.90 2.91
N MET C 64 9.36 12.83 2.64
CA MET C 64 9.21 13.77 1.53
C MET C 64 9.69 13.18 0.21
N ALA C 65 8.85 13.30 -0.81
CA ALA C 65 9.19 12.81 -2.14
C ALA C 65 9.86 13.91 -2.94
N LYS C 66 9.06 14.83 -3.46
CA LYS C 66 9.52 15.92 -4.31
C LYS C 66 8.56 17.10 -4.20
N SER C 67 9.03 18.29 -4.53
CA SER C 67 8.18 19.47 -4.58
C SER C 67 8.34 20.08 -5.95
N VAL C 68 7.25 20.60 -6.50
CA VAL C 68 7.30 21.20 -7.83
C VAL C 68 6.86 22.66 -7.74
N VAL C 69 7.69 23.57 -8.24
CA VAL C 69 7.31 24.97 -8.34
C VAL C 69 6.92 25.21 -9.79
N ALA C 70 5.70 25.72 -10.01
CA ALA C 70 5.19 25.94 -11.37
C ALA C 70 4.51 27.30 -11.47
N PRO C 71 4.50 27.90 -12.67
CA PRO C 71 3.83 29.21 -12.80
C PRO C 71 2.34 29.10 -12.50
N ALA C 72 1.77 30.11 -11.83
CA ALA C 72 0.35 30.14 -11.57
C ALA C 72 -0.29 31.29 -12.34
N THR C 73 -1.62 31.34 -12.35
CA THR C 73 -2.35 32.44 -12.98
C THR C 73 -1.90 33.77 -12.39
N ASP C 74 -1.79 34.79 -13.24
CA ASP C 74 -1.48 36.14 -12.78
C ASP C 74 -0.14 36.30 -12.03
N GLY C 75 0.91 35.72 -12.58
CA GLY C 75 2.27 35.97 -12.08
C GLY C 75 2.67 35.24 -10.81
N GLY C 76 1.89 34.24 -10.43
CA GLY C 76 2.14 33.55 -9.18
C GLY C 76 2.81 32.21 -9.33
N LEU C 77 3.10 31.57 -8.20
CA LEU C 77 3.68 30.23 -8.18
C LEU C 77 2.68 29.23 -7.60
N ASN C 78 2.57 28.06 -8.22
CA ASN C 78 1.94 26.92 -7.56
C ASN C 78 3.01 26.02 -6.98
N LEU C 79 2.93 25.78 -5.67
CA LEU C 79 3.90 24.94 -4.99
C LEU C 79 3.25 23.61 -4.64
N THR C 80 3.64 22.55 -5.35
CA THR C 80 3.02 21.24 -5.17
C THR C 80 3.97 20.34 -4.41
N SER C 81 3.53 19.86 -3.24
CA SER C 81 4.35 19.00 -2.39
C SER C 81 3.81 17.57 -2.36
N THR C 82 4.69 16.61 -2.62
CA THR C 82 4.32 15.20 -2.64
C THR C 82 5.08 14.49 -1.53
N PHE C 83 4.38 13.67 -0.75
CA PHE C 83 4.99 12.99 0.39
C PHE C 83 4.28 11.70 0.77
N LEU C 84 4.92 10.94 1.65
CA LEU C 84 4.35 9.71 2.16
C LEU C 84 3.75 10.00 3.54
N ARG C 85 2.48 9.66 3.71
CA ARG C 85 1.88 9.71 5.04
C ARG C 85 1.21 8.36 5.31
N LYS C 86 1.61 7.72 6.41
CA LYS C 86 1.21 6.34 6.69
C LYS C 86 1.39 5.46 5.46
N ASN C 87 2.59 5.49 4.89
CA ASN C 87 2.96 4.62 3.76
C ASN C 87 2.09 4.79 2.52
N GLN C 88 1.40 5.93 2.41
CA GLN C 88 0.65 6.21 1.19
C GLN C 88 0.96 7.59 0.62
N CYS C 89 1.11 7.66 -0.70
CA CYS C 89 1.44 8.91 -1.36
C CYS C 89 0.33 9.95 -1.25
N GLU C 90 0.73 11.20 -1.07
CA GLU C 90 -0.22 12.27 -0.87
C GLU C 90 0.36 13.53 -1.50
N THR C 91 -0.50 14.41 -1.98
CA THR C 91 -0.05 15.60 -2.69
C THR C 91 -0.83 16.83 -2.23
N ARG C 92 -0.11 17.91 -1.95
CA ARG C 92 -0.71 19.17 -1.52
C ARG C 92 -0.25 20.30 -2.42
N THR C 93 -1.18 21.15 -2.83
CA THR C 93 -0.81 22.29 -3.66
C THR C 93 -1.13 23.60 -2.95
N MET C 94 -0.18 24.52 -2.99
CA MET C 94 -0.33 25.85 -2.42
C MET C 94 -0.23 26.88 -3.53
N LEU C 95 -1.07 27.90 -3.46
CA LEU C 95 -0.98 29.03 -4.38
C LEU C 95 -0.24 30.17 -3.70
N LEU C 96 0.90 30.55 -4.28
CA LEU C 96 1.63 31.72 -3.80
C LEU C 96 1.36 32.85 -4.74
N GLN C 97 0.72 33.90 -4.23
CA GLN C 97 0.45 35.10 -5.01
C GLN C 97 1.56 36.12 -4.82
N PRO C 98 2.03 36.71 -5.92
CA PRO C 98 3.07 37.74 -5.83
C PRO C 98 2.57 38.93 -5.03
N ALA C 99 3.34 39.30 -4.00
CA ALA C 99 2.96 40.40 -3.11
C ALA C 99 4.19 41.08 -2.51
N GLY C 100 4.61 42.20 -3.10
CA GLY C 100 5.76 42.94 -2.64
C GLY C 100 6.93 42.92 -3.61
N SER C 101 8.12 42.68 -3.10
CA SER C 101 9.32 42.55 -3.94
C SER C 101 9.21 41.31 -4.82
N LEU C 102 10.09 41.22 -5.82
CA LEU C 102 10.04 40.14 -6.81
C LEU C 102 10.26 38.75 -6.20
N GLY C 103 10.70 38.71 -4.95
CA GLY C 103 10.96 37.44 -4.29
C GLY C 103 9.90 37.05 -3.27
N SER C 104 9.11 38.01 -2.82
CA SER C 104 8.09 37.75 -1.81
C SER C 104 6.72 37.39 -2.39
N TYR C 105 6.02 36.53 -1.66
CA TYR C 105 4.69 36.07 -2.05
C TYR C 105 3.79 36.03 -0.82
N SER C 106 2.49 35.91 -1.05
CA SER C 106 1.54 35.75 0.04
C SER C 106 0.78 34.46 -0.18
N TYR C 107 0.45 33.78 0.91
CA TYR C 107 -0.31 32.54 0.82
C TYR C 107 -1.54 32.59 1.72
N ARG C 108 -2.70 32.34 1.14
CA ARG C 108 -3.96 32.29 1.91
C ARG C 108 -4.33 30.87 2.29
N SER C 109 -4.56 30.63 3.58
CA SER C 109 -4.95 29.30 4.03
C SER C 109 -6.35 29.26 4.64
N PRO C 110 -7.19 28.33 4.16
CA PRO C 110 -8.52 28.10 4.75
C PRO C 110 -8.45 27.45 6.13
N HIS C 111 -7.89 26.24 6.20
CA HIS C 111 -7.77 25.50 7.47
C HIS C 111 -7.09 26.33 8.55
N TRP C 112 -6.04 27.04 8.19
CA TRP C 112 -5.32 27.85 9.16
C TRP C 112 -6.02 29.21 9.34
N GLY C 113 -6.98 29.48 8.46
CA GLY C 113 -7.80 30.68 8.54
C GLY C 113 -6.99 31.95 8.51
N SER C 114 -5.88 31.91 7.76
CA SER C 114 -4.82 32.88 7.92
C SER C 114 -4.11 33.21 6.61
N THR C 115 -3.27 34.23 6.66
CA THR C 115 -2.40 34.56 5.55
C THR C 115 -0.95 34.62 6.01
N TYR C 116 -0.06 34.19 5.13
CA TYR C 116 1.37 34.10 5.42
C TYR C 116 2.14 34.83 4.33
N SER C 117 3.27 35.42 4.70
CA SER C 117 4.19 35.92 3.69
C SER C 117 5.25 34.84 3.53
N VAL C 118 5.65 34.59 2.29
CA VAL C 118 6.71 33.63 2.02
C VAL C 118 7.76 34.29 1.15
N SER C 119 9.01 34.29 1.61
CA SER C 119 10.08 34.95 0.89
C SER C 119 11.16 33.96 0.51
N VAL C 120 11.64 34.05 -0.73
CA VAL C 120 12.88 33.39 -1.11
C VAL C 120 13.98 34.36 -0.66
N VAL C 121 14.62 34.04 0.47
CA VAL C 121 15.60 34.93 1.08
C VAL C 121 16.95 34.79 0.39
N GLU C 122 17.26 33.56 -0.03
CA GLU C 122 18.53 33.30 -0.69
C GLU C 122 18.44 32.07 -1.58
N THR C 123 18.83 32.21 -2.84
CA THR C 123 18.92 31.06 -3.73
C THR C 123 20.01 31.22 -4.80
N ASP C 124 20.65 30.11 -5.15
CA ASP C 124 21.54 30.08 -6.30
C ASP C 124 20.84 29.40 -7.48
N TYR C 125 19.56 29.09 -7.28
CA TYR C 125 18.69 28.53 -8.33
C TYR C 125 19.01 27.08 -8.69
N ASP C 126 20.30 26.77 -8.83
CA ASP C 126 20.73 25.46 -9.32
C ASP C 126 21.00 24.40 -8.23
N GLN C 127 21.14 24.83 -6.98
CA GLN C 127 21.42 23.86 -5.91
C GLN C 127 20.52 23.97 -4.67
N TYR C 128 20.21 25.19 -4.25
CA TYR C 128 19.46 25.38 -3.01
C TYR C 128 18.64 26.67 -3.00
N ALA C 129 17.66 26.72 -2.09
CA ALA C 129 16.94 27.95 -1.85
C ALA C 129 16.57 28.00 -0.37
N LEU C 130 16.81 29.14 0.26
CA LEU C 130 16.39 29.36 1.65
C LEU C 130 15.11 30.19 1.67
N LEU C 131 14.04 29.60 2.20
CA LEU C 131 12.76 30.31 2.27
C LEU C 131 12.44 30.68 3.71
N TYR C 132 11.82 31.84 3.89
CA TYR C 132 11.37 32.26 5.22
C TYR C 132 9.90 32.64 5.14
N SER C 133 9.10 32.00 5.99
CA SER C 133 7.65 32.19 6.03
C SER C 133 7.22 32.70 7.39
N GLN C 134 6.26 33.61 7.39
CA GLN C 134 5.77 34.19 8.62
C GLN C 134 4.29 34.51 8.48
N GLY C 135 3.54 34.28 9.55
CA GLY C 135 2.14 34.63 9.57
C GLY C 135 1.97 36.13 9.42
N SER C 136 0.95 36.54 8.68
CA SER C 136 0.69 37.95 8.41
C SER C 136 -0.59 38.43 9.09
N LYS C 137 -1.68 37.71 8.84
CA LYS C 137 -2.93 37.97 9.56
C LYS C 137 -3.69 36.66 9.84
N GLY C 138 -4.60 36.71 10.81
CA GLY C 138 -5.35 35.53 11.23
C GLY C 138 -4.71 34.83 12.41
N PRO C 139 -5.27 33.68 12.80
CA PRO C 139 -4.81 32.88 13.95
C PRO C 139 -3.37 32.41 13.81
N GLY C 140 -2.90 32.27 12.58
CA GLY C 140 -1.54 31.81 12.34
C GLY C 140 -0.49 32.91 12.30
N GLU C 141 -0.89 34.15 12.60
CA GLU C 141 -0.01 35.29 12.39
C GLU C 141 1.30 35.23 13.19
N ASP C 142 1.37 34.35 14.18
CA ASP C 142 2.56 34.19 14.99
C ASP C 142 3.54 33.19 14.39
N PHE C 143 3.06 32.42 13.40
CA PHE C 143 3.86 31.36 12.77
C PHE C 143 5.15 31.89 12.15
N ARG C 144 6.23 31.14 12.33
CA ARG C 144 7.51 31.43 11.69
C ARG C 144 8.14 30.13 11.19
N MET C 145 8.73 30.18 9.99
CA MET C 145 9.37 28.98 9.44
C MET C 145 10.46 29.31 8.45
N ALA C 146 11.58 28.63 8.58
CA ALA C 146 12.63 28.67 7.58
C ALA C 146 12.62 27.33 6.85
N THR C 147 12.86 27.36 5.55
CA THR C 147 12.80 26.16 4.73
C THR C 147 14.04 26.03 3.87
N LEU C 148 14.60 24.82 3.84
CA LEU C 148 15.68 24.50 2.92
C LEU C 148 15.13 23.66 1.78
N TYR C 149 15.17 24.20 0.57
CA TYR C 149 14.90 23.45 -0.64
C TYR C 149 16.21 23.14 -1.33
N SER C 150 16.35 21.91 -1.82
CA SER C 150 17.54 21.52 -2.56
C SER C 150 17.14 20.91 -3.88
N ARG C 151 18.01 21.05 -4.90
CA ARG C 151 17.72 20.51 -6.21
C ARG C 151 17.98 19.01 -6.23
N THR C 152 18.77 18.54 -5.27
CA THR C 152 18.96 17.10 -5.09
C THR C 152 18.36 16.68 -3.75
N GLN C 153 17.92 15.43 -3.67
CA GLN C 153 17.17 14.97 -2.52
C GLN C 153 17.99 14.89 -1.23
N THR C 154 19.27 14.56 -1.36
CA THR C 154 20.14 14.53 -0.18
C THR C 154 21.23 15.60 -0.25
N PRO C 155 20.94 16.81 0.26
CA PRO C 155 21.89 17.91 0.20
C PRO C 155 23.13 17.60 1.03
N ARG C 156 24.30 18.00 0.54
CA ARG C 156 25.55 17.75 1.24
C ARG C 156 25.60 18.55 2.55
N ALA C 157 26.53 18.18 3.43
CA ALA C 157 26.64 18.82 4.74
C ALA C 157 26.83 20.34 4.67
N GLU C 158 27.39 20.83 3.56
CA GLU C 158 27.63 22.26 3.42
C GLU C 158 26.32 23.05 3.33
N LEU C 159 25.34 22.49 2.64
CA LEU C 159 24.02 23.10 2.53
C LEU C 159 23.27 22.95 3.85
N LYS C 160 23.45 21.81 4.48
CA LYS C 160 22.81 21.53 5.77
C LYS C 160 23.32 22.48 6.85
N GLU C 161 24.60 22.83 6.77
CA GLU C 161 25.19 23.75 7.75
C GLU C 161 24.82 25.19 7.42
N LYS C 162 24.73 25.49 6.13
CA LYS C 162 24.28 26.79 5.67
C LYS C 162 22.86 27.07 6.18
N PHE C 163 22.01 26.06 6.10
CA PHE C 163 20.62 26.19 6.55
C PHE C 163 20.53 26.43 8.05
N THR C 164 21.30 25.67 8.82
CA THR C 164 21.35 25.83 10.28
C THR C 164 21.73 27.26 10.66
N ALA C 165 22.79 27.76 10.04
CA ALA C 165 23.23 29.12 10.29
C ALA C 165 22.11 30.10 10.00
N PHE C 166 21.51 29.94 8.82
CA PHE C 166 20.39 30.79 8.39
C PHE C 166 19.27 30.82 9.42
N CYS C 167 18.87 29.64 9.90
CA CYS C 167 17.83 29.55 10.93
C CYS C 167 18.22 30.32 12.18
N LYS C 168 19.47 30.13 12.61
CA LYS C 168 19.97 30.80 13.81
C LYS C 168 19.94 32.32 13.70
N ALA C 169 20.44 32.84 12.59
CA ALA C 169 20.43 34.28 12.37
C ALA C 169 19.00 34.84 12.43
N GLN C 170 18.04 34.03 12.02
CA GLN C 170 16.64 34.41 12.09
C GLN C 170 15.99 33.98 13.41
N GLY C 171 16.79 33.47 14.33
CA GLY C 171 16.36 33.29 15.70
C GLY C 171 15.80 31.94 16.11
N PHE C 172 15.97 30.93 15.26
CA PHE C 172 15.51 29.59 15.60
C PHE C 172 16.51 28.84 16.49
N THR C 173 15.97 28.18 17.50
CA THR C 173 16.75 27.37 18.42
C THR C 173 17.19 26.09 17.72
N GLU C 174 18.36 25.57 18.09
CA GLU C 174 18.92 24.36 17.46
C GLU C 174 17.97 23.16 17.52
N ASP C 175 17.09 23.14 18.51
CA ASP C 175 16.10 22.08 18.60
C ASP C 175 14.74 22.47 18.02
N THR C 176 14.72 23.49 17.16
CA THR C 176 13.56 23.79 16.35
C THR C 176 13.88 23.49 14.90
N ILE C 177 15.11 23.05 14.64
CA ILE C 177 15.56 22.70 13.30
C ILE C 177 15.42 21.21 13.05
N VAL C 178 14.88 20.85 11.89
CA VAL C 178 14.66 19.46 11.57
C VAL C 178 15.08 19.20 10.15
N PHE C 179 15.89 18.16 9.95
CA PHE C 179 16.18 17.72 8.61
C PHE C 179 15.21 16.60 8.26
N LEU C 180 14.53 16.76 7.12
CA LEU C 180 13.33 15.97 6.83
C LEU C 180 13.61 14.59 6.24
N PRO C 181 12.83 13.59 6.64
CA PRO C 181 12.94 12.25 6.05
C PRO C 181 12.55 12.27 4.58
N GLN C 182 13.22 11.44 3.77
CA GLN C 182 13.02 11.44 2.33
C GLN C 182 12.62 10.05 1.84
N THR C 183 11.93 9.99 0.70
CA THR C 183 11.53 8.71 0.13
C THR C 183 11.75 8.67 -1.37
N ASP C 184 11.94 7.46 -1.90
CA ASP C 184 12.11 7.26 -3.34
C ASP C 184 10.76 6.99 -4.01
N LYS C 185 9.72 6.87 -3.18
CA LYS C 185 8.37 6.62 -3.67
C LYS C 185 7.67 7.89 -4.11
N CYS C 186 6.49 7.73 -4.70
CA CYS C 186 5.65 8.84 -5.15
C CYS C 186 6.23 9.65 -6.33
N MET C 187 7.09 9.02 -7.12
CA MET C 187 7.68 9.67 -8.29
C MET C 187 7.10 9.10 -9.58
N THR C 188 6.87 9.98 -10.57
CA THR C 188 6.28 9.61 -11.86
C THR C 188 6.90 8.35 -12.47
N VAL D 30 -4.96 21.31 39.89
CA VAL D 30 -3.55 21.36 40.26
C VAL D 30 -3.34 22.20 41.52
N GLN D 31 -4.23 23.17 41.73
CA GLN D 31 -4.39 23.77 43.04
C GLN D 31 -4.58 22.64 44.04
N PRO D 32 -3.72 22.60 45.08
CA PRO D 32 -3.84 21.58 46.13
C PRO D 32 -5.24 21.51 46.73
N ASN D 33 -5.74 20.29 46.97
CA ASN D 33 -7.04 20.06 47.58
C ASN D 33 -8.13 20.96 47.00
N PHE D 34 -8.32 20.85 45.69
CA PHE D 34 -9.21 21.74 44.95
C PHE D 34 -10.67 21.32 45.10
N GLN D 35 -11.49 22.26 45.59
CA GLN D 35 -12.91 22.04 45.78
C GLN D 35 -13.72 22.70 44.67
N GLN D 36 -14.24 21.88 43.75
CA GLN D 36 -14.89 22.38 42.54
C GLN D 36 -16.21 23.12 42.80
N ASP D 37 -16.96 22.66 43.82
CA ASP D 37 -18.19 23.34 44.22
C ASP D 37 -17.90 24.77 44.63
N LYS D 38 -16.74 24.99 45.22
CA LYS D 38 -16.32 26.30 45.67
C LYS D 38 -15.78 27.16 44.52
N PHE D 39 -15.52 26.52 43.39
CA PHE D 39 -15.03 27.21 42.21
C PHE D 39 -16.20 27.62 41.31
N LEU D 40 -17.38 27.09 41.61
CA LEU D 40 -18.59 27.42 40.84
C LEU D 40 -18.98 28.87 41.03
N GLY D 41 -19.89 29.34 40.17
CA GLY D 41 -20.46 30.67 40.32
C GLY D 41 -19.98 31.70 39.32
N ARG D 42 -20.02 32.96 39.74
CA ARG D 42 -19.67 34.08 38.88
C ARG D 42 -18.20 34.45 39.01
N TRP D 43 -17.48 34.39 37.88
CA TRP D 43 -16.11 34.87 37.81
C TRP D 43 -16.00 35.92 36.72
N PHE D 44 -15.00 36.79 36.81
CA PHE D 44 -14.75 37.74 35.75
C PHE D 44 -13.40 37.47 35.09
N SER D 45 -13.40 37.45 33.77
CA SER D 45 -12.18 37.22 33.02
C SER D 45 -11.35 38.51 33.08
N ALA D 46 -10.53 38.64 34.11
CA ALA D 46 -9.84 39.89 34.40
C ALA D 46 -8.57 40.07 33.58
N GLY D 47 -7.92 38.98 33.22
CA GLY D 47 -6.69 39.08 32.45
C GLY D 47 -6.32 37.81 31.73
N LEU D 48 -5.49 37.94 30.69
CA LEU D 48 -4.94 36.78 30.00
C LEU D 48 -3.52 37.08 29.53
N ALA D 49 -2.73 36.01 29.37
CA ALA D 49 -1.47 36.06 28.66
C ALA D 49 -1.52 34.92 27.68
N SER D 50 -1.00 35.14 26.48
CA SER D 50 -1.09 34.14 25.43
C SER D 50 -0.04 34.37 24.35
N ASN D 51 0.52 33.29 23.84
CA ASN D 51 1.46 33.37 22.73
C ASN D 51 0.76 33.52 21.37
N SER D 52 -0.57 33.63 21.41
CA SER D 52 -1.34 33.89 20.21
C SER D 52 -1.72 35.36 20.10
N SER D 53 -1.02 36.08 19.24
CA SER D 53 -1.31 37.50 19.04
C SER D 53 -2.72 37.70 18.51
N TRP D 54 -3.16 36.81 17.63
CA TRP D 54 -4.54 36.84 17.13
C TRP D 54 -5.52 36.83 18.30
N LEU D 55 -5.30 35.92 19.25
CA LEU D 55 -6.18 35.81 20.42
C LEU D 55 -6.21 37.07 21.27
N ARG D 56 -5.03 37.59 21.60
CA ARG D 56 -4.92 38.77 22.43
C ARG D 56 -5.61 39.94 21.74
N GLU D 57 -5.42 40.04 20.43
CA GLU D 57 -6.06 41.07 19.64
C GLU D 57 -7.59 40.92 19.65
N LYS D 58 -8.06 39.69 19.50
CA LYS D 58 -9.50 39.40 19.51
C LYS D 58 -10.12 39.49 20.91
N ALA D 59 -9.29 39.50 21.93
CA ALA D 59 -9.78 39.59 23.31
C ALA D 59 -9.89 41.04 23.79
N ALA D 60 -8.87 41.83 23.46
CA ALA D 60 -8.83 43.24 23.86
C ALA D 60 -9.94 44.06 23.20
N ALA D 61 -10.42 43.61 22.04
CA ALA D 61 -11.48 44.31 21.32
C ALA D 61 -12.88 43.83 21.75
N LEU D 62 -12.90 42.93 22.72
CA LEU D 62 -14.16 42.38 23.23
C LEU D 62 -14.47 42.80 24.66
N SER D 63 -15.55 43.57 24.83
CA SER D 63 -16.03 43.91 26.17
C SER D 63 -16.56 42.67 26.89
N MET D 64 -15.88 42.26 27.95
CA MET D 64 -16.25 41.08 28.72
C MET D 64 -17.33 41.38 29.75
N ALA D 65 -18.37 40.56 29.76
CA ALA D 65 -19.43 40.71 30.76
C ALA D 65 -19.12 39.87 32.00
N LYS D 66 -19.60 38.63 32.02
CA LYS D 66 -19.37 37.75 33.17
C LYS D 66 -19.06 36.34 32.71
N SER D 67 -18.41 35.56 33.58
CA SER D 67 -18.19 34.15 33.32
C SER D 67 -18.86 33.28 34.38
N VAL D 68 -19.75 32.39 33.94
CA VAL D 68 -20.48 31.50 34.84
C VAL D 68 -19.88 30.10 34.83
N VAL D 69 -19.60 29.58 36.03
CA VAL D 69 -19.09 28.23 36.19
C VAL D 69 -20.17 27.34 36.79
N ALA D 70 -20.66 26.39 35.99
CA ALA D 70 -21.77 25.53 36.42
C ALA D 70 -21.40 24.05 36.34
N PRO D 71 -22.01 23.24 37.22
CA PRO D 71 -21.73 21.80 37.21
C PRO D 71 -22.26 21.12 35.95
N ALA D 72 -21.39 20.40 35.26
CA ALA D 72 -21.81 19.57 34.13
C ALA D 72 -22.33 18.26 34.69
N THR D 73 -23.39 17.75 34.08
CA THR D 73 -24.11 16.57 34.56
C THR D 73 -23.21 15.37 34.83
N ASP D 74 -22.14 15.24 34.05
CA ASP D 74 -21.22 14.11 34.18
C ASP D 74 -19.91 14.51 34.87
N GLY D 75 -19.97 15.52 35.72
CA GLY D 75 -18.78 16.02 36.37
C GLY D 75 -17.95 16.85 35.42
N GLY D 76 -17.18 17.77 35.97
CA GLY D 76 -16.51 18.76 35.15
C GLY D 76 -17.40 19.98 35.09
N LEU D 77 -17.06 20.95 34.24
CA LEU D 77 -17.73 22.24 34.27
C LEU D 77 -18.34 22.69 32.94
N ASN D 78 -19.41 23.46 33.04
CA ASN D 78 -19.92 24.28 31.94
C ASN D 78 -19.37 25.69 32.16
N LEU D 79 -18.59 26.19 31.21
CA LEU D 79 -18.11 27.56 31.31
C LEU D 79 -18.81 28.45 30.29
N THR D 80 -19.64 29.36 30.80
CA THR D 80 -20.45 30.22 29.95
C THR D 80 -19.96 31.66 29.96
N SER D 81 -19.32 32.08 28.87
CA SER D 81 -18.76 33.42 28.79
C SER D 81 -19.68 34.38 28.03
N THR D 82 -20.02 35.48 28.69
CA THR D 82 -20.84 36.52 28.08
C THR D 82 -19.95 37.70 27.72
N PHE D 83 -20.07 38.17 26.49
CA PHE D 83 -19.31 39.32 26.03
C PHE D 83 -20.11 40.17 25.05
N LEU D 84 -19.59 41.34 24.73
CA LEU D 84 -20.25 42.25 23.81
C LEU D 84 -19.46 42.32 22.51
N ARG D 85 -20.14 42.10 21.38
CA ARG D 85 -19.52 42.27 20.09
C ARG D 85 -20.26 43.36 19.30
N LYS D 86 -19.54 44.40 18.89
CA LYS D 86 -20.09 45.48 18.06
C LYS D 86 -21.51 45.89 18.44
N ASN D 87 -21.78 45.93 19.75
CA ASN D 87 -23.09 46.25 20.34
C ASN D 87 -24.12 45.12 20.49
N GLN D 88 -23.78 43.91 20.02
CA GLN D 88 -24.64 42.77 20.30
C GLN D 88 -24.07 41.98 21.48
N CYS D 89 -24.96 41.54 22.37
CA CYS D 89 -24.55 40.66 23.46
C CYS D 89 -24.42 39.23 22.93
N GLU D 90 -23.30 38.59 23.24
CA GLU D 90 -23.06 37.23 22.76
C GLU D 90 -22.62 36.30 23.89
N THR D 91 -22.86 35.00 23.68
CA THR D 91 -22.51 33.99 24.66
C THR D 91 -21.78 32.83 24.00
N ARG D 92 -20.71 32.38 24.64
CA ARG D 92 -19.97 31.20 24.21
C ARG D 92 -19.91 30.22 25.38
N THR D 93 -20.29 28.97 25.12
CA THR D 93 -20.29 27.97 26.17
C THR D 93 -19.32 26.84 25.85
N MET D 94 -18.35 26.64 26.74
CA MET D 94 -17.39 25.55 26.60
C MET D 94 -17.74 24.46 27.61
N LEU D 95 -17.71 23.21 27.18
CA LEU D 95 -17.88 22.11 28.11
C LEU D 95 -16.51 21.59 28.55
N LEU D 96 -16.33 21.49 29.86
CA LEU D 96 -15.02 21.15 30.41
C LEU D 96 -15.10 19.84 31.19
N GLN D 97 -14.68 18.75 30.56
CA GLN D 97 -14.71 17.45 31.21
C GLN D 97 -13.41 17.17 31.97
N PRO D 98 -13.53 16.52 33.14
CA PRO D 98 -12.35 16.26 33.98
C PRO D 98 -11.37 15.35 33.25
N ALA D 99 -10.08 15.53 33.53
CA ALA D 99 -9.03 14.61 33.10
C ALA D 99 -7.75 14.96 33.84
N GLY D 100 -7.20 14.00 34.58
CA GLY D 100 -6.05 14.25 35.43
C GLY D 100 -6.48 14.48 36.87
N SER D 101 -5.58 14.98 37.71
CA SER D 101 -5.90 15.33 39.09
C SER D 101 -7.05 16.33 39.15
N LEU D 102 -7.73 16.39 40.30
CA LEU D 102 -8.87 17.27 40.46
C LEU D 102 -8.49 18.74 40.25
N GLY D 103 -9.14 19.39 39.29
CA GLY D 103 -8.86 20.78 38.99
C GLY D 103 -8.30 20.95 37.60
N SER D 104 -8.05 19.82 36.94
CA SER D 104 -7.52 19.81 35.57
C SER D 104 -8.57 19.22 34.64
N TYR D 105 -8.76 19.84 33.48
CA TYR D 105 -9.82 19.46 32.56
C TYR D 105 -9.34 19.34 31.12
N SER D 106 -10.23 18.86 30.26
CA SER D 106 -9.96 18.76 28.83
C SER D 106 -11.10 19.43 28.05
N TYR D 107 -10.74 20.18 27.01
CA TYR D 107 -11.74 20.90 26.23
C TYR D 107 -11.59 20.57 24.74
N ARG D 108 -12.68 20.10 24.14
CA ARG D 108 -12.68 19.73 22.73
C ARG D 108 -13.31 20.82 21.87
N SER D 109 -12.48 21.51 21.09
CA SER D 109 -12.96 22.62 20.26
C SER D 109 -13.76 22.16 19.05
N PRO D 110 -14.99 22.68 18.90
CA PRO D 110 -15.85 22.41 17.75
C PRO D 110 -15.47 23.26 16.54
N HIS D 111 -15.13 24.53 16.77
CA HIS D 111 -14.73 25.42 15.69
C HIS D 111 -13.51 24.92 14.93
N TRP D 112 -12.42 24.65 15.65
CA TRP D 112 -11.16 24.30 15.00
C TRP D 112 -10.62 22.91 15.29
N GLY D 113 -11.49 22.00 15.74
CA GLY D 113 -11.13 20.60 15.93
C GLY D 113 -9.80 20.33 16.61
N SER D 114 -9.64 20.86 17.81
CA SER D 114 -8.46 20.62 18.62
C SER D 114 -8.88 20.34 20.06
N THR D 115 -7.97 19.80 20.85
CA THR D 115 -8.28 19.53 22.24
C THR D 115 -7.26 20.19 23.19
N TYR D 116 -7.79 20.81 24.23
CA TYR D 116 -6.97 21.60 25.16
C TYR D 116 -7.06 21.08 26.60
N SER D 117 -5.95 21.16 27.32
CA SER D 117 -5.95 20.94 28.76
C SER D 117 -6.10 22.29 29.44
N VAL D 118 -7.01 22.36 30.40
CA VAL D 118 -7.22 23.58 31.19
C VAL D 118 -7.07 23.23 32.65
N SER D 119 -6.24 23.98 33.37
CA SER D 119 -5.95 23.65 34.76
C SER D 119 -6.05 24.86 35.70
N VAL D 120 -6.76 24.68 36.81
CA VAL D 120 -6.79 25.68 37.86
C VAL D 120 -5.52 25.52 38.68
N VAL D 121 -4.50 26.31 38.34
CA VAL D 121 -3.21 26.23 39.02
C VAL D 121 -3.32 26.67 40.46
N GLU D 122 -4.08 27.74 40.69
CA GLU D 122 -4.18 28.31 42.02
C GLU D 122 -5.42 29.20 42.20
N THR D 123 -6.11 29.04 43.33
CA THR D 123 -7.30 29.84 43.62
C THR D 123 -7.53 29.97 45.12
N ASP D 124 -8.31 30.98 45.51
CA ASP D 124 -8.81 31.08 46.88
C ASP D 124 -10.33 31.16 46.88
N TYR D 125 -10.94 30.78 45.76
CA TYR D 125 -12.39 30.64 45.64
C TYR D 125 -13.16 31.95 45.82
N ASP D 126 -12.83 32.71 46.87
CA ASP D 126 -13.56 33.93 47.20
C ASP D 126 -13.13 35.17 46.40
N GLN D 127 -12.01 35.11 45.68
CA GLN D 127 -11.48 36.33 45.08
C GLN D 127 -10.80 36.16 43.72
N TYR D 128 -9.90 35.18 43.61
CA TYR D 128 -9.15 34.98 42.37
C TYR D 128 -8.90 33.51 42.04
N ALA D 129 -8.55 33.27 40.77
CA ALA D 129 -8.15 31.96 40.34
C ALA D 129 -7.20 32.11 39.15
N LEU D 130 -6.11 31.36 39.15
CA LEU D 130 -5.13 31.41 38.07
C LEU D 130 -5.22 30.14 37.24
N LEU D 131 -5.63 30.28 35.99
CA LEU D 131 -5.86 29.13 35.12
C LEU D 131 -4.79 29.04 34.06
N TYR D 132 -4.56 27.83 33.58
CA TYR D 132 -3.54 27.60 32.57
C TYR D 132 -4.01 26.61 31.50
N SER D 133 -3.89 27.01 30.24
CA SER D 133 -4.43 26.24 29.13
C SER D 133 -3.36 25.96 28.06
N GLN D 134 -3.36 24.73 27.56
CA GLN D 134 -2.45 24.26 26.50
C GLN D 134 -3.22 23.42 25.52
N GLY D 135 -2.79 23.41 24.26
CA GLY D 135 -3.19 22.36 23.36
C GLY D 135 -2.62 21.05 23.88
N SER D 136 -3.38 19.98 23.76
CA SER D 136 -2.87 18.65 24.06
C SER D 136 -2.97 17.78 22.81
N LYS D 137 -3.55 18.36 21.76
CA LYS D 137 -3.76 17.64 20.50
C LYS D 137 -3.93 18.60 19.33
N GLY D 138 -3.41 18.21 18.17
CA GLY D 138 -3.58 18.99 16.96
C GLY D 138 -2.75 20.27 16.96
N PRO D 139 -3.05 21.18 16.02
CA PRO D 139 -2.28 22.41 15.83
C PRO D 139 -2.20 23.22 17.12
N GLY D 140 -3.22 23.09 17.96
CA GLY D 140 -3.33 23.84 19.19
C GLY D 140 -2.27 23.57 20.24
N GLU D 141 -1.48 22.51 20.06
CA GLU D 141 -0.34 22.22 20.93
C GLU D 141 0.52 23.46 21.10
N ASP D 142 0.60 24.25 20.04
CA ASP D 142 1.35 25.49 20.03
C ASP D 142 0.66 26.56 20.87
N PHE D 143 -0.65 26.42 21.06
CA PHE D 143 -1.43 27.41 21.79
C PHE D 143 -1.26 27.30 23.30
N ARG D 144 -1.06 28.45 23.94
CA ARG D 144 -0.87 28.51 25.38
C ARG D 144 -1.53 29.76 25.93
N MET D 145 -2.04 29.67 27.15
CA MET D 145 -2.69 30.82 27.77
C MET D 145 -2.79 30.72 29.28
N ALA D 146 -2.46 31.82 29.96
CA ALA D 146 -2.75 31.95 31.38
C ALA D 146 -3.97 32.85 31.50
N THR D 147 -4.87 32.52 32.42
CA THR D 147 -6.08 33.29 32.62
C THR D 147 -6.19 33.75 34.06
N LEU D 148 -6.50 35.03 34.26
CA LEU D 148 -6.80 35.55 35.59
C LEU D 148 -8.31 35.67 35.79
N TYR D 149 -8.83 34.85 36.70
CA TYR D 149 -10.23 34.94 37.07
C TYR D 149 -10.40 35.72 38.37
N SER D 150 -11.37 36.63 38.38
CA SER D 150 -11.61 37.49 39.52
C SER D 150 -13.09 37.45 39.87
N ARG D 151 -13.40 37.33 41.17
CA ARG D 151 -14.78 37.37 41.62
C ARG D 151 -15.32 38.79 41.51
N THR D 152 -14.41 39.74 41.38
CA THR D 152 -14.75 41.15 41.20
C THR D 152 -14.47 41.62 39.78
N GLN D 153 -15.40 42.41 39.24
CA GLN D 153 -15.30 42.94 37.89
C GLN D 153 -13.96 43.64 37.69
N THR D 154 -13.49 44.30 38.74
CA THR D 154 -12.24 45.04 38.69
C THR D 154 -11.28 44.55 39.79
N PRO D 155 -10.28 43.76 39.40
CA PRO D 155 -9.31 43.17 40.33
C PRO D 155 -8.43 44.25 40.95
N ARG D 156 -7.89 44.00 42.15
CA ARG D 156 -7.03 44.99 42.80
C ARG D 156 -5.56 44.78 42.46
N ALA D 157 -4.77 45.83 42.62
CA ALA D 157 -3.35 45.81 42.22
C ALA D 157 -2.59 44.58 42.74
N GLU D 158 -2.99 44.06 43.90
CA GLU D 158 -2.34 42.88 44.45
C GLU D 158 -2.54 41.63 43.58
N LEU D 159 -3.68 41.54 42.91
CA LEU D 159 -3.93 40.37 42.08
C LEU D 159 -3.32 40.56 40.70
N LYS D 160 -3.40 41.77 40.16
CA LYS D 160 -2.74 42.10 38.90
C LYS D 160 -1.26 41.74 38.99
N GLU D 161 -0.61 42.16 40.07
CA GLU D 161 0.81 41.89 40.28
C GLU D 161 1.07 40.40 40.50
N LYS D 162 0.10 39.70 41.07
CA LYS D 162 0.22 38.26 41.26
C LYS D 162 0.04 37.53 39.94
N PHE D 163 -0.79 38.08 39.06
CA PHE D 163 -1.04 37.47 37.77
C PHE D 163 0.17 37.59 36.84
N THR D 164 0.81 38.76 36.85
CA THR D 164 1.98 39.01 36.02
C THR D 164 3.10 38.02 36.34
N ALA D 165 3.38 37.84 37.63
CA ALA D 165 4.40 36.89 38.08
C ALA D 165 4.05 35.46 37.66
N PHE D 166 2.79 35.08 37.84
CA PHE D 166 2.30 33.78 37.41
C PHE D 166 2.47 33.60 35.91
N CYS D 167 2.27 34.68 35.16
CA CYS D 167 2.47 34.66 33.71
C CYS D 167 3.95 34.48 33.36
N LYS D 168 4.82 35.20 34.06
CA LYS D 168 6.27 35.12 33.82
C LYS D 168 6.79 33.70 33.99
N ALA D 169 6.45 33.07 35.10
CA ALA D 169 6.94 31.75 35.43
C ALA D 169 6.42 30.69 34.47
N GLN D 170 5.24 30.94 33.92
CA GLN D 170 4.64 30.02 32.94
C GLN D 170 5.21 30.25 31.55
N GLY D 171 6.20 31.14 31.43
CA GLY D 171 6.89 31.33 30.17
C GLY D 171 6.48 32.58 29.40
N PHE D 172 5.47 33.28 29.90
CA PHE D 172 4.93 34.43 29.19
C PHE D 172 5.71 35.71 29.44
N THR D 173 5.83 36.55 28.40
CA THR D 173 6.53 37.82 28.53
C THR D 173 5.57 38.98 28.73
N GLU D 174 6.12 40.12 29.14
CA GLU D 174 5.34 41.26 29.58
C GLU D 174 4.49 41.89 28.47
N ASP D 175 4.88 41.66 27.20
CA ASP D 175 4.11 42.17 26.07
C ASP D 175 2.84 41.35 25.82
N THR D 176 2.87 40.10 26.26
CA THR D 176 1.79 39.13 26.02
C THR D 176 0.68 39.16 27.05
N ILE D 177 0.82 39.96 28.09
CA ILE D 177 -0.18 40.00 29.17
C ILE D 177 -1.17 41.14 28.96
N VAL D 178 -2.44 40.79 28.85
CA VAL D 178 -3.48 41.78 28.63
C VAL D 178 -4.45 41.78 29.79
N PHE D 179 -4.79 42.97 30.27
CA PHE D 179 -5.91 43.11 31.18
C PHE D 179 -7.14 43.49 30.37
N LEU D 180 -8.18 42.66 30.48
CA LEU D 180 -9.33 42.69 29.58
C LEU D 180 -10.33 43.79 29.93
N PRO D 181 -10.87 44.45 28.90
CA PRO D 181 -11.91 45.46 29.11
C PRO D 181 -13.17 44.81 29.61
N GLN D 182 -13.89 45.49 30.49
CA GLN D 182 -15.10 44.95 31.08
C GLN D 182 -16.33 45.74 30.64
N THR D 183 -17.51 45.15 30.74
CA THR D 183 -18.76 45.85 30.48
C THR D 183 -19.86 45.37 31.41
N ASP D 184 -20.78 46.27 31.74
CA ASP D 184 -21.86 45.96 32.68
C ASP D 184 -23.17 45.65 31.95
N LYS D 185 -23.17 45.84 30.64
CA LYS D 185 -24.28 45.38 29.81
C LYS D 185 -24.24 43.86 29.81
N CYS D 186 -25.21 43.24 29.13
CA CYS D 186 -25.28 41.79 29.03
C CYS D 186 -25.42 41.10 30.39
N SER E 29 -12.15 -11.81 -18.00
CA SER E 29 -12.41 -10.46 -17.51
C SER E 29 -12.27 -10.36 -15.97
N VAL E 30 -12.50 -9.17 -15.42
CA VAL E 30 -12.37 -8.97 -13.98
C VAL E 30 -13.65 -8.39 -13.42
N GLN E 31 -13.82 -8.54 -12.10
CA GLN E 31 -14.91 -7.93 -11.38
C GLN E 31 -14.89 -6.43 -11.66
N PRO E 32 -16.01 -5.88 -12.13
CA PRO E 32 -16.02 -4.43 -12.39
C PRO E 32 -15.79 -3.63 -11.11
N ASN E 33 -15.03 -2.53 -11.22
CA ASN E 33 -14.76 -1.68 -10.08
C ASN E 33 -14.19 -2.45 -8.89
N PHE E 34 -13.20 -3.31 -9.15
CA PHE E 34 -12.64 -4.15 -8.09
C PHE E 34 -12.03 -3.38 -6.93
N GLN E 35 -12.42 -3.74 -5.72
CA GLN E 35 -11.94 -3.08 -4.53
C GLN E 35 -11.03 -4.04 -3.75
N GLN E 36 -9.71 -3.88 -3.90
CA GLN E 36 -8.77 -4.83 -3.27
C GLN E 36 -8.88 -4.90 -1.75
N ASP E 37 -9.13 -3.76 -1.09
CA ASP E 37 -9.25 -3.76 0.36
C ASP E 37 -10.38 -4.69 0.85
N LYS E 38 -11.47 -4.77 0.08
CA LYS E 38 -12.61 -5.57 0.48
C LYS E 38 -12.42 -7.07 0.21
N PHE E 39 -11.46 -7.38 -0.65
CA PHE E 39 -11.12 -8.76 -0.99
C PHE E 39 -10.19 -9.42 0.04
N LEU E 40 -9.61 -8.60 0.93
CA LEU E 40 -8.69 -9.12 1.93
C LEU E 40 -9.38 -10.00 2.96
N GLY E 41 -8.59 -10.81 3.65
CA GLY E 41 -9.10 -11.53 4.80
C GLY E 41 -9.28 -13.00 4.57
N ARG E 42 -10.16 -13.60 5.35
CA ARG E 42 -10.28 -15.05 5.38
C ARG E 42 -11.25 -15.58 4.32
N TRP E 43 -10.79 -16.54 3.52
CA TRP E 43 -11.63 -17.19 2.52
C TRP E 43 -11.45 -18.70 2.62
N PHE E 44 -12.38 -19.44 2.02
CA PHE E 44 -12.26 -20.90 1.97
C PHE E 44 -12.28 -21.38 0.52
N SER E 45 -11.39 -22.31 0.23
CA SER E 45 -11.26 -22.86 -1.11
C SER E 45 -12.31 -23.95 -1.29
N ALA E 46 -13.47 -23.60 -1.83
CA ALA E 46 -14.62 -24.52 -1.79
C ALA E 46 -14.78 -25.37 -3.05
N GLY E 47 -14.29 -24.88 -4.18
CA GLY E 47 -14.44 -25.62 -5.41
C GLY E 47 -13.37 -25.25 -6.42
N LEU E 48 -13.10 -26.17 -7.34
CA LEU E 48 -12.23 -25.85 -8.45
C LEU E 48 -12.55 -26.67 -9.68
N ALA E 49 -12.11 -26.14 -10.82
CA ALA E 49 -12.16 -26.86 -12.07
C ALA E 49 -10.81 -26.58 -12.72
N SER E 50 -10.18 -27.57 -13.33
CA SER E 50 -8.85 -27.35 -13.88
C SER E 50 -8.58 -28.36 -14.95
N ASN E 51 -7.67 -28.02 -15.87
CA ASN E 51 -7.28 -28.95 -16.91
C ASN E 51 -6.07 -29.80 -16.53
N SER E 52 -5.63 -29.68 -15.28
CA SER E 52 -4.57 -30.56 -14.76
C SER E 52 -5.15 -31.72 -13.95
N SER E 53 -5.06 -32.93 -14.49
CA SER E 53 -5.52 -34.12 -13.78
C SER E 53 -4.76 -34.34 -12.48
N TRP E 54 -3.46 -34.12 -12.54
CA TRP E 54 -2.58 -34.26 -11.39
C TRP E 54 -3.00 -33.34 -10.24
N LEU E 55 -3.34 -32.09 -10.58
CA LEU E 55 -3.81 -31.13 -9.59
C LEU E 55 -5.14 -31.56 -8.99
N ARG E 56 -6.09 -31.94 -9.82
CA ARG E 56 -7.42 -32.33 -9.35
C ARG E 56 -7.31 -33.51 -8.39
N GLU E 57 -6.52 -34.50 -8.76
CA GLU E 57 -6.29 -35.66 -7.89
C GLU E 57 -5.59 -35.27 -6.59
N LYS E 58 -4.61 -34.37 -6.66
CA LYS E 58 -3.92 -33.93 -5.45
C LYS E 58 -4.85 -33.05 -4.61
N ALA E 59 -5.69 -32.27 -5.27
CA ALA E 59 -6.64 -31.39 -4.58
C ALA E 59 -7.82 -32.16 -3.98
N ALA E 60 -8.39 -33.08 -4.74
CA ALA E 60 -9.54 -33.85 -4.27
C ALA E 60 -9.20 -34.77 -3.10
N ALA E 61 -7.89 -34.95 -2.86
CA ALA E 61 -7.41 -35.84 -1.81
C ALA E 61 -7.04 -35.08 -0.52
N LEU E 62 -6.90 -33.76 -0.63
CA LEU E 62 -6.50 -32.93 0.50
C LEU E 62 -7.69 -32.35 1.25
N SER E 63 -7.52 -32.04 2.53
CA SER E 63 -8.56 -31.38 3.31
C SER E 63 -8.25 -29.91 3.54
N MET E 64 -9.11 -29.05 3.03
CA MET E 64 -8.79 -27.62 2.97
C MET E 64 -9.26 -26.89 4.21
N ALA E 65 -8.38 -26.04 4.74
CA ALA E 65 -8.75 -25.16 5.82
C ALA E 65 -8.76 -23.75 5.22
N LYS E 66 -8.63 -22.74 6.08
CA LYS E 66 -8.76 -21.35 5.62
C LYS E 66 -7.67 -20.92 4.65
N SER E 67 -7.99 -19.92 3.83
CA SER E 67 -6.97 -19.19 3.11
C SER E 67 -7.03 -17.76 3.60
N VAL E 68 -5.89 -17.08 3.65
CA VAL E 68 -5.89 -15.70 4.12
C VAL E 68 -5.25 -14.83 3.05
N VAL E 69 -5.98 -13.80 2.64
CA VAL E 69 -5.48 -12.82 1.67
C VAL E 69 -5.00 -11.60 2.46
N ALA E 70 -3.72 -11.25 2.32
CA ALA E 70 -3.15 -10.14 3.07
C ALA E 70 -2.35 -9.22 2.14
N PRO E 71 -2.13 -7.96 2.56
CA PRO E 71 -1.36 -7.09 1.66
C PRO E 71 0.10 -7.52 1.58
N ALA E 72 0.74 -7.25 0.45
CA ALA E 72 2.18 -7.44 0.32
C ALA E 72 2.76 -6.10 -0.15
N THR E 73 4.08 -6.00 -0.24
CA THR E 73 4.70 -4.76 -0.72
C THR E 73 4.29 -4.45 -2.15
N ASP E 74 4.28 -3.16 -2.51
CA ASP E 74 4.08 -2.72 -3.89
C ASP E 74 2.74 -3.13 -4.48
N GLY E 75 1.70 -3.09 -3.64
CA GLY E 75 0.34 -3.30 -4.11
C GLY E 75 -0.01 -4.75 -4.36
N GLY E 76 0.88 -5.65 -3.98
CA GLY E 76 0.66 -7.06 -4.20
C GLY E 76 -0.22 -7.68 -3.14
N LEU E 77 -0.48 -8.98 -3.27
CA LEU E 77 -1.22 -9.71 -2.23
C LEU E 77 -0.39 -10.93 -1.84
N ASN E 78 -0.35 -11.22 -0.55
CA ASN E 78 0.17 -12.50 -0.08
C ASN E 78 -1.01 -13.43 0.14
N LEU E 79 -1.01 -14.57 -0.54
CA LEU E 79 -2.11 -15.53 -0.39
C LEU E 79 -1.59 -16.75 0.37
N THR E 80 -2.09 -16.95 1.59
CA THR E 80 -1.66 -18.10 2.40
C THR E 80 -2.78 -19.11 2.55
N SER E 81 -2.57 -20.33 2.06
CA SER E 81 -3.56 -21.38 2.21
C SER E 81 -3.12 -22.38 3.28
N THR E 82 -4.04 -22.70 4.18
CA THR E 82 -3.81 -23.74 5.18
C THR E 82 -4.60 -24.98 4.77
N PHE E 83 -4.02 -26.15 4.99
CA PHE E 83 -4.65 -27.40 4.60
C PHE E 83 -4.10 -28.53 5.44
N LEU E 84 -4.85 -29.63 5.51
CA LEU E 84 -4.47 -30.78 6.33
C LEU E 84 -3.76 -31.83 5.48
N ARG E 85 -2.51 -32.11 5.81
CA ARG E 85 -1.76 -33.19 5.16
C ARG E 85 -1.18 -34.13 6.21
N LYS E 86 -1.48 -35.43 6.06
CA LYS E 86 -1.13 -36.41 7.08
C LYS E 86 -1.65 -35.99 8.43
N ASN E 87 -2.85 -35.40 8.44
CA ASN E 87 -3.49 -34.98 9.67
C ASN E 87 -2.62 -33.96 10.41
N GLN E 88 -1.89 -33.16 9.64
CA GLN E 88 -1.01 -32.12 10.16
C GLN E 88 -1.24 -30.82 9.39
N CYS E 89 -1.43 -29.72 10.11
CA CYS E 89 -1.72 -28.43 9.47
C CYS E 89 -0.51 -27.83 8.78
N GLU E 90 -0.59 -27.67 7.46
CA GLU E 90 0.48 -27.03 6.70
C GLU E 90 -0.05 -25.75 6.05
N THR E 91 0.85 -24.79 5.84
CA THR E 91 0.53 -23.55 5.16
C THR E 91 1.45 -23.35 3.96
N ARG E 92 0.98 -22.58 2.98
CA ARG E 92 1.76 -22.28 1.79
C ARG E 92 1.40 -20.87 1.42
N THR E 93 2.38 -20.03 1.12
CA THR E 93 2.12 -18.63 0.82
C THR E 93 2.57 -18.29 -0.59
N MET E 94 1.71 -17.59 -1.34
CA MET E 94 2.03 -17.21 -2.72
C MET E 94 1.99 -15.69 -2.88
N LEU E 95 2.99 -15.13 -3.54
CA LEU E 95 2.97 -13.69 -3.83
C LEU E 95 2.24 -13.43 -5.14
N LEU E 96 1.21 -12.59 -5.10
CA LEU E 96 0.48 -12.19 -6.29
C LEU E 96 0.79 -10.71 -6.55
N GLN E 97 1.37 -10.40 -7.70
CA GLN E 97 1.66 -9.03 -8.05
C GLN E 97 0.63 -8.47 -9.02
N PRO E 98 0.20 -7.22 -8.81
CA PRO E 98 -0.82 -6.62 -9.68
C PRO E 98 -0.35 -6.66 -11.12
N ALA E 99 -1.22 -7.05 -12.04
CA ALA E 99 -0.85 -7.13 -13.44
C ALA E 99 -2.12 -7.19 -14.28
N GLY E 100 -2.21 -6.30 -15.27
CA GLY E 100 -3.42 -6.22 -16.07
C GLY E 100 -4.48 -5.36 -15.39
N SER E 101 -5.75 -5.63 -15.69
CA SER E 101 -6.83 -4.82 -15.16
C SER E 101 -6.93 -5.01 -13.65
N LEU E 102 -7.62 -4.09 -13.00
CA LEU E 102 -7.73 -4.10 -11.56
C LEU E 102 -8.51 -5.34 -11.14
N GLY E 103 -7.84 -6.22 -10.38
CA GLY E 103 -8.47 -7.47 -9.94
C GLY E 103 -7.71 -8.64 -10.52
N SER E 104 -6.74 -8.33 -11.38
CA SER E 104 -5.89 -9.37 -11.94
C SER E 104 -4.45 -9.25 -11.46
N TYR E 105 -3.80 -10.40 -11.31
CA TYR E 105 -2.48 -10.50 -10.68
C TYR E 105 -1.58 -11.45 -11.44
N SER E 106 -0.28 -11.37 -11.17
CA SER E 106 0.68 -12.29 -11.76
C SER E 106 1.29 -13.09 -10.62
N TYR E 107 1.42 -14.40 -10.80
CA TYR E 107 2.10 -15.24 -9.81
C TYR E 107 3.27 -15.97 -10.46
N ARG E 108 4.46 -15.72 -9.94
CA ARG E 108 5.66 -16.40 -10.43
C ARG E 108 5.92 -17.63 -9.59
N SER E 109 5.75 -18.80 -10.20
CA SER E 109 6.06 -20.04 -9.50
C SER E 109 7.46 -20.52 -9.88
N PRO E 110 8.41 -20.39 -8.94
CA PRO E 110 9.78 -20.81 -9.15
C PRO E 110 9.85 -22.31 -9.39
N HIS E 111 9.00 -23.05 -8.70
CA HIS E 111 8.99 -24.52 -8.81
C HIS E 111 8.54 -25.01 -10.18
N TRP E 112 7.59 -24.32 -10.80
CA TRP E 112 7.06 -24.74 -12.08
C TRP E 112 7.75 -23.96 -13.20
N GLY E 113 8.67 -23.07 -12.81
CA GLY E 113 9.42 -22.27 -13.76
C GLY E 113 8.50 -21.46 -14.67
N SER E 114 7.36 -21.08 -14.11
CA SER E 114 6.27 -20.52 -14.87
C SER E 114 5.61 -19.33 -14.17
N THR E 115 4.90 -18.54 -14.97
CA THR E 115 4.15 -17.41 -14.47
C THR E 115 2.69 -17.63 -14.80
N TYR E 116 1.80 -17.30 -13.86
CA TYR E 116 0.37 -17.52 -14.04
C TYR E 116 -0.36 -16.21 -13.80
N SER E 117 -1.40 -15.94 -14.58
CA SER E 117 -2.30 -14.84 -14.24
C SER E 117 -3.41 -15.37 -13.33
N VAL E 118 -3.81 -14.57 -12.35
CA VAL E 118 -4.88 -14.92 -11.45
C VAL E 118 -5.83 -13.72 -11.40
N SER E 119 -7.11 -13.95 -11.73
CA SER E 119 -8.06 -12.84 -11.81
C SER E 119 -9.28 -13.09 -10.95
N VAL E 120 -9.67 -12.09 -10.18
CA VAL E 120 -10.96 -12.13 -9.51
C VAL E 120 -12.00 -11.75 -10.56
N VAL E 121 -12.70 -12.74 -11.10
CA VAL E 121 -13.65 -12.50 -12.18
C VAL E 121 -14.97 -11.92 -11.67
N GLU E 122 -15.39 -12.34 -10.50
CA GLU E 122 -16.65 -11.90 -9.93
C GLU E 122 -16.64 -12.12 -8.42
N THR E 123 -17.06 -11.11 -7.67
CA THR E 123 -17.12 -11.22 -6.22
C THR E 123 -18.11 -10.22 -5.64
N ASP E 124 -18.73 -10.59 -4.53
CA ASP E 124 -19.57 -9.65 -3.81
C ASP E 124 -18.85 -9.29 -2.51
N TYR E 125 -17.59 -9.72 -2.42
CA TYR E 125 -16.71 -9.48 -1.26
C TYR E 125 -17.11 -10.15 0.03
N ASP E 126 -18.42 -10.20 0.32
CA ASP E 126 -18.91 -10.69 1.62
C ASP E 126 -19.29 -12.16 1.65
N GLN E 127 -19.38 -12.80 0.49
CA GLN E 127 -19.83 -14.19 0.41
C GLN E 127 -18.96 -15.07 -0.49
N TYR E 128 -18.70 -14.61 -1.71
CA TYR E 128 -17.99 -15.44 -2.69
C TYR E 128 -17.05 -14.67 -3.57
N ALA E 129 -16.11 -15.40 -4.17
CA ALA E 129 -15.32 -14.84 -5.25
C ALA E 129 -15.08 -15.96 -6.24
N LEU E 130 -15.28 -15.66 -7.51
CA LEU E 130 -14.97 -16.60 -8.57
C LEU E 130 -13.66 -16.12 -9.15
N LEU E 131 -12.66 -17.00 -9.12
CA LEU E 131 -11.35 -16.68 -9.66
C LEU E 131 -11.08 -17.49 -10.92
N TYR E 132 -10.29 -16.92 -11.81
CA TYR E 132 -9.83 -17.67 -12.97
C TYR E 132 -8.33 -17.47 -13.13
N SER E 133 -7.61 -18.58 -13.25
CA SER E 133 -6.16 -18.57 -13.36
C SER E 133 -5.75 -19.25 -14.66
N GLN E 134 -4.66 -18.77 -15.26
CA GLN E 134 -4.24 -19.23 -16.56
C GLN E 134 -2.74 -19.05 -16.65
N GLY E 135 -2.04 -20.02 -17.24
CA GLY E 135 -0.62 -19.87 -17.48
C GLY E 135 -0.38 -18.70 -18.42
N SER E 136 0.72 -17.98 -18.22
CA SER E 136 1.06 -16.86 -19.11
C SER E 136 2.50 -16.97 -19.63
N LYS E 137 3.35 -17.70 -18.90
CA LYS E 137 4.74 -17.84 -19.33
C LYS E 137 5.36 -19.12 -18.77
N GLY E 138 6.32 -19.69 -19.49
CA GLY E 138 6.92 -20.93 -19.06
C GLY E 138 6.08 -22.16 -19.38
N PRO E 139 6.56 -23.34 -18.96
CA PRO E 139 5.88 -24.60 -19.27
C PRO E 139 4.40 -24.63 -18.88
N GLY E 140 4.02 -23.88 -17.84
CA GLY E 140 2.64 -23.90 -17.39
C GLY E 140 1.67 -23.02 -18.17
N GLU E 141 2.13 -22.49 -19.30
CA GLU E 141 1.33 -21.61 -20.15
C GLU E 141 -0.11 -22.03 -20.47
N ASP E 142 -0.35 -23.33 -20.63
CA ASP E 142 -1.68 -23.82 -21.03
C ASP E 142 -2.53 -24.21 -19.84
N PHE E 143 -2.02 -23.99 -18.63
CA PHE E 143 -2.80 -24.28 -17.43
C PHE E 143 -4.03 -23.37 -17.35
N ARG E 144 -5.15 -23.94 -16.92
CA ARG E 144 -6.39 -23.19 -16.75
C ARG E 144 -7.07 -23.66 -15.48
N MET E 145 -7.55 -22.74 -14.67
CA MET E 145 -8.23 -23.14 -13.45
C MET E 145 -9.27 -22.14 -13.00
N ALA E 146 -10.43 -22.66 -12.62
CA ALA E 146 -11.45 -21.81 -12.01
C ALA E 146 -11.57 -22.17 -10.55
N THR E 147 -11.72 -21.18 -9.69
CA THR E 147 -11.72 -21.44 -8.26
C THR E 147 -12.93 -20.77 -7.66
N LEU E 148 -13.61 -21.47 -6.75
CA LEU E 148 -14.64 -20.84 -5.93
C LEU E 148 -14.07 -20.56 -4.55
N TYR E 149 -13.93 -19.27 -4.22
CA TYR E 149 -13.66 -18.84 -2.85
C TYR E 149 -14.96 -18.48 -2.17
N SER E 150 -15.12 -18.96 -0.93
CA SER E 150 -16.31 -18.68 -0.13
C SER E 150 -15.86 -18.11 1.22
N ARG E 151 -16.59 -17.11 1.73
CA ARG E 151 -16.29 -16.58 3.06
C ARG E 151 -16.70 -17.57 4.15
N THR E 152 -17.53 -18.55 3.80
CA THR E 152 -17.88 -19.59 4.76
C THR E 152 -17.54 -20.95 4.17
N GLN E 153 -17.25 -21.91 5.04
CA GLN E 153 -16.66 -23.17 4.62
C GLN E 153 -17.60 -24.06 3.81
N THR E 154 -18.91 -23.91 3.99
CA THR E 154 -19.86 -24.70 3.21
C THR E 154 -20.80 -23.79 2.42
N PRO E 155 -20.41 -23.41 1.20
CA PRO E 155 -21.24 -22.49 0.42
C PRO E 155 -22.59 -23.12 0.10
N ARG E 156 -23.66 -22.32 0.14
CA ARG E 156 -25.01 -22.80 -0.17
C ARG E 156 -25.16 -23.22 -1.63
N ALA E 157 -26.24 -23.96 -1.93
CA ALA E 157 -26.49 -24.49 -3.25
C ALA E 157 -26.47 -23.42 -4.34
N GLU E 158 -27.03 -22.25 -4.04
CA GLU E 158 -27.09 -21.17 -5.01
C GLU E 158 -25.69 -20.72 -5.44
N LEU E 159 -24.75 -20.72 -4.51
CA LEU E 159 -23.36 -20.36 -4.82
C LEU E 159 -22.64 -21.48 -5.58
N LYS E 160 -22.91 -22.73 -5.21
CA LYS E 160 -22.29 -23.86 -5.91
C LYS E 160 -22.82 -23.92 -7.35
N GLU E 161 -24.10 -23.60 -7.55
CA GLU E 161 -24.68 -23.53 -8.90
C GLU E 161 -24.08 -22.40 -9.72
N LYS E 162 -23.82 -21.27 -9.07
CA LYS E 162 -23.19 -20.15 -9.73
C LYS E 162 -21.79 -20.57 -10.20
N PHE E 163 -21.08 -21.32 -9.36
CA PHE E 163 -19.74 -21.76 -9.70
C PHE E 163 -19.77 -22.76 -10.85
N THR E 164 -20.71 -23.70 -10.79
CA THR E 164 -20.85 -24.68 -11.87
C THR E 164 -21.15 -23.99 -13.22
N ALA E 165 -21.99 -22.95 -13.19
CA ALA E 165 -22.30 -22.19 -14.40
C ALA E 165 -21.05 -21.48 -14.92
N PHE E 166 -20.31 -20.89 -13.99
CA PHE E 166 -19.07 -20.19 -14.30
C PHE E 166 -18.07 -21.12 -14.97
N CYS E 167 -17.87 -22.31 -14.41
CA CYS E 167 -16.92 -23.24 -15.02
C CYS E 167 -17.36 -23.64 -16.43
N LYS E 168 -18.67 -23.86 -16.60
CA LYS E 168 -19.24 -24.18 -17.90
C LYS E 168 -18.90 -23.12 -18.92
N ALA E 169 -19.16 -21.87 -18.56
CA ALA E 169 -18.89 -20.72 -19.41
C ALA E 169 -17.40 -20.62 -19.75
N GLN E 170 -16.56 -21.21 -18.90
CA GLN E 170 -15.12 -21.20 -19.13
C GLN E 170 -14.65 -22.46 -19.87
N GLY E 171 -15.60 -23.29 -20.31
CA GLY E 171 -15.27 -24.45 -21.11
C GLY E 171 -14.66 -25.61 -20.35
N PHE E 172 -14.93 -25.67 -19.05
CA PHE E 172 -14.63 -26.86 -18.26
C PHE E 172 -15.85 -27.78 -18.34
N THR E 173 -15.64 -29.07 -18.60
CA THR E 173 -16.74 -30.03 -18.58
C THR E 173 -17.09 -30.45 -17.16
N GLU E 174 -18.27 -31.03 -16.99
CA GLU E 174 -18.82 -31.29 -15.65
C GLU E 174 -17.94 -32.21 -14.83
N ASP E 175 -17.10 -32.98 -15.52
CA ASP E 175 -16.24 -33.95 -14.88
C ASP E 175 -14.92 -33.36 -14.40
N THR E 176 -14.61 -32.13 -14.81
CA THR E 176 -13.38 -31.48 -14.35
C THR E 176 -13.64 -30.62 -13.13
N ILE E 177 -14.89 -30.57 -12.70
CA ILE E 177 -15.29 -29.70 -11.59
C ILE E 177 -15.32 -30.47 -10.26
N VAL E 178 -14.54 -29.97 -9.29
CA VAL E 178 -14.47 -30.61 -7.98
C VAL E 178 -14.93 -29.65 -6.89
N PHE E 179 -15.77 -30.13 -5.98
CA PHE E 179 -15.98 -29.40 -4.74
C PHE E 179 -15.08 -30.03 -3.68
N LEU E 180 -14.22 -29.20 -3.10
CA LEU E 180 -13.09 -29.67 -2.28
C LEU E 180 -13.52 -30.06 -0.87
N PRO E 181 -12.87 -31.08 -0.31
CA PRO E 181 -13.18 -31.50 1.07
C PRO E 181 -12.66 -30.44 2.02
N GLN E 182 -13.35 -30.26 3.14
CA GLN E 182 -13.02 -29.21 4.09
C GLN E 182 -12.71 -29.82 5.46
N THR E 183 -11.94 -29.11 6.27
CA THR E 183 -11.66 -29.57 7.64
C THR E 183 -11.83 -28.48 8.70
N ASP E 184 -12.15 -28.92 9.91
CA ASP E 184 -12.31 -28.04 11.07
C ASP E 184 -10.99 -27.90 11.85
N LYS E 185 -10.05 -28.80 11.58
CA LYS E 185 -8.72 -28.70 12.17
C LYS E 185 -7.99 -27.50 11.58
N CYS E 186 -6.80 -27.21 12.10
CA CYS E 186 -5.92 -26.15 11.58
C CYS E 186 -6.38 -24.72 11.87
N MET E 187 -7.43 -24.56 12.67
CA MET E 187 -7.91 -23.20 12.94
C MET E 187 -8.15 -22.88 14.40
N THR E 188 -7.06 -22.45 15.06
CA THR E 188 -7.02 -21.88 16.41
C THR E 188 -8.34 -21.81 17.20
N ALA F 23 -1.79 -42.56 -14.93
CA ALA F 23 -1.84 -43.31 -16.19
C ALA F 23 -1.98 -42.38 -17.39
N PRO F 24 -1.46 -42.80 -18.56
CA PRO F 24 -1.58 -42.04 -19.80
C PRO F 24 -3.05 -41.86 -20.18
N GLU F 25 -3.38 -40.74 -20.79
CA GLU F 25 -4.77 -40.44 -21.13
C GLU F 25 -5.28 -41.20 -22.35
N ALA F 26 -4.37 -41.77 -23.14
CA ALA F 26 -4.77 -42.47 -24.36
C ALA F 26 -3.95 -43.72 -24.71
N GLN F 27 -4.58 -44.62 -25.48
CA GLN F 27 -3.93 -45.81 -26.03
C GLN F 27 -3.74 -45.67 -27.53
N VAL F 28 -2.51 -45.37 -27.97
CA VAL F 28 -2.23 -45.18 -29.38
C VAL F 28 -1.69 -46.47 -30.01
N SER F 29 -1.82 -46.61 -31.32
CA SER F 29 -1.21 -47.72 -32.04
C SER F 29 0.31 -47.77 -31.91
N VAL F 30 0.89 -48.96 -32.10
CA VAL F 30 2.35 -49.08 -32.23
C VAL F 30 2.67 -49.80 -33.52
N GLN F 31 3.87 -49.55 -34.06
CA GLN F 31 4.34 -50.21 -35.27
C GLN F 31 4.29 -51.73 -35.05
N PRO F 32 3.58 -52.46 -35.92
CA PRO F 32 3.57 -53.91 -35.80
C PRO F 32 4.95 -54.50 -36.07
N ASN F 33 5.29 -55.58 -35.35
CA ASN F 33 6.61 -56.22 -35.45
C ASN F 33 7.75 -55.21 -35.52
N PHE F 34 7.77 -54.28 -34.56
CA PHE F 34 8.79 -53.24 -34.52
C PHE F 34 10.15 -53.87 -34.37
N GLN F 35 11.08 -53.47 -35.23
CA GLN F 35 12.46 -53.92 -35.14
C GLN F 35 13.34 -52.78 -34.68
N GLN F 36 13.74 -52.82 -33.41
CA GLN F 36 14.46 -51.72 -32.79
C GLN F 36 15.79 -51.46 -33.50
N ASP F 37 16.43 -52.53 -33.95
CA ASP F 37 17.71 -52.43 -34.66
C ASP F 37 17.65 -51.56 -35.91
N LYS F 38 16.51 -51.58 -36.61
CA LYS F 38 16.36 -50.82 -37.83
C LYS F 38 15.97 -49.36 -37.58
N PHE F 39 15.58 -49.06 -36.35
CA PHE F 39 15.16 -47.72 -35.93
C PHE F 39 16.36 -46.90 -35.42
N LEU F 40 17.49 -47.58 -35.21
CA LEU F 40 18.70 -46.89 -34.75
C LEU F 40 19.24 -45.89 -35.78
N GLY F 41 20.05 -44.94 -35.31
CA GLY F 41 20.78 -44.08 -36.23
C GLY F 41 20.29 -42.65 -36.28
N ARG F 42 20.58 -41.98 -37.38
CA ARG F 42 20.32 -40.54 -37.47
C ARG F 42 18.90 -40.24 -37.94
N TRP F 43 18.23 -39.39 -37.19
CA TRP F 43 16.89 -38.95 -37.58
C TRP F 43 16.86 -37.45 -37.49
N PHE F 44 15.86 -36.83 -38.12
CA PHE F 44 15.66 -35.39 -37.96
C PHE F 44 14.26 -35.10 -37.44
N SER F 45 14.18 -34.20 -36.47
CA SER F 45 12.92 -33.83 -35.86
C SER F 45 12.25 -32.80 -36.77
N ALA F 46 11.36 -33.26 -37.64
CA ALA F 46 10.84 -32.43 -38.72
C ALA F 46 9.54 -31.72 -38.35
N GLY F 47 8.72 -32.41 -37.56
CA GLY F 47 7.40 -31.90 -37.22
C GLY F 47 7.01 -32.19 -35.79
N LEU F 48 6.15 -31.35 -35.24
CA LEU F 48 5.76 -31.46 -33.85
C LEU F 48 4.32 -31.01 -33.67
N ALA F 49 3.55 -31.77 -32.89
CA ALA F 49 2.25 -31.30 -32.43
C ALA F 49 2.21 -31.52 -30.93
N SER F 50 1.68 -30.57 -30.18
CA SER F 50 1.66 -30.76 -28.73
C SER F 50 0.59 -29.90 -28.15
N ASN F 51 0.04 -30.34 -27.03
CA ASN F 51 -0.85 -29.49 -26.26
C ASN F 51 -0.08 -28.50 -25.38
N SER F 52 1.26 -28.57 -25.43
CA SER F 52 2.05 -27.55 -24.74
C SER F 52 2.42 -26.40 -25.68
N SER F 53 1.82 -25.23 -25.44
CA SER F 53 2.16 -24.05 -26.21
C SER F 53 3.62 -23.67 -26.01
N TRP F 54 4.10 -23.85 -24.78
CA TRP F 54 5.48 -23.49 -24.44
C TRP F 54 6.47 -24.33 -25.23
N LEU F 55 6.19 -25.62 -25.31
CA LEU F 55 7.03 -26.51 -26.12
C LEU F 55 7.04 -26.09 -27.59
N ARG F 56 5.89 -25.73 -28.14
CA ARG F 56 5.87 -25.31 -29.55
C ARG F 56 6.65 -24.00 -29.74
N GLU F 57 6.45 -23.04 -28.84
CA GLU F 57 7.12 -21.75 -28.96
C GLU F 57 8.63 -21.89 -28.84
N LYS F 58 9.10 -22.67 -27.88
CA LYS F 58 10.53 -22.88 -27.71
C LYS F 58 11.12 -23.64 -28.89
N ALA F 59 10.44 -24.69 -29.34
CA ALA F 59 10.93 -25.46 -30.49
C ALA F 59 11.00 -24.61 -31.74
N ALA F 60 10.01 -23.73 -31.92
CA ALA F 60 9.94 -22.85 -33.08
C ALA F 60 11.15 -21.92 -33.14
N ALA F 61 11.72 -21.62 -31.98
CA ALA F 61 12.79 -20.64 -31.87
C ALA F 61 14.17 -21.27 -32.00
N LEU F 62 14.21 -22.59 -32.05
CA LEU F 62 15.44 -23.33 -32.26
C LEU F 62 15.59 -23.70 -33.73
N SER F 63 16.79 -24.14 -34.11
CA SER F 63 16.95 -24.80 -35.38
C SER F 63 17.40 -26.20 -35.01
N MET F 64 16.70 -27.21 -35.51
CA MET F 64 17.04 -28.58 -35.16
C MET F 64 18.17 -29.13 -36.02
N ALA F 65 19.10 -29.80 -35.37
CA ALA F 65 20.09 -30.59 -36.06
C ALA F 65 19.72 -32.05 -35.80
N LYS F 66 20.67 -32.96 -35.93
CA LYS F 66 20.32 -34.37 -35.92
C LYS F 66 19.85 -34.88 -34.56
N SER F 67 19.04 -35.95 -34.60
CA SER F 67 18.78 -36.74 -33.42
C SER F 67 19.43 -38.09 -33.68
N VAL F 68 20.00 -38.69 -32.64
CA VAL F 68 20.63 -39.99 -32.82
C VAL F 68 19.99 -40.97 -31.86
N VAL F 69 19.58 -42.11 -32.41
CA VAL F 69 18.99 -43.15 -31.58
C VAL F 69 20.03 -44.25 -31.48
N ALA F 70 20.42 -44.59 -30.25
CA ALA F 70 21.42 -45.63 -30.03
C ALA F 70 20.94 -46.61 -28.96
N PRO F 71 21.35 -47.89 -29.07
CA PRO F 71 20.87 -48.83 -28.06
C PRO F 71 21.44 -48.48 -26.69
N ALA F 72 20.66 -48.73 -25.65
CA ALA F 72 21.12 -48.52 -24.29
C ALA F 72 21.39 -49.87 -23.62
N THR F 73 22.40 -49.92 -22.77
CA THR F 73 22.78 -51.11 -21.99
C THR F 73 21.60 -51.96 -21.54
N ASP F 74 20.57 -51.29 -21.04
CA ASP F 74 19.46 -51.92 -20.35
C ASP F 74 18.40 -52.49 -21.28
N GLY F 75 18.61 -52.33 -22.58
CA GLY F 75 17.68 -52.86 -23.57
C GLY F 75 16.81 -51.77 -24.17
N GLY F 76 16.91 -50.56 -23.62
CA GLY F 76 16.18 -49.42 -24.15
C GLY F 76 16.93 -48.67 -25.23
N LEU F 77 16.63 -47.37 -25.36
CA LEU F 77 17.25 -46.54 -26.38
C LEU F 77 17.72 -45.24 -25.76
N ASN F 78 18.88 -44.77 -26.21
CA ASN F 78 19.29 -43.41 -25.88
C ASN F 78 18.98 -42.52 -27.08
N LEU F 79 18.22 -41.47 -26.82
CA LEU F 79 17.87 -40.50 -27.85
C LEU F 79 18.62 -39.21 -27.54
N THR F 80 19.55 -38.84 -28.42
CA THR F 80 20.31 -37.62 -28.23
C THR F 80 19.91 -36.61 -29.30
N SER F 81 19.35 -35.48 -28.88
CA SER F 81 18.92 -34.44 -29.80
C SER F 81 19.92 -33.29 -29.81
N THR F 82 20.30 -32.85 -31.00
CA THR F 82 21.23 -31.74 -31.15
C THR F 82 20.46 -30.59 -31.80
N PHE F 83 20.72 -29.35 -31.34
CA PHE F 83 20.01 -28.20 -31.86
C PHE F 83 20.85 -26.94 -31.71
N LEU F 84 20.46 -25.89 -32.44
CA LEU F 84 21.17 -24.62 -32.36
C LEU F 84 20.35 -23.66 -31.52
N ARG F 85 20.96 -23.14 -30.46
CA ARG F 85 20.28 -22.18 -29.59
C ARG F 85 21.22 -20.99 -29.34
N LYS F 86 20.78 -19.80 -29.73
CA LYS F 86 21.57 -18.58 -29.57
C LYS F 86 23.00 -18.75 -30.07
N ASN F 87 23.11 -19.30 -31.28
CA ASN F 87 24.37 -19.43 -31.99
C ASN F 87 25.30 -20.49 -31.41
N GLN F 88 24.77 -21.33 -30.52
CA GLN F 88 25.53 -22.42 -29.93
C GLN F 88 24.90 -23.77 -30.29
N CYS F 89 25.72 -24.78 -30.59
CA CYS F 89 25.19 -26.13 -30.73
C CYS F 89 25.10 -26.74 -29.36
N GLU F 90 23.97 -27.37 -29.05
CA GLU F 90 23.78 -28.02 -27.75
C GLU F 90 23.12 -29.37 -27.92
N THR F 91 23.20 -30.21 -26.89
CA THR F 91 22.65 -31.55 -26.98
C THR F 91 21.83 -31.85 -25.74
N ARG F 92 20.84 -32.71 -25.89
CA ARG F 92 20.11 -33.23 -24.74
C ARG F 92 19.95 -34.73 -25.00
N THR F 93 20.13 -35.54 -23.97
CA THR F 93 19.99 -36.98 -24.14
C THR F 93 18.86 -37.51 -23.26
N MET F 94 18.08 -38.46 -23.79
CA MET F 94 17.00 -39.05 -22.99
C MET F 94 17.10 -40.57 -23.08
N LEU F 95 17.05 -41.21 -21.92
CA LEU F 95 17.00 -42.66 -21.88
C LEU F 95 15.56 -43.13 -22.01
N LEU F 96 15.28 -43.94 -23.02
CA LEU F 96 13.95 -44.53 -23.19
C LEU F 96 14.04 -45.98 -22.76
N GLN F 97 13.47 -46.27 -21.60
CA GLN F 97 13.45 -47.62 -21.05
C GLN F 97 12.35 -48.41 -21.73
N PRO F 98 12.59 -49.70 -21.99
CA PRO F 98 11.54 -50.51 -22.63
C PRO F 98 10.33 -50.59 -21.72
N ALA F 99 9.12 -50.49 -22.28
CA ALA F 99 7.92 -50.49 -21.45
C ALA F 99 7.27 -51.87 -21.28
N GLY F 100 7.71 -52.84 -22.07
CA GLY F 100 7.17 -54.20 -21.93
C GLY F 100 6.57 -54.71 -23.24
N SER F 101 6.15 -53.78 -24.10
CA SER F 101 5.54 -54.12 -25.40
C SER F 101 6.41 -53.54 -26.49
N LEU F 102 6.60 -54.28 -27.59
CA LEU F 102 7.44 -53.85 -28.71
C LEU F 102 7.01 -52.47 -29.23
N GLY F 103 7.97 -51.57 -29.34
CA GLY F 103 7.71 -50.24 -29.87
C GLY F 103 7.31 -49.24 -28.81
N SER F 104 7.18 -49.70 -27.57
CA SER F 104 6.77 -48.84 -26.46
C SER F 104 7.86 -48.64 -25.43
N TYR F 105 8.02 -47.40 -24.97
CA TYR F 105 9.08 -47.04 -24.04
C TYR F 105 8.56 -46.10 -22.95
N SER F 106 9.31 -45.96 -21.86
CA SER F 106 8.95 -44.98 -20.82
C SER F 106 10.15 -44.09 -20.56
N TYR F 107 9.89 -42.84 -20.25
CA TYR F 107 10.95 -41.88 -19.98
C TYR F 107 10.68 -41.19 -18.66
N ARG F 108 11.61 -41.33 -17.73
CA ARG F 108 11.45 -40.74 -16.42
C ARG F 108 12.23 -39.44 -16.34
N SER F 109 11.55 -38.35 -16.00
CA SER F 109 12.19 -37.05 -15.89
C SER F 109 12.12 -36.50 -14.47
N PRO F 110 13.28 -36.48 -13.79
CA PRO F 110 13.34 -35.84 -12.47
C PRO F 110 13.01 -34.35 -12.57
N HIS F 111 13.50 -33.71 -13.62
CA HIS F 111 13.30 -32.28 -13.82
C HIS F 111 11.82 -31.92 -13.96
N TRP F 112 11.08 -32.75 -14.70
CA TRP F 112 9.64 -32.53 -14.86
C TRP F 112 8.85 -33.27 -13.79
N GLY F 113 9.56 -34.03 -12.95
CA GLY F 113 8.93 -34.80 -11.88
C GLY F 113 7.88 -35.76 -12.39
N SER F 114 8.10 -36.26 -13.59
CA SER F 114 7.06 -37.03 -14.28
C SER F 114 7.67 -38.17 -15.08
N THR F 115 6.83 -39.15 -15.41
CA THR F 115 7.19 -40.21 -16.35
C THR F 115 6.28 -40.12 -17.58
N TYR F 116 6.83 -40.43 -18.74
CA TYR F 116 6.12 -40.28 -20.00
C TYR F 116 6.17 -41.58 -20.78
N SER F 117 5.03 -41.93 -21.37
CA SER F 117 4.96 -43.04 -22.30
C SER F 117 5.45 -42.57 -23.67
N VAL F 118 6.28 -43.37 -24.35
CA VAL F 118 6.73 -42.98 -25.68
C VAL F 118 6.53 -44.16 -26.61
N SER F 119 5.73 -43.98 -27.66
CA SER F 119 5.40 -45.06 -28.58
C SER F 119 5.83 -44.76 -30.01
N VAL F 120 6.48 -45.72 -30.66
CA VAL F 120 6.70 -45.61 -32.11
C VAL F 120 5.42 -46.12 -32.78
N VAL F 121 4.59 -45.17 -33.21
CA VAL F 121 3.28 -45.47 -33.75
C VAL F 121 3.36 -46.11 -35.13
N GLU F 122 4.21 -45.57 -35.98
CA GLU F 122 4.37 -46.05 -37.34
C GLU F 122 5.77 -45.71 -37.82
N THR F 123 6.43 -46.64 -38.49
CA THR F 123 7.69 -46.31 -39.14
C THR F 123 7.99 -47.25 -40.29
N ASP F 124 8.68 -46.75 -41.31
CA ASP F 124 9.22 -47.61 -42.37
C ASP F 124 10.73 -47.71 -42.27
N TYR F 125 11.26 -47.21 -41.15
CA TYR F 125 12.68 -47.30 -40.79
C TYR F 125 13.62 -46.46 -41.65
N ASP F 126 13.40 -46.48 -42.96
CA ASP F 126 14.29 -45.80 -43.89
C ASP F 126 13.86 -44.39 -44.30
N GLN F 127 12.62 -44.00 -44.01
CA GLN F 127 12.14 -42.67 -44.38
C GLN F 127 11.59 -41.84 -43.21
N TYR F 128 10.68 -42.45 -42.45
CA TYR F 128 10.01 -41.72 -41.37
C TYR F 128 9.63 -42.58 -40.18
N ALA F 129 9.30 -41.89 -39.10
CA ALA F 129 8.73 -42.54 -37.93
C ALA F 129 7.76 -41.54 -37.34
N LEU F 130 6.57 -42.02 -36.96
CA LEU F 130 5.66 -41.18 -36.20
C LEU F 130 5.75 -41.62 -34.75
N LEU F 131 6.05 -40.68 -33.84
CA LEU F 131 6.13 -41.01 -32.43
C LEU F 131 4.99 -40.32 -31.68
N TYR F 132 4.50 -40.97 -30.62
CA TYR F 132 3.53 -40.32 -29.72
C TYR F 132 3.97 -40.44 -28.28
N SER F 133 4.04 -39.30 -27.60
CA SER F 133 4.50 -39.27 -26.23
C SER F 133 3.41 -38.64 -25.36
N GLN F 134 3.21 -39.21 -24.18
CA GLN F 134 2.21 -38.65 -23.27
C GLN F 134 2.61 -38.93 -21.83
N GLY F 135 2.23 -38.03 -20.92
CA GLY F 135 2.54 -38.22 -19.51
C GLY F 135 1.86 -39.48 -18.99
N SER F 136 2.48 -40.18 -18.03
CA SER F 136 1.86 -41.35 -17.45
C SER F 136 1.80 -41.28 -15.92
N LYS F 137 2.63 -40.43 -15.35
CA LYS F 137 2.65 -40.21 -13.91
C LYS F 137 3.22 -38.82 -13.63
N GLY F 138 2.69 -38.15 -12.61
CA GLY F 138 3.21 -36.86 -12.23
C GLY F 138 2.45 -35.71 -12.85
N PRO F 139 2.88 -34.46 -12.56
CA PRO F 139 2.25 -33.26 -13.09
C PRO F 139 2.17 -33.23 -14.61
N GLY F 140 3.07 -33.95 -15.27
CA GLY F 140 3.10 -33.96 -16.72
C GLY F 140 2.20 -35.00 -17.34
N GLU F 141 1.30 -35.59 -16.56
CA GLU F 141 0.44 -36.63 -17.11
C GLU F 141 -0.60 -36.12 -18.11
N ASP F 142 -0.77 -34.81 -18.20
CA ASP F 142 -1.70 -34.28 -19.19
C ASP F 142 -1.00 -33.91 -20.48
N PHE F 143 0.33 -33.97 -20.46
CA PHE F 143 1.13 -33.66 -21.65
C PHE F 143 0.91 -34.67 -22.78
N ARG F 144 0.95 -34.17 -24.01
CA ARG F 144 0.88 -35.06 -25.16
C ARG F 144 1.56 -34.40 -26.33
N MET F 145 2.24 -35.21 -27.12
CA MET F 145 3.01 -34.70 -28.25
C MET F 145 3.11 -35.75 -29.33
N ALA F 146 2.97 -35.34 -30.59
CA ALA F 146 3.25 -36.24 -31.70
C ALA F 146 4.49 -35.71 -32.39
N THR F 147 5.36 -36.61 -32.82
CA THR F 147 6.58 -36.19 -33.50
C THR F 147 6.70 -36.84 -34.87
N LEU F 148 7.09 -36.04 -35.86
CA LEU F 148 7.53 -36.57 -37.15
C LEU F 148 9.05 -36.62 -37.17
N TYR F 149 9.60 -37.84 -37.13
CA TYR F 149 11.03 -38.07 -37.37
C TYR F 149 11.21 -38.42 -38.83
N SER F 150 12.20 -37.80 -39.45
CA SER F 150 12.47 -38.05 -40.85
C SER F 150 13.94 -38.40 -40.99
N ARG F 151 14.26 -39.33 -41.88
CA ARG F 151 15.66 -39.64 -42.14
C ARG F 151 16.37 -38.49 -42.89
N THR F 152 15.60 -37.54 -43.42
CA THR F 152 16.19 -36.36 -44.07
C THR F 152 15.65 -35.08 -43.45
N GLN F 153 16.37 -33.97 -43.59
CA GLN F 153 15.91 -32.72 -42.99
C GLN F 153 14.75 -32.08 -43.75
N THR F 154 14.48 -32.56 -44.95
CA THR F 154 13.38 -32.04 -45.73
C THR F 154 12.45 -33.14 -46.19
N PRO F 155 11.55 -33.59 -45.30
CA PRO F 155 10.59 -34.64 -45.66
C PRO F 155 9.64 -34.16 -46.76
N ARG F 156 9.25 -35.04 -47.66
CA ARG F 156 8.42 -34.65 -48.78
C ARG F 156 6.99 -34.37 -48.33
N ALA F 157 6.19 -33.79 -49.22
CA ALA F 157 4.82 -33.40 -48.91
C ALA F 157 3.97 -34.53 -48.38
N GLU F 158 4.04 -35.70 -49.03
CA GLU F 158 3.22 -36.84 -48.62
C GLU F 158 3.46 -37.21 -47.15
N LEU F 159 4.70 -37.07 -46.71
CA LEU F 159 5.03 -37.38 -45.32
C LEU F 159 4.46 -36.34 -44.37
N LYS F 160 4.54 -35.07 -44.76
CA LYS F 160 3.97 -34.02 -43.92
C LYS F 160 2.45 -34.20 -43.81
N GLU F 161 1.81 -34.57 -44.92
CA GLU F 161 0.38 -34.88 -44.93
C GLU F 161 0.04 -36.07 -44.04
N LYS F 162 0.86 -37.13 -44.14
CA LYS F 162 0.69 -38.29 -43.27
C LYS F 162 0.72 -37.87 -41.80
N PHE F 163 1.67 -37.01 -41.45
CA PHE F 163 1.84 -36.54 -40.07
C PHE F 163 0.65 -35.69 -39.62
N THR F 164 0.26 -34.75 -40.48
CA THR F 164 -0.87 -33.88 -40.16
C THR F 164 -2.15 -34.69 -39.94
N ALA F 165 -2.35 -35.71 -40.78
CA ALA F 165 -3.52 -36.58 -40.62
C ALA F 165 -3.43 -37.38 -39.33
N PHE F 166 -2.23 -37.83 -38.98
CA PHE F 166 -2.05 -38.55 -37.73
C PHE F 166 -2.39 -37.66 -36.55
N CYS F 167 -1.88 -36.42 -36.58
CA CYS F 167 -2.13 -35.49 -35.50
C CYS F 167 -3.62 -35.17 -35.35
N LYS F 168 -4.28 -34.89 -36.46
CA LYS F 168 -5.73 -34.68 -36.42
C LYS F 168 -6.47 -35.86 -35.80
N ALA F 169 -6.11 -37.08 -36.21
CA ALA F 169 -6.72 -38.30 -35.67
C ALA F 169 -6.56 -38.40 -34.15
N GLN F 170 -5.47 -37.84 -33.64
CA GLN F 170 -5.21 -37.85 -32.21
C GLN F 170 -5.79 -36.61 -31.52
N GLY F 171 -6.57 -35.83 -32.25
CA GLY F 171 -7.24 -34.69 -31.65
C GLY F 171 -6.40 -33.42 -31.52
N PHE F 172 -5.26 -33.38 -32.20
CA PHE F 172 -4.50 -32.14 -32.28
C PHE F 172 -5.14 -31.24 -33.33
N THR F 173 -5.37 -29.97 -32.98
CA THR F 173 -5.95 -29.03 -33.91
C THR F 173 -4.86 -28.41 -34.78
N GLU F 174 -5.28 -27.85 -35.91
CA GLU F 174 -4.38 -27.26 -36.91
C GLU F 174 -3.35 -26.30 -36.29
N ASP F 175 -3.79 -25.54 -35.31
CA ASP F 175 -2.96 -24.52 -34.67
C ASP F 175 -1.92 -25.07 -33.68
N THR F 176 -1.96 -26.38 -33.42
CA THR F 176 -1.01 -26.96 -32.46
C THR F 176 -0.01 -27.87 -33.16
N ILE F 177 -0.04 -27.84 -34.49
CA ILE F 177 0.87 -28.61 -35.33
C ILE F 177 1.86 -27.65 -36.00
N VAL F 178 3.15 -27.88 -35.81
CA VAL F 178 4.14 -27.03 -36.45
C VAL F 178 5.23 -27.87 -37.10
N PHE F 179 5.82 -27.33 -38.16
CA PHE F 179 7.03 -27.92 -38.69
C PHE F 179 8.25 -27.09 -38.25
N LEU F 180 9.37 -27.76 -38.05
CA LEU F 180 10.49 -27.14 -37.33
C LEU F 180 11.62 -26.68 -38.23
N PRO F 181 12.20 -25.50 -37.93
CA PRO F 181 13.38 -25.02 -38.65
C PRO F 181 14.52 -26.02 -38.46
N GLN F 182 15.36 -26.14 -39.49
CA GLN F 182 16.47 -27.09 -39.49
C GLN F 182 17.76 -26.34 -39.71
N THR F 183 18.88 -26.91 -39.27
CA THR F 183 20.19 -26.30 -39.50
C THR F 183 21.20 -27.37 -39.90
N ASP F 184 22.24 -27.00 -40.65
CA ASP F 184 23.30 -27.96 -40.95
C ASP F 184 24.58 -27.58 -40.21
N LYS F 185 24.44 -26.65 -39.27
CA LYS F 185 25.51 -26.42 -38.32
C LYS F 185 25.41 -27.57 -37.31
N CYS F 186 26.30 -27.61 -36.33
CA CYS F 186 26.22 -28.63 -35.28
C CYS F 186 26.45 -30.08 -35.72
N MET F 187 26.74 -30.31 -36.99
CA MET F 187 26.98 -31.68 -37.41
C MET F 187 27.80 -31.78 -38.69
N THR F 188 28.47 -32.92 -38.85
CA THR F 188 29.16 -33.22 -40.09
C THR F 188 28.62 -34.52 -40.65
N GLU F 189 28.70 -34.66 -41.97
CA GLU F 189 28.28 -35.88 -42.63
C GLU F 189 29.50 -36.75 -42.96
N ALA G 23 -4.41 17.29 -38.86
CA ALA G 23 -5.77 17.72 -38.55
C ALA G 23 -6.61 16.54 -38.04
N PRO G 24 -7.53 16.82 -37.11
CA PRO G 24 -8.43 15.80 -36.52
C PRO G 24 -9.40 15.21 -37.55
N GLU G 25 -9.77 13.94 -37.38
CA GLU G 25 -10.64 13.24 -38.33
C GLU G 25 -12.14 13.57 -38.22
N ALA G 26 -12.51 14.35 -37.20
CA ALA G 26 -13.92 14.71 -37.01
C ALA G 26 -14.18 16.07 -36.35
N GLN G 27 -15.19 16.77 -36.84
CA GLN G 27 -15.71 17.97 -36.19
C GLN G 27 -16.85 17.57 -35.26
N VAL G 28 -16.66 17.75 -33.95
CA VAL G 28 -17.72 17.44 -32.99
C VAL G 28 -18.39 18.72 -32.49
N SER G 29 -19.61 18.59 -31.99
CA SER G 29 -20.30 19.72 -31.38
C SER G 29 -19.56 20.14 -30.11
N VAL G 30 -19.73 21.40 -29.70
CA VAL G 30 -19.24 21.89 -28.42
C VAL G 30 -20.41 22.46 -27.63
N GLN G 31 -20.28 22.53 -26.30
CA GLN G 31 -21.34 23.06 -25.45
C GLN G 31 -21.58 24.52 -25.78
N PRO G 32 -22.83 24.88 -26.11
CA PRO G 32 -23.13 26.28 -26.45
C PRO G 32 -22.93 27.18 -25.24
N ASN G 33 -22.41 28.38 -25.44
CA ASN G 33 -22.14 29.34 -24.36
C ASN G 33 -21.40 28.71 -23.18
N PHE G 34 -20.38 27.91 -23.49
CA PHE G 34 -19.60 27.23 -22.47
C PHE G 34 -19.05 28.22 -21.46
N GLN G 35 -19.28 27.97 -20.18
CA GLN G 35 -18.78 28.83 -19.13
C GLN G 35 -17.68 28.13 -18.34
N GLN G 36 -16.43 28.44 -18.68
CA GLN G 36 -15.26 27.85 -18.04
C GLN G 36 -15.30 27.91 -16.51
N ASP G 37 -15.83 29.01 -15.96
CA ASP G 37 -15.94 29.16 -14.51
C ASP G 37 -16.77 28.05 -13.85
N LYS G 38 -17.92 27.73 -14.43
CA LYS G 38 -18.79 26.72 -13.86
C LYS G 38 -18.27 25.31 -14.09
N PHE G 39 -17.23 25.18 -14.92
CA PHE G 39 -16.66 23.87 -15.26
C PHE G 39 -15.51 23.49 -14.31
N LEU G 40 -15.07 24.44 -13.50
CA LEU G 40 -13.95 24.20 -12.57
C LEU G 40 -14.35 23.27 -11.43
N GLY G 41 -13.33 22.78 -10.72
CA GLY G 41 -13.55 22.04 -9.49
C GLY G 41 -13.43 20.55 -9.65
N ARG G 42 -14.00 19.81 -8.72
CA ARG G 42 -13.81 18.36 -8.67
C ARG G 42 -14.76 17.57 -9.58
N TRP G 43 -14.18 16.71 -10.41
CA TRP G 43 -14.95 15.82 -11.26
C TRP G 43 -14.48 14.39 -11.02
N PHE G 44 -15.25 13.42 -11.50
CA PHE G 44 -14.82 12.03 -11.42
C PHE G 44 -14.81 11.44 -12.83
N SER G 45 -13.72 10.77 -13.18
CA SER G 45 -13.59 10.18 -14.50
C SER G 45 -14.29 8.83 -14.46
N ALA G 46 -15.52 8.81 -14.94
CA ALA G 46 -16.44 7.70 -14.68
C ALA G 46 -16.55 6.74 -15.86
N GLY G 47 -16.30 7.25 -17.06
CA GLY G 47 -16.37 6.36 -18.21
C GLY G 47 -15.51 6.82 -19.36
N LEU G 48 -15.18 5.90 -20.25
CA LEU G 48 -14.52 6.31 -21.46
C LEU G 48 -14.80 5.33 -22.57
N ALA G 49 -14.65 5.80 -23.80
CA ALA G 49 -14.66 4.93 -24.97
C ALA G 49 -13.46 5.34 -25.77
N SER G 50 -12.74 4.39 -26.34
CA SER G 50 -11.58 4.76 -27.16
C SER G 50 -11.32 3.69 -28.20
N ASN G 51 -10.74 4.09 -29.32
CA ASN G 51 -10.36 3.14 -30.34
C ASN G 51 -8.99 2.53 -30.07
N SER G 52 -8.38 2.94 -28.96
CA SER G 52 -7.13 2.36 -28.48
C SER G 52 -7.40 1.28 -27.44
N SER G 53 -7.19 0.03 -27.81
CA SER G 53 -7.39 -1.08 -26.87
C SER G 53 -6.44 -0.93 -25.69
N TRP G 54 -5.23 -0.48 -25.98
CA TRP G 54 -4.21 -0.32 -24.96
C TRP G 54 -4.65 0.68 -23.90
N LEU G 55 -5.16 1.83 -24.36
CA LEU G 55 -5.64 2.83 -23.44
C LEU G 55 -6.77 2.30 -22.57
N ARG G 56 -7.74 1.61 -23.18
CA ARG G 56 -8.84 1.04 -22.40
C ARG G 56 -8.32 0.10 -21.32
N GLU G 57 -7.28 -0.67 -21.64
CA GLU G 57 -6.72 -1.66 -20.73
C GLU G 57 -5.92 -1.00 -19.60
N LYS G 58 -5.14 0.01 -19.93
CA LYS G 58 -4.38 0.73 -18.92
C LYS G 58 -5.31 1.49 -17.99
N ALA G 59 -6.36 2.10 -18.54
CA ALA G 59 -7.32 2.82 -17.73
C ALA G 59 -8.04 1.89 -16.74
N ALA G 60 -8.32 0.66 -17.18
CA ALA G 60 -9.09 -0.27 -16.37
C ALA G 60 -8.23 -0.90 -15.30
N ALA G 61 -6.94 -0.61 -15.33
CA ALA G 61 -6.01 -1.06 -14.30
C ALA G 61 -5.92 -0.04 -13.19
N LEU G 62 -6.47 1.15 -13.42
CA LEU G 62 -6.30 2.29 -12.52
C LEU G 62 -7.60 2.66 -11.81
N SER G 63 -7.64 2.49 -10.50
CA SER G 63 -8.81 2.91 -9.76
C SER G 63 -8.80 4.44 -9.61
N MET G 64 -9.85 5.10 -10.10
CA MET G 64 -9.87 6.57 -10.21
C MET G 64 -10.35 7.25 -8.91
N ALA G 65 -9.60 8.23 -8.43
CA ALA G 65 -9.97 8.93 -7.19
C ALA G 65 -10.77 10.21 -7.41
N LYS G 66 -10.13 11.27 -7.90
CA LYS G 66 -10.81 12.50 -8.30
C LYS G 66 -10.05 13.18 -9.43
N SER G 67 -10.74 13.97 -10.23
CA SER G 67 -10.06 14.83 -11.19
C SER G 67 -10.38 16.26 -10.80
N VAL G 68 -9.41 17.15 -10.93
CA VAL G 68 -9.63 18.54 -10.57
C VAL G 68 -9.35 19.44 -11.75
N VAL G 69 -10.32 20.32 -12.07
CA VAL G 69 -10.14 21.26 -13.17
C VAL G 69 -9.90 22.64 -12.55
N ALA G 70 -8.84 23.31 -13.00
CA ALA G 70 -8.44 24.59 -12.41
C ALA G 70 -7.92 25.49 -13.51
N PRO G 71 -8.05 26.81 -13.33
CA PRO G 71 -7.53 27.73 -14.35
C PRO G 71 -6.01 27.61 -14.49
N ALA G 72 -5.51 27.70 -15.71
CA ALA G 72 -4.07 27.64 -15.95
C ALA G 72 -3.60 28.97 -16.53
N THR G 73 -2.30 29.16 -16.63
CA THR G 73 -1.80 30.39 -17.23
C THR G 73 -2.23 30.42 -18.70
N ASP G 74 -2.29 31.62 -19.25
CA ASP G 74 -2.61 31.78 -20.68
C ASP G 74 -3.96 31.20 -21.10
N GLY G 75 -4.93 31.24 -20.18
CA GLY G 75 -6.32 31.01 -20.51
C GLY G 75 -6.74 29.56 -20.63
N GLY G 76 -5.81 28.65 -20.37
CA GLY G 76 -6.11 27.23 -20.47
C GLY G 76 -6.65 26.60 -19.20
N LEU G 77 -6.71 25.28 -19.18
CA LEU G 77 -7.16 24.55 -18.01
C LEU G 77 -6.11 23.53 -17.62
N ASN G 78 -5.83 23.42 -16.33
CA ASN G 78 -5.07 22.30 -15.80
C ASN G 78 -6.02 21.22 -15.30
N LEU G 79 -5.81 20.01 -15.81
CA LEU G 79 -6.65 18.86 -15.49
C LEU G 79 -5.77 17.91 -14.69
N THR G 80 -6.02 17.83 -13.38
CA THR G 80 -5.16 17.05 -12.49
C THR G 80 -5.89 15.79 -12.06
N SER G 81 -5.36 14.63 -12.46
CA SER G 81 -6.03 13.37 -12.20
C SER G 81 -5.30 12.59 -11.11
N THR G 82 -6.06 12.10 -10.13
CA THR G 82 -5.49 11.30 -9.05
C THR G 82 -6.06 9.90 -9.19
N PHE G 83 -5.22 8.88 -9.04
CA PHE G 83 -5.68 7.50 -9.20
C PHE G 83 -4.79 6.55 -8.45
N LEU G 84 -5.30 5.33 -8.19
CA LEU G 84 -4.46 4.25 -7.64
C LEU G 84 -3.77 3.54 -8.80
N ARG G 85 -2.45 3.38 -8.69
CA ARG G 85 -1.70 2.49 -9.57
C ARG G 85 -0.93 1.50 -8.72
N LYS G 86 -1.19 0.22 -8.93
CA LYS G 86 -0.65 -0.85 -8.08
C LYS G 86 -0.84 -0.53 -6.61
N ASN G 87 -2.09 -0.22 -6.23
CA ASN G 87 -2.48 0.17 -4.87
C ASN G 87 -1.74 1.38 -4.28
N GLN G 88 -1.16 2.21 -5.15
CA GLN G 88 -0.38 3.36 -4.73
C GLN G 88 -0.89 4.64 -5.40
N CYS G 89 -1.16 5.67 -4.60
CA CYS G 89 -1.74 6.94 -5.09
C CYS G 89 -0.79 7.66 -6.05
N GLU G 90 -1.33 8.17 -7.16
CA GLU G 90 -0.51 8.89 -8.12
C GLU G 90 -1.29 10.07 -8.68
N THR G 91 -0.56 11.12 -9.06
CA THR G 91 -1.19 12.33 -9.56
C THR G 91 -0.54 12.71 -10.88
N ARG G 92 -1.35 13.02 -11.89
CA ARG G 92 -0.83 13.47 -13.18
C ARG G 92 -1.54 14.77 -13.54
N THR G 93 -0.81 15.73 -14.12
CA THR G 93 -1.49 16.95 -14.56
C THR G 93 -1.33 17.12 -16.07
N MET G 94 -2.41 17.50 -16.73
CA MET G 94 -2.37 17.77 -18.17
C MET G 94 -2.80 19.21 -18.39
N LEU G 95 -2.07 19.91 -19.25
CA LEU G 95 -2.43 21.28 -19.61
C LEU G 95 -3.29 21.27 -20.86
N LEU G 96 -4.51 21.79 -20.75
CA LEU G 96 -5.35 21.97 -21.93
C LEU G 96 -5.26 23.44 -22.35
N GLN G 97 -4.55 23.70 -23.45
CA GLN G 97 -4.38 25.06 -23.93
C GLN G 97 -5.62 25.44 -24.72
N PRO G 98 -5.99 26.71 -24.70
CA PRO G 98 -7.21 27.09 -25.41
C PRO G 98 -6.99 26.93 -26.90
N ALA G 99 -8.01 26.49 -27.63
CA ALA G 99 -7.83 26.23 -29.06
C ALA G 99 -8.31 27.38 -29.93
N GLY G 100 -9.05 28.31 -29.34
CA GLY G 100 -9.50 29.46 -30.10
C GLY G 100 -10.99 29.68 -30.01
N SER G 101 -11.73 28.61 -29.78
CA SER G 101 -13.17 28.67 -29.67
C SER G 101 -13.64 28.14 -28.32
N LEU G 102 -14.73 28.73 -27.81
CA LEU G 102 -15.31 28.35 -26.53
C LEU G 102 -15.55 26.85 -26.43
N GLY G 103 -14.98 26.23 -25.40
CA GLY G 103 -15.18 24.82 -25.13
C GLY G 103 -14.13 23.92 -25.75
N SER G 104 -13.19 24.52 -26.49
CA SER G 104 -12.23 23.73 -27.28
C SER G 104 -10.81 24.00 -26.83
N TYR G 105 -10.05 22.91 -26.69
CA TYR G 105 -8.71 22.98 -26.15
C TYR G 105 -7.78 22.06 -26.94
N SER G 106 -6.48 22.20 -26.71
CA SER G 106 -5.52 21.32 -27.34
C SER G 106 -4.56 20.80 -26.28
N TYR G 107 -4.12 19.55 -26.43
CA TYR G 107 -3.18 18.95 -25.49
C TYR G 107 -1.97 18.44 -26.26
N ARG G 108 -0.79 18.97 -25.93
CA ARG G 108 0.42 18.58 -26.62
C ARG G 108 1.18 17.57 -25.78
N SER G 109 1.54 16.44 -26.39
CA SER G 109 2.21 15.37 -25.66
C SER G 109 3.55 15.02 -26.30
N PRO G 110 4.64 15.49 -25.69
CA PRO G 110 6.00 15.16 -26.12
C PRO G 110 6.18 13.65 -26.15
N HIS G 111 5.63 12.97 -25.14
CA HIS G 111 5.78 11.51 -25.01
C HIS G 111 5.16 10.75 -26.19
N TRP G 112 3.97 11.18 -26.63
CA TRP G 112 3.32 10.55 -27.77
C TRP G 112 3.71 11.21 -29.09
N GLY G 113 4.54 12.25 -29.01
CA GLY G 113 4.95 13.02 -30.18
C GLY G 113 3.76 13.57 -30.92
N SER G 114 2.69 13.83 -30.17
CA SER G 114 1.40 14.17 -30.76
C SER G 114 0.68 15.33 -30.06
N THR G 115 -0.21 15.98 -30.79
CA THR G 115 -1.14 16.94 -30.20
C THR G 115 -2.57 16.43 -30.38
N TYR G 116 -3.43 16.73 -29.41
CA TYR G 116 -4.81 16.25 -29.42
C TYR G 116 -5.77 17.41 -29.24
N SER G 117 -6.85 17.41 -30.01
CA SER G 117 -7.95 18.35 -29.81
C SER G 117 -8.85 17.78 -28.73
N VAL G 118 -9.28 18.63 -27.79
CA VAL G 118 -10.17 18.21 -26.71
C VAL G 118 -11.35 19.17 -26.67
N SER G 119 -12.56 18.65 -26.84
CA SER G 119 -13.75 19.48 -26.89
C SER G 119 -14.69 19.09 -25.76
N VAL G 120 -15.22 20.09 -25.07
CA VAL G 120 -16.31 19.87 -24.12
C VAL G 120 -17.59 19.86 -24.95
N VAL G 121 -18.07 18.66 -25.26
CA VAL G 121 -19.18 18.50 -26.21
C VAL G 121 -20.48 18.93 -25.56
N GLU G 122 -20.67 18.54 -24.30
CA GLU G 122 -21.91 18.79 -23.62
C GLU G 122 -21.66 18.76 -22.12
N THR G 123 -22.20 19.75 -21.41
CA THR G 123 -22.15 19.74 -19.94
C THR G 123 -23.28 20.55 -19.33
N ASP G 124 -23.78 20.12 -18.19
CA ASP G 124 -24.74 20.92 -17.47
C ASP G 124 -24.05 21.51 -16.24
N TYR G 125 -22.73 21.33 -16.19
CA TYR G 125 -21.87 21.86 -15.12
C TYR G 125 -22.08 21.25 -13.74
N ASP G 126 -23.32 20.93 -13.41
CA ASP G 126 -23.65 20.46 -12.07
C ASP G 126 -23.72 18.94 -11.94
N GLN G 127 -23.79 18.22 -13.04
CA GLN G 127 -23.93 16.78 -12.95
C GLN G 127 -22.93 16.02 -13.82
N TYR G 128 -22.70 16.51 -15.04
CA TYR G 128 -21.91 15.74 -15.98
C TYR G 128 -21.22 16.61 -17.04
N ALA G 129 -20.18 16.06 -17.65
CA ALA G 129 -19.57 16.69 -18.82
C ALA G 129 -19.15 15.58 -19.77
N LEU G 130 -19.46 15.74 -21.05
CA LEU G 130 -19.04 14.76 -22.06
C LEU G 130 -17.94 15.41 -22.86
N LEU G 131 -16.77 14.79 -22.90
CA LEU G 131 -15.63 15.33 -23.64
C LEU G 131 -15.31 14.41 -24.82
N TYR G 132 -14.82 15.00 -25.91
CA TYR G 132 -14.34 14.19 -27.02
C TYR G 132 -12.92 14.64 -27.38
N SER G 133 -11.99 13.69 -27.42
CA SER G 133 -10.60 14.02 -27.76
C SER G 133 -10.15 13.22 -28.97
N GLN G 134 -9.34 13.85 -29.80
CA GLN G 134 -8.85 13.17 -30.98
C GLN G 134 -7.51 13.77 -31.35
N GLY G 135 -6.65 12.96 -31.95
CA GLY G 135 -5.35 13.47 -32.37
C GLY G 135 -5.54 14.49 -33.48
N SER G 136 -4.71 15.54 -33.45
CA SER G 136 -4.70 16.51 -34.53
C SER G 136 -3.38 16.45 -35.30
N LYS G 137 -2.32 16.06 -34.60
CA LYS G 137 -0.96 16.08 -35.15
C LYS G 137 -0.15 14.91 -34.59
N GLY G 138 0.72 14.32 -35.40
CA GLY G 138 1.57 13.22 -34.95
C GLY G 138 0.89 11.87 -35.05
N PRO G 139 1.60 10.81 -34.62
CA PRO G 139 1.15 9.41 -34.64
C PRO G 139 -0.21 9.21 -33.97
N GLY G 140 -0.54 10.04 -32.99
CA GLY G 140 -1.79 9.90 -32.26
C GLY G 140 -2.97 10.46 -33.03
N GLU G 141 -2.71 10.89 -34.27
CA GLU G 141 -3.74 11.43 -35.14
C GLU G 141 -4.94 10.51 -35.30
N ASP G 142 -4.71 9.19 -35.24
CA ASP G 142 -5.83 8.27 -35.39
C ASP G 142 -6.57 8.03 -34.07
N PHE G 143 -5.93 8.41 -32.96
CA PHE G 143 -6.54 8.24 -31.64
C PHE G 143 -7.84 9.03 -31.48
N ARG G 144 -8.82 8.42 -30.80
CA ARG G 144 -10.00 9.16 -30.40
C ARG G 144 -10.60 8.58 -29.12
N MET G 145 -11.26 9.43 -28.35
CA MET G 145 -11.72 9.00 -27.04
C MET G 145 -12.86 9.89 -26.61
N ALA G 146 -13.90 9.27 -26.06
CA ALA G 146 -15.00 9.99 -25.44
C ALA G 146 -14.83 9.84 -23.94
N THR G 147 -15.11 10.89 -23.19
CA THR G 147 -14.92 10.83 -21.74
C THR G 147 -16.19 11.23 -21.03
N LEU G 148 -16.59 10.46 -20.02
CA LEU G 148 -17.66 10.91 -19.15
C LEU G 148 -17.06 11.41 -17.83
N TYR G 149 -17.21 12.71 -17.58
CA TYR G 149 -16.89 13.28 -16.29
C TYR G 149 -18.19 13.47 -15.50
N SER G 150 -18.17 13.07 -14.24
CA SER G 150 -19.35 13.17 -13.39
C SER G 150 -19.02 13.92 -12.11
N ARG G 151 -19.95 14.73 -11.62
CA ARG G 151 -19.73 15.40 -10.33
C ARG G 151 -19.89 14.41 -9.17
N THR G 152 -20.57 13.29 -9.43
CA THR G 152 -20.65 12.20 -8.45
C THR G 152 -19.79 11.04 -8.92
N GLN G 153 -19.14 10.39 -7.96
CA GLN G 153 -18.22 9.30 -8.28
C GLN G 153 -18.96 8.08 -8.81
N THR G 154 -20.20 7.89 -8.38
CA THR G 154 -21.04 6.85 -8.95
C THR G 154 -22.22 7.49 -9.68
N PRO G 155 -22.07 7.75 -10.99
CA PRO G 155 -23.14 8.41 -11.78
C PRO G 155 -24.37 7.53 -11.86
N ARG G 156 -25.55 8.12 -11.93
CA ARG G 156 -26.78 7.33 -11.95
C ARG G 156 -26.95 6.63 -13.29
N ALA G 157 -27.73 5.55 -13.32
CA ALA G 157 -27.91 4.77 -14.53
C ALA G 157 -28.26 5.60 -15.77
N GLU G 158 -29.14 6.60 -15.58
CA GLU G 158 -29.57 7.45 -16.67
C GLU G 158 -28.41 8.19 -17.31
N LEU G 159 -27.43 8.57 -16.49
CA LEU G 159 -26.25 9.28 -17.01
C LEU G 159 -25.34 8.30 -17.73
N LYS G 160 -25.21 7.09 -17.19
CA LYS G 160 -24.41 6.07 -17.85
C LYS G 160 -24.99 5.73 -19.23
N GLU G 161 -26.33 5.72 -19.32
CA GLU G 161 -27.00 5.42 -20.58
C GLU G 161 -26.83 6.57 -21.58
N LYS G 162 -26.91 7.81 -21.11
CA LYS G 162 -26.62 8.96 -21.93
C LYS G 162 -25.21 8.88 -22.53
N PHE G 163 -24.24 8.48 -21.72
CA PHE G 163 -22.86 8.37 -22.20
C PHE G 163 -22.72 7.29 -23.28
N THR G 164 -23.27 6.12 -23.01
CA THR G 164 -23.23 5.01 -23.95
C THR G 164 -23.80 5.42 -25.30
N ALA G 165 -24.91 6.14 -25.28
CA ALA G 165 -25.54 6.62 -26.50
C ALA G 165 -24.64 7.60 -27.25
N PHE G 166 -24.04 8.52 -26.51
CA PHE G 166 -23.09 9.50 -27.06
C PHE G 166 -21.94 8.80 -27.77
N CYS G 167 -21.44 7.74 -27.15
CA CYS G 167 -20.32 7.00 -27.72
C CYS G 167 -20.73 6.27 -29.01
N LYS G 168 -21.88 5.59 -28.95
CA LYS G 168 -22.42 4.91 -30.12
C LYS G 168 -22.62 5.89 -31.29
N ALA G 169 -23.06 7.10 -30.98
CA ALA G 169 -23.24 8.11 -32.02
C ALA G 169 -21.91 8.58 -32.62
N GLN G 170 -20.84 8.52 -31.83
CA GLN G 170 -19.51 8.87 -32.31
C GLN G 170 -18.80 7.67 -32.93
N GLY G 171 -19.53 6.57 -33.11
CA GLY G 171 -19.02 5.43 -33.82
C GLY G 171 -18.25 4.42 -32.99
N PHE G 172 -18.28 4.58 -31.67
CA PHE G 172 -17.68 3.59 -30.80
C PHE G 172 -18.61 2.38 -30.64
N THR G 173 -18.05 1.18 -30.84
CA THR G 173 -18.82 -0.03 -30.60
C THR G 173 -18.86 -0.33 -29.11
N GLU G 174 -19.87 -1.10 -28.68
CA GLU G 174 -20.14 -1.34 -27.27
C GLU G 174 -18.95 -1.90 -26.48
N ASP G 175 -18.11 -2.69 -27.15
CA ASP G 175 -16.97 -3.31 -26.49
C ASP G 175 -15.83 -2.33 -26.30
N THR G 176 -15.96 -1.13 -26.87
CA THR G 176 -14.94 -0.11 -26.71
C THR G 176 -15.35 0.92 -25.65
N ILE G 177 -16.55 0.76 -25.11
CA ILE G 177 -17.12 1.68 -24.11
C ILE G 177 -16.95 1.07 -22.72
N VAL G 178 -16.23 1.77 -21.83
CA VAL G 178 -15.83 1.21 -20.54
C VAL G 178 -16.18 2.13 -19.36
N PHE G 179 -16.76 1.56 -18.29
CA PHE G 179 -16.97 2.35 -17.07
C PHE G 179 -15.83 2.09 -16.09
N LEU G 180 -15.18 3.16 -15.64
CA LEU G 180 -13.91 3.05 -14.93
C LEU G 180 -14.07 2.70 -13.46
N PRO G 181 -13.12 1.92 -12.92
CA PRO G 181 -13.13 1.60 -11.49
C PRO G 181 -12.81 2.82 -10.66
N GLN G 182 -13.42 2.89 -9.47
CA GLN G 182 -13.29 4.06 -8.63
C GLN G 182 -12.73 3.69 -7.26
N THR G 183 -12.06 4.64 -6.61
CA THR G 183 -11.55 4.41 -5.25
C THR G 183 -11.94 5.56 -4.32
N ASP G 184 -12.06 5.29 -3.02
CA ASP G 184 -12.28 6.38 -2.08
C ASP G 184 -10.97 6.79 -1.39
N LYS G 185 -9.87 6.22 -1.85
CA LYS G 185 -8.54 6.59 -1.37
C LYS G 185 -8.00 7.77 -2.16
N CYS G 186 -6.79 8.22 -1.81
CA CYS G 186 -6.07 9.25 -2.55
C CYS G 186 -6.72 10.63 -2.52
N MET G 187 -7.64 10.87 -1.60
CA MET G 187 -8.35 12.13 -1.60
C MET G 187 -8.16 12.93 -0.32
N THR G 188 -8.40 14.24 -0.40
CA THR G 188 -8.32 15.09 0.77
C THR G 188 -9.28 16.28 0.70
N SER H 29 -3.46 -16.51 -41.04
CA SER H 29 -2.83 -17.62 -41.75
C SER H 29 -1.37 -17.35 -42.10
N VAL H 30 -0.64 -18.41 -42.44
CA VAL H 30 0.68 -18.29 -43.02
C VAL H 30 0.72 -19.04 -44.35
N GLN H 31 1.68 -18.69 -45.19
CA GLN H 31 1.93 -19.42 -46.42
C GLN H 31 2.22 -20.88 -46.11
N PRO H 32 1.46 -21.81 -46.73
CA PRO H 32 1.70 -23.25 -46.49
C PRO H 32 3.12 -23.66 -46.87
N ASN H 33 3.72 -24.58 -46.11
CA ASN H 33 5.08 -25.05 -46.38
C ASN H 33 6.05 -23.88 -46.59
N PHE H 34 5.97 -22.86 -45.74
CA PHE H 34 6.81 -21.68 -45.93
C PHE H 34 8.28 -22.05 -45.89
N GLN H 35 9.03 -21.63 -46.89
CA GLN H 35 10.46 -21.91 -46.92
C GLN H 35 11.21 -20.60 -46.75
N GLN H 36 11.75 -20.36 -45.56
CA GLN H 36 12.46 -19.13 -45.27
C GLN H 36 13.66 -18.90 -46.18
N ASP H 37 14.36 -19.97 -46.54
CA ASP H 37 15.53 -19.79 -47.39
C ASP H 37 15.17 -19.21 -48.76
N LYS H 38 13.98 -19.53 -49.27
CA LYS H 38 13.54 -18.98 -50.56
C LYS H 38 13.07 -17.53 -50.44
N PHE H 39 12.80 -17.10 -49.22
CA PHE H 39 12.27 -15.76 -48.92
C PHE H 39 13.40 -14.75 -48.76
N LEU H 40 14.64 -15.25 -48.72
CA LEU H 40 15.79 -14.39 -48.45
C LEU H 40 16.08 -13.47 -49.62
N GLY H 41 16.89 -12.45 -49.35
CA GLY H 41 17.42 -11.62 -50.42
C GLY H 41 16.77 -10.26 -50.57
N ARG H 42 16.84 -9.73 -51.79
CA ARG H 42 16.40 -8.37 -52.04
C ARG H 42 14.94 -8.28 -52.44
N TRP H 43 14.21 -7.42 -51.73
CA TRP H 43 12.82 -7.16 -52.02
C TRP H 43 12.61 -5.65 -52.17
N PHE H 44 11.44 -5.27 -52.66
CA PHE H 44 11.08 -3.85 -52.69
C PHE H 44 9.73 -3.66 -52.00
N SER H 45 9.65 -2.66 -51.12
CA SER H 45 8.41 -2.36 -50.43
C SER H 45 7.54 -1.54 -51.37
N ALA H 46 6.62 -2.20 -52.06
CA ALA H 46 5.93 -1.58 -53.20
C ALA H 46 4.59 -1.00 -52.78
N GLY H 47 4.02 -1.54 -51.72
CA GLY H 47 2.73 -1.08 -51.26
C GLY H 47 2.45 -1.38 -49.81
N LEU H 48 1.59 -0.58 -49.22
CA LEU H 48 1.10 -0.90 -47.88
C LEU H 48 -0.36 -0.49 -47.75
N ALA H 49 -1.04 -1.09 -46.79
CA ALA H 49 -2.36 -0.65 -46.38
C ALA H 49 -2.31 -0.70 -44.86
N SER H 50 -2.88 0.31 -44.21
CA SER H 50 -2.74 0.41 -42.76
C SER H 50 -3.86 1.22 -42.17
N ASN H 51 -4.10 1.07 -40.86
CA ASN H 51 -5.06 1.93 -40.18
C ASN H 51 -4.43 3.16 -39.52
N SER H 52 -3.12 3.35 -39.74
CA SER H 52 -2.41 4.52 -39.22
C SER H 52 -2.28 5.64 -40.25
N SER H 53 -3.02 6.72 -40.08
CA SER H 53 -2.93 7.85 -41.00
C SER H 53 -1.54 8.46 -41.00
N TRP H 54 -0.96 8.59 -39.81
CA TRP H 54 0.40 9.12 -39.67
C TRP H 54 1.39 8.31 -40.48
N LEU H 55 1.28 6.99 -40.42
CA LEU H 55 2.16 6.11 -41.19
C LEU H 55 1.99 6.27 -42.69
N ARG H 56 0.73 6.29 -43.14
CA ARG H 56 0.42 6.34 -44.57
C ARG H 56 0.95 7.62 -45.22
N GLU H 57 0.73 8.74 -44.55
CA GLU H 57 1.15 10.04 -45.04
C GLU H 57 2.65 10.23 -44.90
N LYS H 58 3.27 9.53 -43.95
CA LYS H 58 4.72 9.57 -43.79
C LYS H 58 5.39 8.73 -44.87
N ALA H 59 4.81 7.57 -45.17
CA ALA H 59 5.36 6.66 -46.16
C ALA H 59 5.34 7.26 -47.56
N ALA H 60 4.21 7.87 -47.92
CA ALA H 60 4.02 8.46 -49.24
C ALA H 60 4.97 9.60 -49.51
N ALA H 61 5.54 10.16 -48.44
CA ALA H 61 6.50 11.24 -48.55
C ALA H 61 7.92 10.69 -48.53
N LEU H 62 8.03 9.37 -48.36
CA LEU H 62 9.34 8.72 -48.21
C LEU H 62 9.68 7.81 -49.38
N SER H 63 10.69 8.19 -50.16
CA SER H 63 11.13 7.36 -51.28
C SER H 63 11.83 6.08 -50.79
N MET H 64 11.38 4.93 -51.30
CA MET H 64 11.88 3.65 -50.84
C MET H 64 12.94 3.09 -51.79
N ALA H 65 13.97 2.49 -51.21
CA ALA H 65 14.94 1.74 -51.98
C ALA H 65 14.80 0.28 -51.57
N LYS H 66 15.82 -0.51 -51.82
CA LYS H 66 15.73 -1.95 -51.54
C LYS H 66 15.49 -2.29 -50.08
N SER H 67 14.84 -3.43 -49.86
CA SER H 67 14.83 -4.09 -48.56
C SER H 67 15.61 -5.38 -48.74
N VAL H 68 16.31 -5.81 -47.69
CA VAL H 68 17.05 -7.07 -47.76
C VAL H 68 16.66 -7.96 -46.58
N VAL H 69 16.31 -9.20 -46.90
CA VAL H 69 15.94 -10.18 -45.89
C VAL H 69 17.12 -11.13 -45.73
N ALA H 70 17.61 -11.29 -44.50
CA ALA H 70 18.73 -12.18 -44.25
C ALA H 70 18.52 -12.89 -42.92
N PRO H 71 19.05 -14.11 -42.78
CA PRO H 71 18.88 -14.81 -41.50
C PRO H 71 19.63 -14.08 -40.37
N ALA H 72 19.04 -14.06 -39.17
CA ALA H 72 19.68 -13.46 -38.02
C ALA H 72 20.41 -14.53 -37.21
N THR H 73 21.52 -14.15 -36.57
CA THR H 73 22.40 -15.10 -35.89
C THR H 73 21.69 -15.98 -34.86
N ASP H 74 20.83 -15.37 -34.05
CA ASP H 74 20.13 -16.08 -32.98
C ASP H 74 18.79 -16.63 -33.41
N GLY H 75 18.59 -16.73 -34.72
CA GLY H 75 17.37 -17.28 -35.27
C GLY H 75 16.48 -16.18 -35.77
N GLY H 76 15.58 -16.49 -36.69
CA GLY H 76 14.69 -15.49 -37.24
C GLY H 76 15.32 -14.76 -38.40
N LEU H 77 14.79 -13.59 -38.74
CA LEU H 77 15.23 -12.85 -39.90
C LEU H 77 15.62 -11.43 -39.51
N ASN H 78 16.62 -10.89 -40.22
CA ASN H 78 16.87 -9.46 -40.19
C ASN H 78 16.31 -8.85 -41.46
N LEU H 79 15.42 -7.87 -41.32
CA LEU H 79 14.80 -7.21 -42.45
C LEU H 79 15.32 -5.78 -42.49
N THR H 80 16.22 -5.52 -43.44
CA THR H 80 16.88 -4.24 -43.53
C THR H 80 16.27 -3.41 -44.65
N SER H 81 15.72 -2.26 -44.28
CA SER H 81 15.06 -1.36 -45.23
C SER H 81 15.96 -0.18 -45.52
N THR H 82 16.04 0.19 -46.79
CA THR H 82 16.79 1.34 -47.23
C THR H 82 15.82 2.32 -47.86
N PHE H 83 15.96 3.59 -47.50
CA PHE H 83 15.03 4.61 -47.94
C PHE H 83 15.77 5.94 -48.09
N LEU H 84 15.19 6.85 -48.86
CA LEU H 84 15.76 8.16 -49.06
C LEU H 84 15.05 9.20 -48.21
N ARG H 85 15.71 9.67 -47.15
CA ARG H 85 15.17 10.78 -46.37
C ARG H 85 16.17 11.93 -46.33
N LYS H 86 15.67 13.14 -46.61
CA LYS H 86 16.52 14.33 -46.75
C LYS H 86 17.56 14.12 -47.85
N ASN H 87 17.17 13.38 -48.89
CA ASN H 87 18.02 13.08 -50.03
C ASN H 87 19.30 12.31 -49.65
N GLN H 88 19.23 11.61 -48.52
CA GLN H 88 20.35 10.78 -48.07
C GLN H 88 19.90 9.33 -47.90
N CYS H 89 20.70 8.39 -48.39
CA CYS H 89 20.38 6.97 -48.26
C CYS H 89 20.51 6.53 -46.81
N GLU H 90 19.40 6.12 -46.21
CA GLU H 90 19.38 5.65 -44.83
C GLU H 90 18.90 4.21 -44.73
N THR H 91 19.09 3.62 -43.56
CA THR H 91 18.87 2.19 -43.39
C THR H 91 18.23 1.93 -42.02
N ARG H 92 17.35 0.94 -41.96
CA ARG H 92 16.72 0.53 -40.71
C ARG H 92 16.66 -0.97 -40.72
N THR H 93 16.99 -1.59 -39.58
CA THR H 93 16.94 -3.04 -39.46
C THR H 93 15.94 -3.45 -38.38
N MET H 94 15.05 -4.37 -38.75
CA MET H 94 14.09 -4.93 -37.81
C MET H 94 14.38 -6.40 -37.67
N LEU H 95 14.39 -6.87 -36.43
CA LEU H 95 14.60 -8.29 -36.17
C LEU H 95 13.25 -8.99 -36.04
N LEU H 96 13.00 -9.98 -36.90
CA LEU H 96 11.77 -10.76 -36.82
C LEU H 96 12.07 -12.11 -36.18
N GLN H 97 11.51 -12.35 -35.00
CA GLN H 97 11.74 -13.62 -34.29
C GLN H 97 10.68 -14.64 -34.64
N PRO H 98 11.07 -15.93 -34.72
CA PRO H 98 10.10 -16.98 -35.06
C PRO H 98 9.01 -17.05 -33.99
N ALA H 99 7.75 -17.20 -34.39
CA ALA H 99 6.66 -17.17 -33.42
C ALA H 99 5.94 -18.50 -33.18
N GLY H 100 6.12 -19.46 -34.08
CA GLY H 100 5.43 -20.73 -33.96
C GLY H 100 5.41 -21.47 -35.28
N SER H 101 4.42 -21.16 -36.11
CA SER H 101 4.35 -21.74 -37.44
C SER H 101 5.46 -21.15 -38.31
N LEU H 102 5.91 -21.90 -39.29
CA LEU H 102 6.86 -21.39 -40.26
C LEU H 102 6.16 -20.29 -41.06
N GLY H 103 6.78 -19.12 -41.14
CA GLY H 103 6.17 -17.99 -41.82
C GLY H 103 5.59 -16.97 -40.86
N SER H 104 5.55 -17.33 -39.58
CA SER H 104 4.97 -16.47 -38.56
C SER H 104 6.07 -15.90 -37.67
N TYR H 105 6.11 -14.57 -37.56
CA TYR H 105 7.17 -13.90 -36.81
C TYR H 105 6.65 -12.90 -35.78
N SER H 106 7.51 -12.54 -34.83
CA SER H 106 7.18 -11.48 -33.87
C SER H 106 8.21 -10.37 -33.98
N TYR H 107 7.77 -9.11 -33.91
CA TYR H 107 8.69 -7.97 -33.93
C TYR H 107 8.48 -7.07 -32.70
N ARG H 108 9.56 -6.80 -31.98
CA ARG H 108 9.50 -5.95 -30.79
C ARG H 108 10.10 -4.58 -31.10
N SER H 109 9.34 -3.52 -30.87
CA SER H 109 9.83 -2.17 -31.10
C SER H 109 9.93 -1.37 -29.80
N PRO H 110 11.17 -1.10 -29.35
CA PRO H 110 11.44 -0.31 -28.14
C PRO H 110 10.89 1.11 -28.24
N HIS H 111 10.97 1.73 -29.41
CA HIS H 111 10.50 3.09 -29.56
C HIS H 111 8.98 3.20 -29.48
N TRP H 112 8.28 2.21 -30.03
CA TRP H 112 6.83 2.22 -30.00
C TRP H 112 6.28 1.52 -28.76
N GLY H 113 7.18 0.92 -27.98
CA GLY H 113 6.81 0.24 -26.76
C GLY H 113 5.86 -0.90 -27.03
N SER H 114 6.00 -1.51 -28.20
CA SER H 114 5.00 -2.46 -28.69
C SER H 114 5.59 -3.69 -29.38
N THR H 115 4.82 -4.78 -29.33
CA THR H 115 5.13 -6.00 -30.09
C THR H 115 4.09 -6.19 -31.18
N TYR H 116 4.54 -6.69 -32.32
CA TYR H 116 3.66 -6.92 -33.48
C TYR H 116 3.90 -8.33 -34.01
N SER H 117 2.84 -9.01 -34.40
CA SER H 117 2.99 -10.25 -35.17
C SER H 117 3.15 -9.92 -36.64
N VAL H 118 4.07 -10.60 -37.31
CA VAL H 118 4.25 -10.41 -38.75
C VAL H 118 4.22 -11.77 -39.41
N SER H 119 3.36 -11.93 -40.42
CA SER H 119 3.19 -13.22 -41.07
C SER H 119 3.31 -13.08 -42.58
N VAL H 120 4.10 -13.96 -43.18
CA VAL H 120 4.11 -14.05 -44.63
C VAL H 120 2.90 -14.90 -44.98
N VAL H 121 1.85 -14.25 -45.46
CA VAL H 121 0.57 -14.92 -45.67
C VAL H 121 0.54 -15.65 -47.02
N GLU H 122 1.08 -15.00 -48.04
CA GLU H 122 1.11 -15.58 -49.38
C GLU H 122 2.38 -15.16 -50.09
N THR H 123 3.14 -16.13 -50.61
CA THR H 123 4.29 -15.79 -51.46
C THR H 123 4.63 -16.85 -52.49
N ASP H 124 5.20 -16.42 -53.61
CA ASP H 124 5.69 -17.34 -54.61
C ASP H 124 7.21 -17.28 -54.64
N TYR H 125 7.78 -16.56 -53.67
CA TYR H 125 9.23 -16.43 -53.49
C TYR H 125 9.94 -15.66 -54.61
N ASP H 126 9.54 -15.88 -55.87
CA ASP H 126 10.23 -15.32 -57.01
C ASP H 126 9.67 -13.98 -57.50
N GLN H 127 8.46 -13.63 -57.08
CA GLN H 127 7.82 -12.41 -57.60
C GLN H 127 7.26 -11.49 -56.52
N TYR H 128 6.60 -12.07 -55.53
CA TYR H 128 5.91 -11.24 -54.54
C TYR H 128 5.76 -11.94 -53.21
N ALA H 129 5.52 -11.16 -52.17
CA ALA H 129 5.11 -11.73 -50.88
C ALA H 129 4.09 -10.78 -50.32
N LEU H 130 3.01 -11.33 -49.78
CA LEU H 130 1.98 -10.52 -49.14
C LEU H 130 2.09 -10.76 -47.65
N LEU H 131 2.38 -9.70 -46.91
CA LEU H 131 2.61 -9.86 -45.47
C LEU H 131 1.46 -9.22 -44.71
N TYR H 132 1.16 -9.75 -43.53
CA TYR H 132 0.16 -9.13 -42.68
C TYR H 132 0.73 -8.97 -41.28
N SER H 133 0.59 -7.76 -40.74
CA SER H 133 1.15 -7.43 -39.44
C SER H 133 0.05 -6.90 -38.56
N GLN H 134 0.08 -7.27 -37.28
CA GLN H 134 -0.84 -6.66 -36.35
C GLN H 134 -0.21 -6.52 -34.98
N GLY H 135 -0.58 -5.46 -34.27
CA GLY H 135 -0.09 -5.30 -32.92
C GLY H 135 -0.59 -6.42 -32.02
N SER H 136 0.26 -6.82 -31.07
CA SER H 136 -0.14 -7.84 -30.11
C SER H 136 0.04 -7.35 -28.66
N LYS H 137 0.87 -6.33 -28.48
CA LYS H 137 1.18 -5.84 -27.15
C LYS H 137 1.59 -4.38 -27.21
N GLY H 138 1.15 -3.59 -26.22
CA GLY H 138 1.54 -2.19 -26.14
C GLY H 138 0.61 -1.25 -26.89
N PRO H 139 0.98 0.05 -26.94
CA PRO H 139 0.12 1.07 -27.56
C PRO H 139 -0.22 0.76 -29.00
N GLY H 140 0.63 0.02 -29.70
CA GLY H 140 0.36 -0.31 -31.09
C GLY H 140 -0.51 -1.54 -31.28
N GLU H 141 -1.15 -2.00 -30.19
CA GLU H 141 -1.96 -3.21 -30.20
C GLU H 141 -3.01 -3.25 -31.32
N ASP H 142 -3.59 -2.09 -31.64
CA ASP H 142 -4.68 -2.06 -32.59
C ASP H 142 -4.18 -1.91 -34.01
N PHE H 143 -2.87 -1.68 -34.16
CA PHE H 143 -2.28 -1.48 -35.48
C PHE H 143 -2.47 -2.69 -36.37
N ARG H 144 -2.80 -2.42 -37.63
CA ARG H 144 -2.91 -3.45 -38.64
C ARG H 144 -2.29 -2.95 -39.93
N MET H 145 -1.54 -3.81 -40.59
CA MET H 145 -0.97 -3.41 -41.87
C MET H 145 -0.78 -4.58 -42.80
N ALA H 146 -1.12 -4.36 -44.08
CA ALA H 146 -0.79 -5.31 -45.12
C ALA H 146 0.34 -4.70 -45.92
N THR H 147 1.31 -5.53 -46.31
CA THR H 147 2.47 -5.08 -47.05
C THR H 147 2.61 -5.86 -48.35
N LEU H 148 2.91 -5.16 -49.43
CA LEU H 148 3.30 -5.83 -50.67
C LEU H 148 4.81 -5.76 -50.84
N TYR H 149 5.47 -6.92 -50.79
CA TYR H 149 6.87 -6.99 -51.17
C TYR H 149 6.98 -7.54 -52.59
N SER H 150 7.77 -6.87 -53.42
CA SER H 150 7.93 -7.24 -54.82
C SER H 150 9.42 -7.49 -55.10
N ARG H 151 9.74 -8.49 -55.91
CA ARG H 151 11.13 -8.70 -56.32
C ARG H 151 11.56 -7.61 -57.31
N THR H 152 10.59 -7.00 -57.98
CA THR H 152 10.86 -5.85 -58.85
C THR H 152 10.50 -4.54 -58.16
N GLN H 153 11.25 -3.48 -58.47
CA GLN H 153 11.00 -2.20 -57.82
C GLN H 153 9.65 -1.62 -58.23
N THR H 154 9.28 -1.83 -59.50
CA THR H 154 7.95 -1.47 -59.98
C THR H 154 7.10 -2.72 -60.18
N PRO H 155 6.16 -3.00 -59.26
CA PRO H 155 5.31 -4.18 -59.39
C PRO H 155 4.39 -4.07 -60.61
N ARG H 156 4.26 -5.13 -61.39
CA ARG H 156 3.39 -5.10 -62.57
C ARG H 156 1.92 -4.93 -62.16
N ALA H 157 1.08 -4.45 -63.08
CA ALA H 157 -0.30 -4.10 -62.71
C ALA H 157 -1.09 -5.28 -62.14
N GLU H 158 -0.78 -6.48 -62.60
CA GLU H 158 -1.47 -7.68 -62.13
C GLU H 158 -1.10 -7.95 -60.68
N LEU H 159 0.09 -7.56 -60.29
CA LEU H 159 0.53 -7.74 -58.90
C LEU H 159 -0.15 -6.72 -57.99
N LYS H 160 -0.27 -5.48 -58.47
CA LYS H 160 -0.96 -4.42 -57.74
C LYS H 160 -2.44 -4.74 -57.57
N GLU H 161 -3.06 -5.32 -58.60
CA GLU H 161 -4.48 -5.67 -58.48
C GLU H 161 -4.62 -6.82 -57.48
N LYS H 162 -3.60 -7.68 -57.42
CA LYS H 162 -3.58 -8.77 -56.45
C LYS H 162 -3.47 -8.29 -55.00
N PHE H 163 -2.63 -7.27 -54.79
CA PHE H 163 -2.45 -6.69 -53.46
C PHE H 163 -3.68 -5.91 -53.02
N THR H 164 -4.30 -5.22 -53.97
CA THR H 164 -5.52 -4.48 -53.69
C THR H 164 -6.60 -5.43 -53.18
N ALA H 165 -6.70 -6.59 -53.82
CA ALA H 165 -7.65 -7.62 -53.43
C ALA H 165 -7.34 -8.19 -52.05
N PHE H 166 -6.05 -8.40 -51.78
CA PHE H 166 -5.59 -8.89 -50.48
C PHE H 166 -5.94 -7.90 -49.39
N CYS H 167 -5.69 -6.61 -49.63
CA CYS H 167 -6.01 -5.58 -48.65
C CYS H 167 -7.50 -5.53 -48.31
N LYS H 168 -8.33 -5.69 -49.32
CA LYS H 168 -9.79 -5.68 -49.13
C LYS H 168 -10.23 -6.87 -48.29
N ALA H 169 -9.67 -8.04 -48.59
CA ALA H 169 -9.99 -9.27 -47.86
C ALA H 169 -9.64 -9.14 -46.37
N GLN H 170 -8.61 -8.36 -46.08
CA GLN H 170 -8.14 -8.18 -44.71
C GLN H 170 -8.85 -7.02 -44.01
N GLY H 171 -9.73 -6.33 -44.73
CA GLY H 171 -10.55 -5.29 -44.13
C GLY H 171 -9.97 -3.89 -44.20
N PHE H 172 -9.13 -3.64 -45.20
CA PHE H 172 -8.67 -2.28 -45.46
C PHE H 172 -9.52 -1.66 -46.56
N THR H 173 -9.68 -0.34 -46.49
CA THR H 173 -10.49 0.41 -47.44
C THR H 173 -9.53 1.06 -48.43
N GLU H 174 -9.98 1.24 -49.67
CA GLU H 174 -9.18 1.83 -50.74
C GLU H 174 -8.36 3.05 -50.33
N ASP H 175 -8.91 3.88 -49.45
CA ASP H 175 -8.23 5.11 -49.04
C ASP H 175 -7.13 4.87 -48.01
N THR H 176 -6.92 3.60 -47.65
CA THR H 176 -5.83 3.24 -46.77
C THR H 176 -4.71 2.50 -47.51
N ILE H 177 -4.92 2.24 -48.81
CA ILE H 177 -3.94 1.54 -49.65
C ILE H 177 -3.00 2.53 -50.35
N VAL H 178 -1.70 2.38 -50.12
CA VAL H 178 -0.73 3.30 -50.70
C VAL H 178 0.35 2.54 -51.48
N PHE H 179 0.58 2.91 -52.73
CA PHE H 179 1.71 2.36 -53.46
C PHE H 179 2.90 3.31 -53.29
N LEU H 180 3.97 2.80 -52.69
CA LEU H 180 5.05 3.65 -52.18
C LEU H 180 5.96 4.21 -53.27
N PRO H 181 6.38 5.47 -53.10
CA PRO H 181 7.35 6.10 -54.00
C PRO H 181 8.67 5.34 -53.94
N GLN H 182 9.32 5.21 -55.10
CA GLN H 182 10.58 4.46 -55.17
C GLN H 182 11.71 5.38 -55.65
N THR H 183 12.94 5.12 -55.19
CA THR H 183 14.10 5.86 -55.68
C THR H 183 15.15 4.92 -56.25
N ASP H 184 15.91 5.42 -57.21
CA ASP H 184 16.99 4.64 -57.81
C ASP H 184 18.30 5.01 -57.13
N LYS H 185 18.24 6.04 -56.28
CA LYS H 185 19.34 6.40 -55.40
C LYS H 185 19.52 5.28 -54.37
N CYS H 186 20.61 5.34 -53.62
CA CYS H 186 20.94 4.31 -52.62
C CYS H 186 21.17 2.95 -53.26
OAB PEU I . 10.70 -33.94 -25.79
CAC PEU I . 11.99 -34.05 -26.40
CAD PEU I . 13.02 -33.35 -25.53
OAE PEU I . 14.25 -33.32 -26.24
CAF PEU I . 15.02 -32.16 -25.91
CAG PEU I . 15.25 -32.06 -24.41
OAH PEU I . 14.48 -30.99 -23.88
CAI PEU I . 14.76 -29.74 -24.53
CAJ PEU I . 13.43 -29.04 -24.80
OAK PEU I . 13.67 -27.86 -25.57
CAL PEU I . 12.67 -27.71 -26.57
CAM PEU I . 12.96 -28.65 -27.72
OAN PEU I . 11.75 -29.23 -28.21
CAO PEU I . 12.01 -30.39 -29.02
CAP PEU I . 10.81 -31.33 -28.94
OAQ PEU I . 11.23 -32.69 -29.11
CAR PEU I . 10.97 -33.21 -30.41
CAS PEU I . 10.43 -34.63 -30.29
OAT PEU I . 11.14 -35.36 -29.28
CAU PEU I . 10.95 -36.77 -29.36
CAV PEU I . 11.13 -37.41 -27.98
OAW PEU I . 9.84 -37.68 -27.43
CAX PEU I . 9.90 -38.17 -26.08
CAY PEU I . 9.98 -36.99 -25.12
OAZ PEU I . 9.29 -37.30 -23.90
CBA PEU I . 8.57 -36.18 -23.39
CBB PEU I . 9.53 -35.06 -23.01
OBC PEU I . 8.97 -34.34 -21.90
CCG PEU I . 9.00 -32.92 -22.07
CCF PEU I . 7.91 -32.34 -21.16
OCE PEU I . 7.57 -31.02 -21.57
CCD PEU I . 6.27 -30.67 -21.10
CCC PEU I . 5.97 -29.18 -21.26
OCB PEU I . 4.94 -28.80 -20.34
CCA PEU I . 3.70 -29.43 -20.65
CBZ PEU I . 2.64 -28.94 -19.67
OBY PEU I . 1.35 -29.45 -20.01
CBX PEU I . 0.80 -28.87 -21.20
CBW PEU I . -0.70 -29.14 -21.28
OBV PEU I . -1.38 -28.34 -20.29
CBU PEU I . -2.45 -29.05 -19.66
CBT PEU I . -2.80 -28.33 -18.36
OBS PEU I . -1.67 -28.24 -17.51
CBR PEU I . -1.13 -29.52 -17.23
CBQ PEU I . 0.06 -29.37 -16.28
OBP PEU I . -0.42 -28.85 -15.04
CBO PEU I . 0.60 -28.89 -14.03
CBN PEU I . -0.05 -28.58 -12.68
OBM PEU I . 0.52 -27.39 -12.14
CBL PEU I . -0.45 -26.46 -11.69
CBK PEU I . 0.12 -25.75 -10.46
OBJ PEU I . -0.17 -24.36 -10.48
CBI PEU I . 0.60 -23.69 -9.47
CBH PEU I . 0.30 -22.20 -9.52
OBG PEU I . -1.11 -21.97 -9.39
CBF PEU I . -1.59 -21.13 -10.43
CBE PEU I . -2.90 -20.50 -10.00
OBD PEU I . -2.76 -19.94 -8.69
CCH PEU I . -4.02 -19.44 -8.23
CCI PEU I . -3.93 -19.09 -6.74
OCJ PEU I . -5.24 -18.82 -6.23
CCK PEU I . -6.14 -19.91 -6.41
CCL PEU I . -6.30 -20.69 -5.11
OCM PEU I . -6.16 -22.08 -5.40
CCN PEU I . -4.82 -22.40 -5.77
CCO PEU I . -4.02 -22.77 -4.53
OCP PEU I . -4.86 -23.43 -3.58
CCQ PEU I . -4.57 -24.82 -3.46
CCR PEU I . -5.15 -25.59 -4.64
OCS PEU I . -4.82 -26.98 -4.57
CCT PEU I . -3.44 -27.23 -4.27
CCU PEU I . -3.14 -28.69 -4.59
OCV PEU I . -2.01 -29.13 -3.85
CCW PEU I . -0.83 -28.40 -4.15
CCX PEU I . -0.26 -28.81 -5.50
OCY PEU I . 1.05 -28.27 -5.64
OAB PEU J . 7.22 0.98 -39.49
CAC PEU J . 8.50 0.34 -39.56
CAD PEU J . 9.57 1.43 -39.51
OAE PEU J . 10.82 0.91 -39.97
CAF PEU J . 11.80 1.94 -40.08
CAG PEU J . 12.13 2.51 -38.71
OAH PEU J . 11.45 3.76 -38.48
CAI PEU J . 12.05 4.86 -39.15
CAJ PEU J . 11.17 5.32 -40.32
OAK PEU J . 10.40 6.45 -39.95
CAL PEU J . 9.24 6.69 -40.76
CAM PEU J . 9.09 5.68 -41.91
OAN PEU J . 8.01 4.80 -41.64
CAO PEU J . 8.15 3.52 -42.27
CAP PEU J . 7.29 3.45 -43.53
OAQ PEU J . 6.62 2.19 -43.62
CAR PEU J . 7.43 1.14 -44.13
CAS PEU J . 6.64 -0.17 -44.12
OAT PEU J . 7.47 -1.23 -43.64
CAU PEU J . 6.78 -2.48 -43.61
CAV PEU J . 7.33 -3.37 -42.51
OAW PEU J . 6.31 -4.28 -42.08
CAX PEU J . 6.65 -5.01 -40.89
CAY PEU J . 6.69 -4.10 -39.66
OAZ PEU J . 5.47 -4.18 -38.91
CBA PEU J . 5.55 -3.50 -37.66
CBB PEU J . 5.43 -1.99 -37.84
OBC PEU J . 5.91 -1.31 -36.68
CCG PEU J . 5.79 0.11 -36.78
CCF PEU J . 4.34 0.52 -36.53
OCE PEU J . 4.19 1.94 -36.56
CCD PEU J . 2.85 2.31 -36.22
CCC PEU J . 2.66 3.82 -36.25
OCB PEU J . 1.66 4.20 -35.31
CCA PEU J . 0.41 3.53 -35.53
CBZ PEU J . -0.31 3.34 -34.21
OBY PEU J . -1.48 2.55 -34.40
CBX PEU J . -2.53 3.30 -35.03
CBW PEU J . -3.56 2.36 -35.65
OBV PEU J . -4.84 2.65 -35.10
CBU PEU J . -4.89 2.35 -33.71
CBT PEU J . -5.67 3.43 -32.95
OBS PEU J . -5.50 3.22 -31.55
CBR PEU J . -4.16 3.45 -31.14
CBQ PEU J . -3.87 4.95 -31.11
OBP PEU J . -3.65 5.33 -29.76
CBO PEU J . -2.49 4.72 -29.21
CBN PEU J . -2.37 5.18 -27.76
OBM PEU J . -2.59 6.58 -27.71
CBL PEU J . -3.13 7.00 -26.46
CBK PEU J . -2.44 8.28 -26.02
OBJ PEU J . -3.38 9.05 -25.28
CBI PEU J . -2.75 9.83 -24.26
CBH PEU J . -2.92 11.29 -24.64
OBG PEU J . -4.23 11.41 -25.18
CBF PEU J . -5.08 12.16 -24.32
CBE PEU J . -5.69 13.28 -25.16
OBD PEU J . -6.11 14.33 -24.30
CCH PEU J . -7.46 14.15 -23.90
CCI PEU J . -7.53 13.69 -22.45
OCJ PEU J . -8.09 14.74 -21.66
CCK PEU J . -9.37 14.35 -21.17
CCL PEU J . -9.18 13.16 -20.25
OCM PEU J . -10.10 12.12 -20.62
CCN PEU J . -10.28 11.21 -19.55
CCO PEU J . -8.93 10.70 -19.07
OCP PEU J . -9.14 9.53 -18.29
CCQ PEU J . -7.92 8.81 -18.15
CCR PEU J . -7.31 8.53 -19.52
OCS PEU J . -7.17 7.12 -19.71
CCT PEU J . -6.54 6.49 -18.60
CCU PEU J . -5.07 6.84 -18.54
OCV PEU J . -4.31 5.64 -18.57
CCW PEU J . -2.91 5.90 -18.63
CCX PEU J . -2.57 6.50 -19.99
OCY PEU J . -1.15 6.54 -20.14
#